data_4Q3T
#
_entry.id   4Q3T
#
_cell.length_a   177.762
_cell.length_b   177.762
_cell.length_c   177.762
_cell.angle_alpha   90.00
_cell.angle_beta   90.00
_cell.angle_gamma   90.00
#
_symmetry.space_group_name_H-M   'P 21 3'
#
loop_
_entity.id
_entity.type
_entity.pdbx_description
1 polymer Arginase
2 non-polymer 'MANGANESE (II) ION'
3 non-polymer GLYCEROL
4 non-polymer N-OMEGA-HYDROXY-L-ARGININE
5 water water
#
_entity_poly.entity_id   1
_entity_poly.type   'polypeptide(L)'
_entity_poly.pdbx_seq_one_letter_code
;MGSSHHHHHHSSGLVPRGSHMMLKSVATPYYPIQDEKPKLLYTSANFLGIPTNRGQPKIGTYQGPELIRKSNFFQLVAED
GIQLTDCGDIIPVELNEAEDPQRFGMKWSRSFSLTTLRIAERVEELMKQSNKHTVELSGSKSTPLVIVGGDHSMATGTIL
GHAEAKPDLCVLWIDAHGDINTPLNSASGNMHGMPLSFLVKELQDQIPWLDDFEGIKPCLNASNIAYIGLRDLDAHETHD
IRKHGIAYFTMLDVDRMGIEAVIKEALLAVNPRLEKAIHLSFDIDALDPLVAPSTGTAVPGGLTLREGLRICEEVSATGK
LSVVELAELNPLLGSQEDVLKTQSSAVHILRACLGHCRSGHLPFKVRNLTDQGIMSRAAHMQTKQ
;
_entity_poly.pdbx_strand_id   A,B,C,D
#
loop_
_chem_comp.id
_chem_comp.type
_chem_comp.name
_chem_comp.formula
GOL non-polymer GLYCEROL 'C3 H8 O3'
MN non-polymer 'MANGANESE (II) ION' 'Mn 2'
#
# COMPACT_ATOMS: atom_id res chain seq x y z
N PRO A 38 24.48 -18.34 23.38
CA PRO A 38 24.35 -16.93 23.75
C PRO A 38 24.23 -16.02 22.53
N LYS A 39 23.23 -15.15 22.52
CA LYS A 39 23.02 -14.26 21.39
C LYS A 39 23.63 -12.89 21.65
N LEU A 40 24.02 -12.21 20.58
CA LEU A 40 24.62 -10.88 20.67
C LEU A 40 23.95 -9.93 19.70
N LEU A 41 23.61 -8.73 20.19
CA LEU A 41 23.09 -7.69 19.33
C LEU A 41 24.17 -7.22 18.37
N TYR A 42 25.38 -7.09 18.89
CA TYR A 42 26.53 -6.68 18.10
C TYR A 42 27.63 -7.72 18.22
N THR A 43 27.97 -8.38 17.11
CA THR A 43 29.00 -9.43 17.12
C THR A 43 30.37 -8.86 16.79
N SER A 44 30.40 -7.71 16.12
CA SER A 44 31.67 -7.05 15.84
C SER A 44 31.57 -5.56 16.12
N ALA A 45 32.73 -4.91 16.26
CA ALA A 45 32.77 -3.48 16.55
C ALA A 45 34.13 -2.92 16.15
N ASN A 46 34.15 -1.62 15.86
CA ASN A 46 35.38 -0.92 15.56
C ASN A 46 35.80 0.01 16.69
N PHE A 47 37.10 0.16 16.88
CA PHE A 47 37.67 0.99 17.93
C PHE A 47 38.55 2.05 17.28
N LEU A 48 38.37 3.30 17.69
CA LEU A 48 39.07 4.42 17.08
C LEU A 48 39.51 5.38 18.17
N GLY A 49 40.78 5.76 18.15
CA GLY A 49 41.27 6.75 19.09
C GLY A 49 41.29 8.13 18.45
N ILE A 50 40.91 9.15 19.20
CA ILE A 50 41.04 10.53 18.73
C ILE A 50 41.62 11.37 19.86
N PRO A 51 42.96 11.57 19.84
CA PRO A 51 43.67 12.22 20.94
C PRO A 51 43.62 13.74 20.91
N THR A 52 42.44 14.32 20.71
CA THR A 52 42.29 15.78 20.74
C THR A 52 42.71 16.38 22.09
N ASN A 53 43.42 17.51 22.04
CA ASN A 53 43.88 18.18 23.25
C ASN A 53 43.92 19.70 23.06
N ARG A 54 43.53 20.16 21.87
CA ARG A 54 43.52 21.58 21.56
C ARG A 54 42.14 22.20 21.79
N GLY A 55 41.24 21.42 22.37
CA GLY A 55 39.93 21.92 22.72
C GLY A 55 39.83 22.47 24.14
N GLN A 56 40.90 22.28 24.92
CA GLN A 56 40.94 22.72 26.32
C GLN A 56 42.40 22.77 26.76
N PRO A 57 42.72 23.61 27.76
CA PRO A 57 44.14 23.94 27.99
C PRO A 57 44.95 22.90 28.78
N LYS A 58 44.30 21.93 29.42
CA LYS A 58 45.04 21.00 30.27
C LYS A 58 45.64 19.85 29.44
N ILE A 59 46.96 19.73 29.47
CA ILE A 59 47.64 18.69 28.73
C ILE A 59 47.29 17.32 29.30
N GLY A 60 47.02 16.36 28.41
CA GLY A 60 46.80 14.99 28.85
C GLY A 60 45.63 14.25 28.22
N THR A 61 44.68 14.98 27.63
CA THR A 61 43.58 14.29 26.96
C THR A 61 44.06 13.49 25.76
N TYR A 62 45.22 13.84 25.21
CA TYR A 62 45.79 13.07 24.10
C TYR A 62 46.19 11.67 24.53
N GLN A 63 46.27 11.45 25.84
CA GLN A 63 46.63 10.14 26.37
C GLN A 63 45.42 9.26 26.64
N GLY A 64 44.22 9.81 26.44
CA GLY A 64 42.99 9.06 26.64
C GLY A 64 42.91 7.71 25.91
N PRO A 65 43.18 7.71 24.59
CA PRO A 65 43.08 6.45 23.85
C PRO A 65 44.04 5.37 24.38
N GLU A 66 45.25 5.77 24.75
CA GLU A 66 46.24 4.84 25.29
C GLU A 66 45.83 4.31 26.65
N LEU A 67 45.12 5.12 27.44
CA LEU A 67 44.68 4.71 28.77
C LEU A 67 43.77 3.49 28.66
N ILE A 68 42.96 3.47 27.60
CA ILE A 68 42.04 2.38 27.35
C ILE A 68 42.73 1.17 26.68
N ARG A 69 43.65 1.43 25.76
CA ARG A 69 44.42 0.35 25.13
C ARG A 69 45.27 -0.40 26.15
N LYS A 70 45.75 0.33 27.15
CA LYS A 70 46.55 -0.25 28.23
C LYS A 70 45.70 -1.03 29.22
N SER A 71 44.39 -0.82 29.20
CA SER A 71 43.49 -1.54 30.10
C SER A 71 43.25 -2.95 29.58
N ASN A 72 42.41 -3.70 30.27
CA ASN A 72 42.00 -5.03 29.80
C ASN A 72 40.72 -4.99 28.96
N PHE A 73 40.35 -3.79 28.50
CA PHE A 73 39.13 -3.59 27.69
C PHE A 73 38.99 -4.57 26.53
N PHE A 74 39.97 -4.61 25.64
CA PHE A 74 39.92 -5.50 24.48
C PHE A 74 39.71 -6.96 24.88
N GLN A 75 40.46 -7.41 25.90
CA GLN A 75 40.35 -8.77 26.38
C GLN A 75 38.94 -9.09 26.89
N LEU A 76 38.39 -8.17 27.68
CA LEU A 76 37.06 -8.34 28.25
C LEU A 76 35.97 -8.37 27.18
N VAL A 77 36.13 -7.53 26.16
CA VAL A 77 35.19 -7.52 25.05
C VAL A 77 35.25 -8.85 24.29
N ALA A 78 36.45 -9.38 24.11
CA ALA A 78 36.62 -10.65 23.41
C ALA A 78 35.99 -11.79 24.20
N GLU A 79 36.17 -11.76 25.52
CA GLU A 79 35.62 -12.82 26.39
C GLU A 79 34.09 -12.87 26.37
N ASP A 80 33.47 -11.78 25.92
CA ASP A 80 32.01 -11.75 25.73
C ASP A 80 31.62 -12.20 24.32
N GLY A 81 32.62 -12.52 23.51
CA GLY A 81 32.37 -13.07 22.18
C GLY A 81 32.26 -12.02 21.08
N ILE A 82 32.72 -10.81 21.36
CA ILE A 82 32.66 -9.72 20.38
C ILE A 82 33.98 -9.54 19.66
N GLN A 83 33.94 -9.42 18.33
CA GLN A 83 35.15 -9.17 17.55
C GLN A 83 35.41 -7.68 17.43
N LEU A 84 36.43 -7.20 18.13
CA LEU A 84 36.74 -5.77 18.18
C LEU A 84 37.98 -5.46 17.36
N THR A 85 37.84 -4.64 16.33
CA THR A 85 38.96 -4.26 15.48
C THR A 85 39.50 -2.87 15.83
N ASP A 86 40.77 -2.80 16.23
CA ASP A 86 41.42 -1.52 16.49
C ASP A 86 41.76 -0.85 15.18
N CYS A 87 41.13 0.29 14.91
CA CYS A 87 41.32 0.99 13.65
C CYS A 87 42.37 2.11 13.75
N GLY A 88 43.07 2.16 14.88
CA GLY A 88 44.13 3.13 15.08
C GLY A 88 43.66 4.46 15.65
N ASP A 89 44.44 5.51 15.37
CA ASP A 89 44.18 6.85 15.89
C ASP A 89 44.04 7.83 14.73
N ILE A 90 43.14 8.80 14.87
CA ILE A 90 43.15 9.96 14.01
C ILE A 90 44.21 10.92 14.54
N ILE A 91 45.02 11.47 13.64
CA ILE A 91 46.00 12.49 14.01
C ILE A 91 45.35 13.87 13.96
N PRO A 92 45.17 14.51 15.12
CA PRO A 92 44.59 15.86 15.09
C PRO A 92 45.53 16.83 14.40
N VAL A 93 44.98 17.89 13.81
CA VAL A 93 45.81 18.96 13.28
C VAL A 93 46.10 19.94 14.41
N GLU A 94 47.37 20.11 14.73
CA GLU A 94 47.76 21.02 15.80
C GLU A 94 48.70 22.11 15.26
N LEU A 95 48.10 23.23 14.87
CA LEU A 95 48.86 24.35 14.32
C LEU A 95 49.66 25.06 15.41
N ASN A 96 50.63 25.87 15.01
CA ASN A 96 51.31 26.70 16.00
C ASN A 96 50.56 28.01 16.24
N GLU A 97 50.98 28.75 17.25
CA GLU A 97 50.31 29.98 17.66
C GLU A 97 50.14 30.98 16.51
N ALA A 98 51.19 31.18 15.74
CA ALA A 98 51.17 32.15 14.65
C ALA A 98 50.12 31.80 13.60
N GLU A 99 49.99 30.51 13.29
CA GLU A 99 49.05 30.05 12.27
C GLU A 99 47.61 30.07 12.76
N ASP A 100 47.43 30.11 14.08
CA ASP A 100 46.10 29.91 14.64
C ASP A 100 45.85 30.88 15.78
N PRO A 101 45.73 32.19 15.48
CA PRO A 101 45.49 33.17 16.54
C PRO A 101 44.03 33.12 16.97
N GLN A 102 43.71 33.77 18.08
CA GLN A 102 42.33 33.86 18.53
C GLN A 102 41.48 34.48 17.45
N ARG A 103 40.31 33.91 17.22
CA ARG A 103 39.32 34.51 16.33
C ARG A 103 37.97 34.39 17.00
N PHE A 104 37.33 35.52 17.23
CA PHE A 104 36.08 35.60 17.98
C PHE A 104 36.22 34.99 19.37
N GLY A 105 37.39 35.19 19.97
CA GLY A 105 37.66 34.68 21.31
C GLY A 105 38.01 33.21 21.36
N MET A 106 37.78 32.48 20.26
CA MET A 106 38.05 31.05 20.23
C MET A 106 39.54 30.76 20.24
N LYS A 107 39.93 29.76 21.02
CA LYS A 107 41.31 29.32 21.06
C LYS A 107 41.51 28.12 20.14
N TRP A 108 42.51 28.22 19.26
CA TRP A 108 42.86 27.14 18.34
C TRP A 108 41.69 26.79 17.41
N SER A 109 41.01 27.81 16.90
CA SER A 109 39.82 27.57 16.07
C SER A 109 40.12 26.96 14.71
N ARG A 110 41.33 27.18 14.17
CA ARG A 110 41.65 26.63 12.84
C ARG A 110 42.17 25.22 12.98
N SER A 111 42.88 24.94 14.08
CA SER A 111 43.24 23.57 14.40
C SER A 111 41.96 22.77 14.55
N PHE A 112 40.93 23.41 15.09
CA PHE A 112 39.63 22.77 15.30
C PHE A 112 38.89 22.47 14.00
N SER A 113 38.82 23.45 13.11
CA SER A 113 38.10 23.26 11.85
C SER A 113 38.79 22.21 10.98
N LEU A 114 40.12 22.24 10.95
CA LEU A 114 40.89 21.27 10.19
C LEU A 114 40.82 19.88 10.81
N THR A 115 40.86 19.81 12.14
CA THR A 115 40.71 18.53 12.82
C THR A 115 39.31 17.98 12.63
N THR A 116 38.31 18.86 12.73
CA THR A 116 36.92 18.48 12.56
C THR A 116 36.67 17.81 11.21
N LEU A 117 37.24 18.39 10.15
CA LEU A 117 37.08 17.84 8.81
C LEU A 117 37.82 16.52 8.62
N ARG A 118 39.02 16.42 9.20
CA ARG A 118 39.79 15.18 9.15
C ARG A 118 39.07 14.05 9.90
N ILE A 119 38.55 14.36 11.09
CA ILE A 119 37.76 13.40 11.85
C ILE A 119 36.53 12.97 11.06
N ALA A 120 35.79 13.94 10.53
CA ALA A 120 34.55 13.66 9.81
C ALA A 120 34.77 12.68 8.66
N GLU A 121 35.83 12.90 7.89
CA GLU A 121 36.17 12.04 6.77
C GLU A 121 36.40 10.60 7.22
N ARG A 122 37.19 10.45 8.28
CA ARG A 122 37.55 9.13 8.79
C ARG A 122 36.34 8.39 9.34
N VAL A 123 35.53 9.07 10.15
CA VAL A 123 34.34 8.46 10.73
C VAL A 123 33.33 8.09 9.65
N GLU A 124 33.13 8.97 8.67
CA GLU A 124 32.22 8.69 7.56
C GLU A 124 32.63 7.41 6.83
N GLU A 125 33.92 7.30 6.55
CA GLU A 125 34.41 6.16 5.78
C GLU A 125 34.29 4.87 6.60
N LEU A 126 34.50 4.95 7.91
CA LEU A 126 34.31 3.78 8.77
C LEU A 126 32.85 3.35 8.86
N MET A 127 31.95 4.33 8.93
CA MET A 127 30.53 4.04 9.08
C MET A 127 29.93 3.50 7.78
N LYS A 128 30.49 3.90 6.65
CA LYS A 128 29.98 3.45 5.36
C LYS A 128 30.50 2.06 5.00
N GLN A 129 31.72 1.75 5.42
CA GLN A 129 32.27 0.41 5.24
C GLN A 129 31.41 -0.62 5.97
N SER A 130 30.76 -0.20 7.05
CA SER A 130 29.90 -1.07 7.82
C SER A 130 28.41 -0.84 7.53
N ASN A 131 28.13 0.05 6.59
CA ASN A 131 26.78 0.17 6.04
C ASN A 131 26.51 -0.98 5.09
N LYS A 141 22.50 -7.09 10.62
CA LYS A 141 22.97 -6.63 11.93
C LYS A 141 23.59 -5.24 11.81
N SER A 142 24.56 -4.94 12.67
CA SER A 142 25.21 -3.63 12.68
C SER A 142 26.51 -3.67 13.48
N THR A 143 27.46 -2.82 13.09
CA THR A 143 28.80 -2.81 13.67
C THR A 143 29.10 -1.44 14.31
N PRO A 144 28.96 -1.36 15.63
CA PRO A 144 29.16 -0.09 16.36
C PRO A 144 30.60 0.42 16.25
N LEU A 145 30.75 1.74 16.21
CA LEU A 145 32.07 2.35 16.28
C LEU A 145 32.28 2.88 17.69
N VAL A 146 33.35 2.43 18.34
CA VAL A 146 33.71 2.92 19.67
C VAL A 146 34.87 3.90 19.54
N ILE A 147 34.64 5.14 19.98
CA ILE A 147 35.65 6.17 19.89
C ILE A 147 36.12 6.63 21.27
N VAL A 148 37.43 6.62 21.49
CA VAL A 148 37.97 7.14 22.74
C VAL A 148 38.78 8.40 22.48
N GLY A 149 38.41 9.48 23.16
CA GLY A 149 39.12 10.74 23.11
C GLY A 149 40.22 10.81 24.17
N GLY A 150 40.86 11.96 24.30
CA GLY A 150 40.54 13.16 23.53
C GLY A 150 39.50 14.04 24.21
N ASP A 151 39.69 15.35 24.13
CA ASP A 151 38.72 16.28 24.68
C ASP A 151 37.49 16.31 23.77
N HIS A 152 36.38 16.82 24.31
CA HIS A 152 35.08 16.71 23.66
C HIS A 152 34.91 17.52 22.38
N SER A 153 35.90 18.34 22.02
CA SER A 153 35.80 19.11 20.78
C SER A 153 35.75 18.20 19.55
N MET A 154 36.21 16.96 19.70
CA MET A 154 36.15 15.96 18.63
C MET A 154 34.73 15.65 18.16
N ALA A 155 33.74 15.90 19.00
CA ALA A 155 32.35 15.52 18.69
C ALA A 155 31.78 16.23 17.48
N THR A 156 32.24 17.45 17.20
CA THR A 156 31.79 18.15 16.01
C THR A 156 32.16 17.33 14.78
N GLY A 157 33.37 16.78 14.78
CA GLY A 157 33.84 15.96 13.69
C GLY A 157 33.20 14.57 13.64
N THR A 158 33.08 13.91 14.78
CA THR A 158 32.54 12.55 14.81
C THR A 158 31.08 12.54 14.37
N ILE A 159 30.31 13.52 14.86
CA ILE A 159 28.90 13.61 14.52
C ILE A 159 28.71 14.03 13.06
N LEU A 160 29.54 14.97 12.59
CA LEU A 160 29.50 15.39 11.19
C LEU A 160 29.69 14.19 10.27
N GLY A 161 30.76 13.42 10.50
CA GLY A 161 31.02 12.23 9.71
C GLY A 161 29.92 11.18 9.85
N HIS A 162 29.48 10.95 11.08
CA HIS A 162 28.45 9.96 11.36
C HIS A 162 27.18 10.30 10.58
N ALA A 163 26.77 11.56 10.67
CA ALA A 163 25.56 12.03 10.00
C ALA A 163 25.66 11.92 8.47
N GLU A 164 26.87 12.02 7.95
CA GLU A 164 27.07 11.88 6.51
C GLU A 164 26.65 10.47 6.07
N ALA A 165 27.01 9.49 6.89
CA ALA A 165 26.63 8.11 6.62
C ALA A 165 25.22 7.79 7.08
N LYS A 166 24.77 8.51 8.12
CA LYS A 166 23.45 8.25 8.70
C LYS A 166 22.75 9.55 9.09
N PRO A 167 22.11 10.20 8.11
CA PRO A 167 21.58 11.57 8.23
C PRO A 167 20.44 11.70 9.25
N ASP A 168 19.73 10.62 9.53
CA ASP A 168 18.58 10.68 10.42
C ASP A 168 18.92 10.30 11.87
N LEU A 169 20.19 10.31 12.22
CA LEU A 169 20.61 9.90 13.55
C LEU A 169 20.04 10.80 14.65
N CYS A 170 20.04 10.29 15.88
CA CYS A 170 19.77 11.13 17.04
C CYS A 170 21.02 11.15 17.91
N VAL A 171 21.08 12.11 18.83
CA VAL A 171 22.26 12.25 19.68
C VAL A 171 21.87 12.21 21.15
N LEU A 172 22.51 11.32 21.91
CA LEU A 172 22.36 11.31 23.35
C LEU A 172 23.64 11.83 23.98
N TRP A 173 23.55 13.00 24.61
CA TRP A 173 24.73 13.70 25.13
C TRP A 173 24.76 13.53 26.64
N ILE A 174 25.71 12.75 27.13
CA ILE A 174 25.84 12.46 28.56
C ILE A 174 26.99 13.27 29.12
N ASP A 175 26.66 14.28 29.93
CA ASP A 175 27.65 15.29 30.27
C ASP A 175 27.16 16.10 31.45
N ALA A 176 28.09 16.58 32.27
CA ALA A 176 27.77 17.56 33.29
C ALA A 176 27.54 18.93 32.63
N HIS A 177 28.02 19.08 31.39
CA HIS A 177 27.98 20.36 30.69
C HIS A 177 27.17 20.31 29.39
N GLY A 178 26.70 21.47 28.92
CA GLY A 178 25.94 21.54 27.69
C GLY A 178 26.77 21.43 26.43
N ASP A 179 28.02 21.89 26.51
CA ASP A 179 28.93 21.88 25.36
C ASP A 179 28.29 22.50 24.12
N ILE A 180 27.49 23.54 24.36
CA ILE A 180 26.71 24.16 23.29
C ILE A 180 26.85 25.68 23.34
N ASN A 181 27.92 26.15 23.99
CA ASN A 181 28.27 27.56 23.94
C ASN A 181 28.56 28.01 22.52
N THR A 182 27.94 29.12 22.11
CA THR A 182 28.30 29.75 20.84
C THR A 182 29.50 30.67 21.11
N PRO A 183 30.38 30.85 20.11
CA PRO A 183 31.71 31.48 20.30
C PRO A 183 31.74 32.80 21.09
N LEU A 184 30.79 33.70 20.85
CA LEU A 184 30.79 34.99 21.52
C LEU A 184 30.30 34.92 22.97
N ASN A 185 29.66 33.81 23.33
CA ASN A 185 29.15 33.63 24.68
C ASN A 185 30.09 32.86 25.59
N SER A 186 31.03 32.16 24.98
CA SER A 186 32.01 31.37 25.73
C SER A 186 32.93 32.27 26.57
N ALA A 187 32.94 32.04 27.87
CA ALA A 187 33.84 32.76 28.78
C ALA A 187 35.31 32.36 28.56
N SER A 188 35.54 31.12 28.16
CA SER A 188 36.90 30.59 28.06
C SER A 188 37.50 30.61 26.65
N GLY A 189 36.67 30.49 25.62
CA GLY A 189 37.17 30.30 24.28
C GLY A 189 37.65 28.88 24.00
N ASN A 190 37.44 27.98 24.95
CA ASN A 190 37.78 26.56 24.78
C ASN A 190 36.79 25.86 23.88
N MET A 191 37.30 25.25 22.80
CA MET A 191 36.44 24.63 21.81
C MET A 191 35.65 23.44 22.36
N HIS A 192 36.18 22.77 23.38
CA HIS A 192 35.48 21.60 23.94
C HIS A 192 34.15 21.99 24.62
N GLY A 193 33.94 23.29 24.80
CA GLY A 193 32.69 23.80 25.36
C GLY A 193 31.73 24.27 24.28
N MET A 194 32.10 24.07 23.01
CA MET A 194 31.27 24.52 21.89
C MET A 194 30.87 23.48 20.82
N PRO A 195 31.20 22.18 20.99
CA PRO A 195 31.10 21.33 19.79
C PRO A 195 29.70 21.18 19.18
N LEU A 196 28.65 21.26 20.00
CA LEU A 196 27.29 21.13 19.48
C LEU A 196 26.79 22.38 18.78
N SER A 197 27.30 23.54 19.16
CA SER A 197 26.79 24.80 18.61
C SER A 197 26.97 24.90 17.10
N PHE A 198 28.02 24.30 16.57
CA PHE A 198 28.26 24.31 15.13
C PHE A 198 27.41 23.29 14.38
N LEU A 199 26.77 22.37 15.10
CA LEU A 199 26.03 21.29 14.46
C LEU A 199 24.53 21.54 14.43
N VAL A 200 24.06 22.42 15.31
CA VAL A 200 22.64 22.65 15.49
C VAL A 200 22.12 23.75 14.57
N LYS A 201 21.23 23.36 13.66
CA LYS A 201 20.69 24.28 12.65
C LYS A 201 20.11 25.55 13.27
N GLU A 202 19.28 25.37 14.30
CA GLU A 202 18.58 26.48 14.94
C GLU A 202 19.49 27.55 15.55
N LEU A 203 20.78 27.22 15.71
CA LEU A 203 21.73 28.10 16.39
C LEU A 203 22.60 28.91 15.43
N GLN A 204 22.41 28.71 14.12
CA GLN A 204 23.37 29.23 13.15
C GLN A 204 23.40 30.76 13.01
N ASP A 205 22.38 31.43 13.53
CA ASP A 205 22.37 32.89 13.51
C ASP A 205 23.17 33.47 14.67
N GLN A 206 23.72 32.59 15.52
CA GLN A 206 24.54 33.04 16.63
C GLN A 206 25.97 32.53 16.50
N ILE A 207 26.24 31.84 15.39
CA ILE A 207 27.60 31.43 15.07
C ILE A 207 28.23 32.40 14.08
N PRO A 208 29.38 32.98 14.43
CA PRO A 208 30.07 33.89 13.51
C PRO A 208 30.53 33.10 12.30
N TRP A 209 30.45 33.70 11.12
CA TRP A 209 30.94 33.04 9.91
C TRP A 209 32.46 33.07 9.84
N LEU A 210 33.05 31.93 9.52
CA LEU A 210 34.48 31.84 9.20
C LEU A 210 34.62 30.92 7.99
N ASP A 211 35.41 31.33 7.00
CA ASP A 211 35.59 30.56 5.76
C ASP A 211 36.01 29.12 6.00
N ASP A 212 36.93 28.92 6.93
CA ASP A 212 37.46 27.58 7.16
C ASP A 212 36.46 26.66 7.88
N PHE A 213 35.31 27.22 8.27
CA PHE A 213 34.24 26.47 8.92
C PHE A 213 33.13 26.09 7.94
N GLU A 214 33.30 26.47 6.67
CA GLU A 214 32.26 26.28 5.66
C GLU A 214 31.85 24.82 5.52
N GLY A 215 32.84 23.93 5.48
CA GLY A 215 32.59 22.51 5.34
C GLY A 215 32.00 21.85 6.58
N ILE A 216 31.94 22.61 7.68
CA ILE A 216 31.28 22.11 8.87
C ILE A 216 29.81 22.47 8.78
N LYS A 217 29.05 21.61 8.09
CA LYS A 217 27.64 21.83 7.88
C LYS A 217 26.83 21.41 9.09
N PRO A 218 25.96 22.30 9.58
CA PRO A 218 25.07 21.93 10.68
C PRO A 218 24.16 20.80 10.23
N CYS A 219 24.27 19.65 10.89
CA CYS A 219 23.59 18.44 10.45
C CYS A 219 22.57 17.94 11.48
N LEU A 220 22.36 18.71 12.53
CA LEU A 220 21.43 18.33 13.59
C LEU A 220 20.30 19.32 13.76
N ASN A 221 19.09 18.80 13.96
CA ASN A 221 18.00 19.63 14.46
C ASN A 221 17.98 19.56 15.99
N ALA A 222 17.53 20.64 16.62
CA ALA A 222 17.46 20.70 18.07
C ALA A 222 16.64 19.54 18.62
N SER A 223 15.69 19.06 17.82
CA SER A 223 14.81 17.98 18.24
C SER A 223 15.46 16.59 18.18
N ASN A 224 16.71 16.53 17.68
CA ASN A 224 17.42 15.26 17.56
C ASN A 224 18.39 14.99 18.71
N ILE A 225 18.47 15.92 19.65
CA ILE A 225 19.42 15.85 20.76
C ILE A 225 18.71 15.71 22.09
N ALA A 226 19.24 14.86 22.97
CA ALA A 226 18.79 14.79 24.36
C ALA A 226 19.99 14.70 25.29
N TYR A 227 19.98 15.52 26.33
CA TYR A 227 21.02 15.53 27.34
C TYR A 227 20.63 14.71 28.56
N ILE A 228 21.62 14.02 29.15
CA ILE A 228 21.47 13.43 30.48
C ILE A 228 22.68 13.74 31.35
N GLY A 229 22.46 14.24 32.55
CA GLY A 229 23.52 14.39 33.55
C GLY A 229 23.93 15.82 33.85
N LEU A 230 23.30 16.77 33.17
CA LEU A 230 23.65 18.19 33.29
C LEU A 230 23.62 18.69 34.73
N ARG A 231 24.61 19.51 35.08
CA ARG A 231 24.63 20.13 36.40
C ARG A 231 25.47 21.41 36.44
N ASP A 232 26.03 21.82 35.31
CA ASP A 232 26.82 23.05 35.29
C ASP A 232 26.65 23.79 33.96
N LEU A 233 25.42 24.19 33.66
CA LEU A 233 25.13 24.92 32.43
C LEU A 233 25.45 26.40 32.56
N ASP A 234 26.04 27.00 31.53
CA ASP A 234 26.18 28.44 31.47
CA ASP A 234 26.18 28.44 31.47
C ASP A 234 24.82 29.04 31.14
N ALA A 235 24.57 30.26 31.62
CA ALA A 235 23.29 30.93 31.41
C ALA A 235 22.82 30.97 29.95
N HIS A 236 23.73 31.24 29.03
CA HIS A 236 23.36 31.32 27.61
C HIS A 236 23.05 29.95 27.00
N GLU A 237 23.68 28.91 27.53
CA GLU A 237 23.34 27.54 27.14
C GLU A 237 21.91 27.20 27.56
N THR A 238 21.60 27.53 28.81
CA THR A 238 20.26 27.34 29.35
C THR A 238 19.23 28.04 28.48
N HIS A 239 19.55 29.27 28.10
CA HIS A 239 18.68 30.04 27.21
C HIS A 239 18.43 29.33 25.88
N ASP A 240 19.50 28.91 25.21
CA ASP A 240 19.38 28.26 23.90
C ASP A 240 18.68 26.92 23.99
N ILE A 241 19.01 26.14 25.01
CA ILE A 241 18.40 24.83 25.21
C ILE A 241 16.89 24.94 25.40
N ARG A 242 16.46 25.87 26.26
CA ARG A 242 15.02 26.06 26.48
C ARG A 242 14.33 26.67 25.27
N LYS A 243 14.94 27.68 24.67
CA LYS A 243 14.34 28.38 23.53
C LYS A 243 14.06 27.45 22.35
N HIS A 244 14.98 26.53 22.08
CA HIS A 244 14.86 25.68 20.91
C HIS A 244 14.34 24.28 21.23
N GLY A 245 13.92 24.08 22.47
CA GLY A 245 13.24 22.87 22.87
C GLY A 245 14.10 21.62 22.88
N ILE A 246 15.39 21.78 23.14
CA ILE A 246 16.26 20.62 23.25
C ILE A 246 15.92 19.83 24.52
N ALA A 247 15.61 18.55 24.35
CA ALA A 247 15.33 17.68 25.50
C ALA A 247 16.54 17.61 26.43
N TYR A 248 16.33 17.85 27.71
CA TYR A 248 17.44 17.78 28.65
C TYR A 248 17.01 17.25 30.01
N PHE A 249 17.82 16.36 30.55
CA PHE A 249 17.55 15.79 31.86
C PHE A 249 18.76 16.00 32.75
N THR A 250 18.63 16.96 33.67
CA THR A 250 19.73 17.34 34.54
C THR A 250 19.79 16.41 35.75
N MET A 251 20.79 16.58 36.59
CA MET A 251 20.89 15.79 37.82
C MET A 251 19.68 15.98 38.74
N LEU A 252 19.08 17.17 38.69
CA LEU A 252 17.83 17.43 39.41
C LEU A 252 16.75 16.45 38.92
N ASP A 253 16.61 16.32 37.62
CA ASP A 253 15.67 15.38 37.01
C ASP A 253 16.00 13.93 37.37
N VAL A 254 17.28 13.59 37.34
CA VAL A 254 17.69 12.23 37.72
C VAL A 254 17.30 11.95 39.17
N ASP A 255 17.53 12.93 40.04
CA ASP A 255 17.13 12.84 41.44
C ASP A 255 15.62 12.65 41.60
N ARG A 256 14.84 13.46 40.90
CA ARG A 256 13.38 13.41 41.09
C ARG A 256 12.70 12.27 40.34
N MET A 257 13.23 11.91 39.17
CA MET A 257 12.58 10.92 38.33
C MET A 257 13.17 9.53 38.52
N GLY A 258 14.45 9.47 38.88
CA GLY A 258 15.18 8.22 38.86
C GLY A 258 15.75 8.02 37.47
N ILE A 259 16.91 7.38 37.37
CA ILE A 259 17.58 7.20 36.08
C ILE A 259 16.79 6.35 35.08
N GLU A 260 16.01 5.39 35.58
CA GLU A 260 15.22 4.53 34.70
C GLU A 260 14.23 5.35 33.88
N ALA A 261 13.49 6.23 34.54
CA ALA A 261 12.52 7.08 33.85
C ALA A 261 13.20 8.11 32.96
N VAL A 262 14.34 8.64 33.42
CA VAL A 262 15.11 9.59 32.61
C VAL A 262 15.56 8.98 31.26
N ILE A 263 16.15 7.79 31.32
CA ILE A 263 16.59 7.11 30.11
C ILE A 263 15.41 6.90 29.14
N LYS A 264 14.32 6.38 29.70
CA LYS A 264 13.10 6.12 28.94
C LYS A 264 12.59 7.40 28.27
N GLU A 265 12.52 8.49 29.02
CA GLU A 265 12.04 9.76 28.48
C GLU A 265 13.01 10.37 27.45
N ALA A 266 14.30 10.20 27.67
CA ALA A 266 15.29 10.69 26.71
C ALA A 266 15.17 9.95 25.37
N LEU A 267 15.02 8.63 25.44
CA LEU A 267 14.86 7.84 24.21
C LEU A 267 13.54 8.17 23.52
N LEU A 268 12.50 8.37 24.31
CA LEU A 268 11.18 8.75 23.80
C LEU A 268 11.25 10.08 23.04
N ALA A 269 12.03 11.02 23.57
CA ALA A 269 12.08 12.37 23.01
C ALA A 269 12.76 12.43 21.64
N VAL A 270 13.85 11.68 21.45
CA VAL A 270 14.63 11.77 20.21
C VAL A 270 14.64 10.50 19.37
N ASN A 271 14.17 9.39 19.93
CA ASN A 271 14.13 8.14 19.18
C ASN A 271 12.92 7.27 19.55
N PRO A 272 11.70 7.84 19.44
CA PRO A 272 10.48 7.23 20.00
C PRO A 272 10.19 5.79 19.58
N ARG A 273 10.53 5.41 18.35
CA ARG A 273 10.21 4.06 17.89
C ARG A 273 11.46 3.29 17.50
N LEU A 274 12.60 3.72 18.04
CA LEU A 274 13.88 3.08 17.77
C LEU A 274 14.16 2.99 16.28
N GLU A 275 13.70 4.00 15.53
CA GLU A 275 13.89 4.03 14.08
C GLU A 275 15.26 4.61 13.70
N LYS A 276 15.85 5.39 14.60
CA LYS A 276 17.06 6.14 14.27
C LYS A 276 18.32 5.55 14.85
N ALA A 277 19.42 5.69 14.11
CA ALA A 277 20.74 5.38 14.63
C ALA A 277 21.04 6.30 15.81
N ILE A 278 21.75 5.79 16.80
CA ILE A 278 22.07 6.61 17.98
C ILE A 278 23.54 6.95 18.02
N HIS A 279 23.83 8.24 18.19
CA HIS A 279 25.17 8.70 18.48
C HIS A 279 25.23 8.98 19.97
N LEU A 280 25.95 8.14 20.72
CA LEU A 280 26.06 8.31 22.16
C LEU A 280 27.35 9.04 22.49
N SER A 281 27.24 10.29 22.92
CA SER A 281 28.44 11.07 23.22
C SER A 281 28.59 11.17 24.73
N PHE A 282 29.52 10.40 25.28
CA PHE A 282 29.65 10.25 26.73
C PHE A 282 30.87 11.01 27.24
N ASP A 283 30.62 12.11 27.95
CA ASP A 283 31.70 12.83 28.63
C ASP A 283 31.93 12.11 29.95
N ILE A 284 33.16 11.69 30.20
CA ILE A 284 33.45 10.99 31.45
C ILE A 284 33.09 11.84 32.68
N ASP A 285 33.13 13.17 32.51
CA ASP A 285 32.80 14.07 33.64
C ASP A 285 31.31 14.10 33.98
N ALA A 286 30.50 13.41 33.19
CA ALA A 286 29.11 13.18 33.57
C ALA A 286 29.06 12.36 34.86
N LEU A 287 30.00 11.43 35.00
CA LEU A 287 30.08 10.60 36.21
C LEU A 287 30.61 11.42 37.38
N ASP A 288 30.26 11.01 38.58
CA ASP A 288 30.73 11.69 39.78
C ASP A 288 32.26 11.63 39.88
N PRO A 289 32.89 12.75 40.27
CA PRO A 289 34.34 12.82 40.53
C PRO A 289 34.87 11.70 41.44
N LEU A 290 34.04 11.19 42.34
CA LEU A 290 34.45 10.06 43.18
C LEU A 290 34.77 8.83 42.33
N VAL A 291 34.14 8.77 41.17
CA VAL A 291 34.23 7.62 40.28
C VAL A 291 35.10 7.90 39.04
N ALA A 292 35.14 9.16 38.62
CA ALA A 292 36.02 9.53 37.51
C ALA A 292 36.73 10.84 37.81
N PRO A 293 37.72 10.79 38.72
CA PRO A 293 38.42 12.02 39.11
C PRO A 293 39.33 12.59 38.03
N SER A 294 39.89 11.73 37.16
CA SER A 294 40.89 12.18 36.19
C SER A 294 40.29 12.78 34.92
N THR A 295 39.80 13.99 35.05
CA THR A 295 39.16 14.69 33.96
C THR A 295 39.26 16.19 34.26
N GLY A 296 39.28 17.02 33.22
CA GLY A 296 39.62 18.43 33.37
C GLY A 296 38.62 19.36 34.02
N THR A 297 37.33 19.08 33.84
CA THR A 297 36.29 19.91 34.46
C THR A 297 35.33 19.04 35.28
N ALA A 298 35.81 18.55 36.42
CA ALA A 298 35.01 17.70 37.29
C ALA A 298 33.99 18.51 38.08
N VAL A 299 32.77 18.00 38.17
CA VAL A 299 31.71 18.65 38.91
C VAL A 299 31.05 17.68 39.88
N PRO A 300 31.01 18.03 41.17
CA PRO A 300 30.44 17.19 42.22
C PRO A 300 28.96 16.87 41.97
N GLY A 301 28.49 15.77 42.55
CA GLY A 301 27.10 15.39 42.45
C GLY A 301 26.71 14.84 41.10
N GLY A 302 27.57 14.00 40.52
CA GLY A 302 27.30 13.42 39.22
C GLY A 302 26.61 12.07 39.25
N LEU A 303 26.52 11.45 38.08
CA LEU A 303 25.95 10.12 37.97
C LEU A 303 26.82 9.13 38.73
N THR A 304 26.19 8.16 39.40
CA THR A 304 26.96 7.03 39.93
C THR A 304 27.40 6.21 38.72
N LEU A 305 28.42 5.36 38.91
CA LEU A 305 28.82 4.46 37.85
C LEU A 305 27.63 3.61 37.40
N ARG A 306 26.86 3.11 38.36
CA ARG A 306 25.67 2.31 38.07
C ARG A 306 24.67 3.05 37.20
N GLU A 307 24.42 4.33 37.50
CA GLU A 307 23.53 5.13 36.66
C GLU A 307 24.10 5.27 35.25
N GLY A 308 25.41 5.52 35.16
CA GLY A 308 26.09 5.55 33.87
C GLY A 308 25.96 4.24 33.13
N LEU A 309 26.10 3.12 33.83
CA LEU A 309 25.96 1.81 33.22
C LEU A 309 24.54 1.59 32.68
N ARG A 310 23.54 2.01 33.46
CA ARG A 310 22.15 1.88 33.05
C ARG A 310 21.86 2.64 31.76
N ILE A 311 22.43 3.83 31.62
CA ILE A 311 22.26 4.59 30.38
C ILE A 311 22.81 3.78 29.19
N CYS A 312 24.03 3.26 29.34
CA CYS A 312 24.69 2.57 28.25
C CYS A 312 24.05 1.21 27.95
N GLU A 313 23.62 0.53 28.99
CA GLU A 313 22.94 -0.76 28.85
C GLU A 313 21.65 -0.60 28.05
N GLU A 314 20.89 0.44 28.35
CA GLU A 314 19.62 0.66 27.66
C GLU A 314 19.83 1.13 26.24
N VAL A 315 20.79 2.02 26.04
CA VAL A 315 21.14 2.47 24.69
C VAL A 315 21.62 1.29 23.84
N SER A 316 22.49 0.47 24.41
CA SER A 316 22.98 -0.72 23.72
C SER A 316 21.82 -1.63 23.30
N ALA A 317 20.91 -1.85 24.23
CA ALA A 317 19.81 -2.81 24.04
C ALA A 317 18.79 -2.40 22.99
N THR A 318 18.78 -1.13 22.58
CA THR A 318 17.88 -0.68 21.53
C THR A 318 18.24 -1.34 20.19
N GLY A 319 19.49 -1.80 20.08
CA GLY A 319 20.01 -2.31 18.82
C GLY A 319 20.35 -1.21 17.83
N LYS A 320 20.29 0.04 18.27
CA LYS A 320 20.53 1.19 17.40
C LYS A 320 21.80 1.97 17.74
N LEU A 321 22.62 1.42 18.63
CA LEU A 321 23.88 2.08 18.96
C LEU A 321 24.79 2.03 17.75
N SER A 322 25.03 3.19 17.16
CA SER A 322 25.79 3.28 15.94
C SER A 322 27.21 3.77 16.23
N VAL A 323 27.30 4.86 17.01
CA VAL A 323 28.60 5.33 17.50
C VAL A 323 28.52 5.62 18.99
N VAL A 324 29.53 5.18 19.74
CA VAL A 324 29.70 5.69 21.10
C VAL A 324 31.08 6.31 21.21
N GLU A 325 31.14 7.55 21.69
CA GLU A 325 32.41 8.18 21.94
C GLU A 325 32.53 8.51 23.42
N LEU A 326 33.74 8.38 23.94
CA LEU A 326 33.99 8.65 25.35
C LEU A 326 35.03 9.76 25.44
N ALA A 327 34.62 10.91 25.96
CA ALA A 327 35.45 12.10 25.94
C ALA A 327 36.03 12.47 27.29
N GLU A 328 37.12 13.23 27.25
CA GLU A 328 37.67 13.96 28.40
C GLU A 328 38.43 13.14 29.44
N LEU A 329 38.84 11.92 29.10
CA LEU A 329 39.79 11.20 29.94
C LEU A 329 41.12 11.96 29.95
N ASN A 330 41.67 12.20 31.13
CA ASN A 330 42.98 12.83 31.23
C ASN A 330 43.84 12.17 32.29
N PRO A 331 44.67 11.20 31.88
CA PRO A 331 45.54 10.41 32.74
C PRO A 331 46.64 11.25 33.41
N LEU A 332 46.84 12.49 32.97
CA LEU A 332 47.84 13.35 33.60
C LEU A 332 47.27 14.12 34.79
N LEU A 333 45.98 13.90 35.10
CA LEU A 333 45.33 14.57 36.21
C LEU A 333 45.03 13.61 37.36
N GLY A 334 45.26 14.07 38.58
CA GLY A 334 44.99 13.26 39.75
C GLY A 334 46.10 12.28 40.07
N SER A 335 45.91 11.50 41.13
CA SER A 335 46.90 10.54 41.57
C SER A 335 46.89 9.33 40.66
N GLN A 336 47.82 8.42 40.91
CA GLN A 336 47.85 7.13 40.23
C GLN A 336 46.55 6.36 40.45
N GLU A 337 46.07 6.34 41.69
CA GLU A 337 44.81 5.64 41.99
C GLU A 337 43.63 6.34 41.33
N ASP A 338 43.67 7.66 41.26
CA ASP A 338 42.65 8.44 40.56
C ASP A 338 42.53 8.01 39.10
N VAL A 339 43.68 7.88 38.43
CA VAL A 339 43.74 7.44 37.04
C VAL A 339 43.18 6.01 36.89
N LEU A 340 43.53 5.14 37.82
CA LEU A 340 43.04 3.76 37.80
C LEU A 340 41.52 3.68 37.94
N LYS A 341 40.97 4.49 38.85
CA LYS A 341 39.52 4.57 39.04
C LYS A 341 38.83 5.06 37.77
N THR A 342 39.43 6.08 37.15
CA THR A 342 38.85 6.68 35.95
C THR A 342 38.90 5.71 34.78
N GLN A 343 40.04 5.03 34.64
CA GLN A 343 40.22 4.00 33.61
C GLN A 343 39.20 2.88 33.78
N SER A 344 39.10 2.39 35.00
CA SER A 344 38.16 1.34 35.37
C SER A 344 36.72 1.73 35.03
N SER A 345 36.32 2.94 35.42
CA SER A 345 34.96 3.43 35.13
C SER A 345 34.71 3.47 33.63
N ALA A 346 35.69 3.95 32.89
CA ALA A 346 35.60 4.07 31.44
C ALA A 346 35.44 2.70 30.78
N VAL A 347 36.19 1.72 31.25
CA VAL A 347 36.15 0.38 30.70
C VAL A 347 34.79 -0.29 30.92
N HIS A 348 34.26 -0.17 32.14
CA HIS A 348 32.93 -0.69 32.43
C HIS A 348 31.84 0.00 31.61
N ILE A 349 31.95 1.32 31.45
CA ILE A 349 31.01 2.06 30.62
C ILE A 349 31.03 1.56 29.17
N LEU A 350 32.22 1.43 28.61
CA LEU A 350 32.38 1.02 27.22
C LEU A 350 31.89 -0.41 27.01
N ARG A 351 32.19 -1.29 27.95
CA ARG A 351 31.72 -2.67 27.89
C ARG A 351 30.20 -2.73 27.87
N ALA A 352 29.57 -1.88 28.69
CA ALA A 352 28.12 -1.82 28.73
C ALA A 352 27.58 -1.43 27.36
N CYS A 353 28.20 -0.44 26.75
CA CYS A 353 27.77 0.03 25.42
C CYS A 353 27.78 -1.09 24.39
N LEU A 354 28.75 -1.99 24.50
CA LEU A 354 28.88 -3.08 23.52
C LEU A 354 28.00 -4.28 23.83
N GLY A 355 27.29 -4.23 24.95
CA GLY A 355 26.30 -5.26 25.25
C GLY A 355 26.64 -6.15 26.43
N HIS A 356 27.68 -5.83 27.18
CA HIS A 356 28.01 -6.64 28.36
C HIS A 356 26.86 -6.59 29.36
N CYS A 357 26.51 -7.75 29.88
CA CYS A 357 25.40 -7.88 30.81
C CYS A 357 25.91 -8.19 32.20
N ARG A 358 25.53 -7.36 33.16
CA ARG A 358 25.93 -7.55 34.55
C ARG A 358 25.26 -8.78 35.16
N SER A 359 24.20 -9.27 34.52
CA SER A 359 23.53 -10.48 34.96
C SER A 359 24.15 -11.73 34.37
N GLY A 360 25.30 -11.57 33.70
CA GLY A 360 26.06 -12.71 33.19
C GLY A 360 25.80 -13.06 31.74
N HIS A 361 26.71 -13.85 31.16
CA HIS A 361 26.56 -14.37 29.80
C HIS A 361 26.64 -15.89 29.83
N LEU A 362 25.96 -16.55 28.89
CA LEU A 362 26.08 -18.00 28.73
C LEU A 362 27.39 -18.37 28.05
N PRO A 363 27.94 -19.55 28.39
CA PRO A 363 29.17 -19.99 27.73
C PRO A 363 28.88 -20.43 26.29
N PHE A 364 29.86 -20.27 25.40
CA PHE A 364 29.67 -20.68 24.00
C PHE A 364 29.66 -22.20 23.88
N LYS A 365 30.50 -22.85 24.67
CA LYS A 365 30.50 -24.31 24.75
C LYS A 365 30.35 -24.76 26.20
N VAL A 366 29.31 -25.54 26.48
CA VAL A 366 29.08 -26.03 27.84
C VAL A 366 29.99 -27.22 28.16
N ARG A 367 30.61 -27.17 29.33
CA ARG A 367 31.64 -28.13 29.66
C ARG A 367 31.06 -29.38 30.33
N ASN A 368 31.61 -30.54 29.96
CA ASN A 368 31.10 -31.81 30.49
C ASN A 368 32.20 -32.71 31.06
N LEU A 369 31.99 -33.09 32.32
CA LEU A 369 32.95 -33.89 33.09
C LEU A 369 33.26 -35.23 32.43
N THR A 370 32.22 -35.90 31.93
CA THR A 370 32.38 -37.23 31.36
C THR A 370 33.25 -37.26 30.09
N ASP A 371 33.26 -36.16 29.36
CA ASP A 371 33.99 -36.10 28.08
C ASP A 371 35.50 -36.21 28.27
N GLN A 372 35.98 -35.85 29.46
CA GLN A 372 37.42 -35.84 29.72
C GLN A 372 37.88 -37.16 30.34
N GLY A 373 36.93 -38.08 30.52
CA GLY A 373 37.20 -39.34 31.18
C GLY A 373 37.36 -39.18 32.67
N ILE A 374 36.60 -38.24 33.25
CA ILE A 374 36.68 -37.97 34.68
C ILE A 374 35.44 -38.43 35.44
N MET A 375 35.68 -39.07 36.59
CA MET A 375 34.62 -39.55 37.47
C MET A 375 34.05 -38.43 38.34
N SER A 376 32.75 -38.21 38.25
CA SER A 376 32.08 -37.19 39.04
C SER A 376 31.71 -37.74 40.41
N ARG A 377 31.34 -36.86 41.33
CA ARG A 377 30.88 -37.31 42.64
C ARG A 377 29.57 -38.07 42.50
N ALA A 378 28.67 -37.55 41.66
CA ALA A 378 27.38 -38.19 41.41
C ALA A 378 27.59 -39.59 40.82
N ALA A 379 28.45 -39.69 39.82
CA ALA A 379 28.75 -40.97 39.18
C ALA A 379 29.37 -41.95 40.17
N HIS A 380 30.27 -41.45 41.02
CA HIS A 380 30.89 -42.29 42.03
C HIS A 380 29.89 -42.86 43.02
N MET A 381 28.93 -42.04 43.42
CA MET A 381 27.93 -42.45 44.40
C MET A 381 26.92 -43.43 43.81
N GLN A 382 26.81 -43.44 42.49
CA GLN A 382 25.89 -44.37 41.81
C GLN A 382 26.56 -45.71 41.51
N PRO B 38 -0.70 18.73 12.86
CA PRO B 38 -0.75 17.46 13.61
C PRO B 38 -0.17 16.31 12.80
N LYS B 39 0.63 15.47 13.46
CA LYS B 39 1.24 14.32 12.79
C LYS B 39 0.61 13.01 13.24
N LEU B 40 0.44 12.07 12.32
CA LEU B 40 -0.23 10.80 12.62
C LEU B 40 0.64 9.60 12.29
N LEU B 41 0.75 8.67 13.23
CA LEU B 41 1.43 7.41 13.00
C LEU B 41 0.76 6.60 11.90
N TYR B 42 -0.56 6.47 12.00
CA TYR B 42 -1.34 5.76 10.99
C TYR B 42 -2.36 6.75 10.41
N THR B 43 -2.25 7.05 9.12
CA THR B 43 -3.17 7.98 8.49
C THR B 43 -4.36 7.27 7.84
N SER B 44 -4.22 5.96 7.62
CA SER B 44 -5.34 5.18 7.13
C SER B 44 -5.46 3.85 7.86
N ALA B 45 -6.66 3.28 7.87
CA ALA B 45 -6.89 1.96 8.48
C ALA B 45 -8.01 1.21 7.75
N ASN B 46 -8.00 -0.11 7.91
CA ASN B 46 -9.07 -0.95 7.38
C ASN B 46 -9.95 -1.51 8.50
N PHE B 47 -11.24 -1.69 8.21
CA PHE B 47 -12.18 -2.22 9.19
C PHE B 47 -12.84 -3.47 8.63
N LEU B 48 -12.85 -4.53 9.44
CA LEU B 48 -13.36 -5.83 9.00
C LEU B 48 -14.24 -6.41 10.08
N GLY B 49 -15.43 -6.88 9.71
CA GLY B 49 -16.31 -7.57 10.64
C GLY B 49 -16.23 -9.07 10.51
N ILE B 50 -16.22 -9.78 11.63
CA ILE B 50 -16.23 -11.25 11.61
C ILE B 50 -17.25 -11.75 12.63
N PRO B 51 -18.49 -11.96 12.17
CA PRO B 51 -19.58 -12.26 13.11
C PRO B 51 -19.61 -13.72 13.59
N THR B 52 -18.45 -14.24 14.00
CA THR B 52 -18.38 -15.62 14.52
C THR B 52 -19.27 -15.82 15.73
N ASN B 53 -19.97 -16.96 15.76
CA ASN B 53 -20.88 -17.27 16.87
C ASN B 53 -20.95 -18.77 17.13
N ARG B 54 -20.12 -19.54 16.45
CA ARG B 54 -20.09 -20.98 16.66
C ARG B 54 -18.94 -21.40 17.59
N GLY B 55 -18.25 -20.42 18.14
CA GLY B 55 -17.17 -20.67 19.07
C GLY B 55 -17.64 -20.80 20.51
N GLN B 56 -18.90 -20.44 20.74
CA GLN B 56 -19.48 -20.43 22.09
C GLN B 56 -21.00 -20.39 21.98
N PRO B 57 -21.71 -20.89 23.01
CA PRO B 57 -23.13 -21.21 22.79
C PRO B 57 -24.11 -20.05 22.92
N LYS B 58 -23.68 -18.89 23.43
CA LYS B 58 -24.61 -17.78 23.60
C LYS B 58 -24.79 -17.00 22.31
N ILE B 59 -26.02 -16.99 21.80
CA ILE B 59 -26.33 -16.24 20.59
C ILE B 59 -26.11 -14.75 20.83
N GLY B 60 -25.49 -14.08 19.87
CA GLY B 60 -25.39 -12.64 19.94
C GLY B 60 -24.05 -12.03 19.56
N THR B 61 -22.98 -12.83 19.61
CA THR B 61 -21.68 -12.32 19.20
C THR B 61 -21.66 -11.97 17.71
N TYR B 62 -22.61 -12.54 16.95
CA TYR B 62 -22.70 -12.23 15.53
C TYR B 62 -23.11 -10.76 15.32
N GLN B 63 -23.65 -10.14 16.36
CA GLN B 63 -24.08 -8.75 16.29
C GLN B 63 -22.96 -7.78 16.68
N GLY B 64 -21.80 -8.32 17.01
CA GLY B 64 -20.65 -7.51 17.38
C GLY B 64 -20.25 -6.44 16.39
N PRO B 65 -20.02 -6.83 15.11
CA PRO B 65 -19.62 -5.84 14.11
C PRO B 65 -20.66 -4.73 13.94
N GLU B 66 -21.94 -5.07 14.00
CA GLU B 66 -22.99 -4.06 13.87
C GLU B 66 -23.06 -3.10 15.06
N LEU B 67 -22.72 -3.60 16.25
CA LEU B 67 -22.70 -2.77 17.45
C LEU B 67 -21.68 -1.64 17.28
N ILE B 68 -20.58 -1.92 16.61
CA ILE B 68 -19.55 -0.92 16.38
C ILE B 68 -19.89 -0.04 15.18
N ARG B 69 -20.43 -0.63 14.12
CA ARG B 69 -20.90 0.16 12.98
C ARG B 69 -22.01 1.14 13.37
N LYS B 70 -22.88 0.73 14.28
CA LYS B 70 -23.98 1.57 14.74
C LYS B 70 -23.51 2.72 15.62
N SER B 71 -22.30 2.60 16.17
CA SER B 71 -21.76 3.62 17.05
C SER B 71 -21.22 4.81 16.25
N ASN B 72 -20.63 5.77 16.95
CA ASN B 72 -19.98 6.90 16.27
C ASN B 72 -18.49 6.66 16.02
N PHE B 73 -18.06 5.40 16.10
CA PHE B 73 -16.65 5.03 15.90
C PHE B 73 -16.05 5.60 14.62
N PHE B 74 -16.71 5.39 13.49
CA PHE B 74 -16.21 5.86 12.19
C PHE B 74 -16.08 7.38 12.16
N GLN B 75 -17.07 8.07 12.70
CA GLN B 75 -17.08 9.52 12.74
C GLN B 75 -15.92 10.04 13.59
N LEU B 76 -15.76 9.46 14.78
CA LEU B 76 -14.71 9.89 15.68
C LEU B 76 -13.31 9.65 15.13
N VAL B 77 -13.13 8.54 14.42
CA VAL B 77 -11.85 8.23 13.79
C VAL B 77 -11.57 9.21 12.65
N ALA B 78 -12.59 9.47 11.83
CA ALA B 78 -12.49 10.46 10.76
C ALA B 78 -12.08 11.82 11.31
N GLU B 79 -12.68 12.21 12.42
CA GLU B 79 -12.41 13.51 13.04
C GLU B 79 -10.97 13.66 13.54
N ASP B 80 -10.30 12.54 13.82
CA ASP B 80 -8.89 12.59 14.18
C ASP B 80 -7.98 12.59 12.94
N GLY B 81 -8.60 12.60 11.77
CA GLY B 81 -7.86 12.71 10.51
C GLY B 81 -7.43 11.38 9.91
N ILE B 82 -8.01 10.30 10.40
CA ILE B 82 -7.69 8.96 9.88
C ILE B 82 -8.72 8.53 8.84
N GLN B 83 -8.24 8.02 7.70
CA GLN B 83 -9.11 7.47 6.68
C GLN B 83 -9.42 5.99 6.94
N LEU B 84 -10.65 5.69 7.34
CA LEU B 84 -11.05 4.32 7.66
C LEU B 84 -11.88 3.72 6.53
N THR B 85 -11.39 2.64 5.94
CA THR B 85 -12.10 1.95 4.88
C THR B 85 -12.82 0.71 5.39
N ASP B 86 -14.14 0.69 5.26
CA ASP B 86 -14.94 -0.46 5.63
C ASP B 86 -14.75 -1.57 4.61
N CYS B 87 -14.17 -2.68 5.03
CA CYS B 87 -13.90 -3.79 4.13
C CYS B 87 -14.97 -4.88 4.20
N GLY B 88 -16.11 -4.55 4.82
CA GLY B 88 -17.22 -5.47 4.87
C GLY B 88 -17.11 -6.50 5.98
N ASP B 89 -17.85 -7.59 5.84
CA ASP B 89 -17.87 -8.67 6.81
C ASP B 89 -17.44 -9.97 6.15
N ILE B 90 -16.75 -10.81 6.89
CA ILE B 90 -16.53 -12.19 6.48
C ILE B 90 -17.78 -13.00 6.85
N ILE B 91 -18.21 -13.88 5.94
CA ILE B 91 -19.33 -14.76 6.23
C ILE B 91 -18.80 -16.05 6.83
N PRO B 92 -19.07 -16.28 8.12
CA PRO B 92 -18.59 -17.53 8.74
C PRO B 92 -19.29 -18.75 8.15
N VAL B 93 -18.63 -19.89 8.19
CA VAL B 93 -19.26 -21.14 7.77
C VAL B 93 -19.99 -21.72 8.97
N GLU B 94 -21.32 -21.81 8.86
CA GLU B 94 -22.12 -22.32 9.95
C GLU B 94 -22.89 -23.56 9.48
N LEU B 95 -22.28 -24.71 9.70
CA LEU B 95 -22.86 -25.96 9.24
C LEU B 95 -24.11 -26.31 10.01
N ASN B 96 -24.96 -27.13 9.42
CA ASN B 96 -26.11 -27.68 10.12
C ASN B 96 -25.58 -28.61 11.20
N GLU B 97 -26.32 -28.76 12.28
CA GLU B 97 -25.90 -29.61 13.40
C GLU B 97 -25.57 -31.04 12.96
N ALA B 98 -26.30 -31.55 11.98
CA ALA B 98 -26.09 -32.92 11.51
C ALA B 98 -24.79 -33.05 10.71
N GLU B 99 -24.34 -31.94 10.14
CA GLU B 99 -23.10 -31.92 9.38
C GLU B 99 -21.86 -31.80 10.25
N ASP B 100 -22.05 -31.42 11.51
CA ASP B 100 -20.94 -31.03 12.36
C ASP B 100 -21.09 -31.63 13.77
N PRO B 101 -21.00 -32.96 13.88
CA PRO B 101 -21.15 -33.56 15.22
C PRO B 101 -19.90 -33.31 16.05
N GLN B 102 -19.98 -33.56 17.35
CA GLN B 102 -18.83 -33.38 18.22
C GLN B 102 -17.71 -34.33 17.82
N ARG B 103 -16.48 -33.84 17.86
CA ARG B 103 -15.31 -34.66 17.64
C ARG B 103 -14.28 -34.30 18.71
N PHE B 104 -13.85 -35.29 19.48
CA PHE B 104 -12.98 -35.08 20.63
C PHE B 104 -13.55 -34.03 21.59
N GLY B 105 -14.86 -34.07 21.79
CA GLY B 105 -15.52 -33.15 22.69
C GLY B 105 -15.77 -31.77 22.11
N MET B 106 -15.07 -31.42 21.04
CA MET B 106 -15.20 -30.11 20.41
C MET B 106 -16.58 -29.89 19.81
N LYS B 107 -17.14 -28.70 20.03
CA LYS B 107 -18.43 -28.34 19.45
C LYS B 107 -18.23 -27.49 18.21
N TRP B 108 -18.93 -27.83 17.13
CA TRP B 108 -18.83 -27.12 15.86
C TRP B 108 -17.41 -27.04 15.31
N SER B 109 -16.66 -28.14 15.39
CA SER B 109 -15.26 -28.13 15.00
C SER B 109 -15.02 -28.00 13.49
N ARG B 110 -15.97 -28.46 12.70
CA ARG B 110 -15.82 -28.42 11.25
C ARG B 110 -16.28 -27.05 10.72
N SER B 111 -17.28 -26.47 11.37
CA SER B 111 -17.60 -25.07 11.12
C SER B 111 -16.37 -24.23 11.44
N PHE B 112 -15.65 -24.59 12.50
CA PHE B 112 -14.43 -23.89 12.91
C PHE B 112 -13.32 -23.98 11.87
N SER B 113 -13.01 -25.20 11.44
CA SER B 113 -11.90 -25.40 10.50
C SER B 113 -12.19 -24.68 9.18
N LEU B 114 -13.42 -24.82 8.69
CA LEU B 114 -13.85 -24.15 7.47
C LEU B 114 -13.84 -22.63 7.61
N THR B 115 -14.30 -22.14 8.75
CA THR B 115 -14.32 -20.70 8.98
C THR B 115 -12.92 -20.12 9.10
N THR B 116 -12.05 -20.85 9.78
CA THR B 116 -10.65 -20.44 9.97
C THR B 116 -9.94 -20.22 8.64
N LEU B 117 -10.05 -21.19 7.74
CA LEU B 117 -9.43 -21.10 6.43
C LEU B 117 -10.01 -19.94 5.62
N ARG B 118 -11.32 -19.74 5.72
CA ARG B 118 -11.96 -18.64 5.03
C ARG B 118 -11.49 -17.29 5.58
N ILE B 119 -11.37 -17.21 6.91
CA ILE B 119 -10.87 -16.00 7.56
C ILE B 119 -9.42 -15.71 7.17
N ALA B 120 -8.57 -16.72 7.29
CA ALA B 120 -7.14 -16.56 7.01
C ALA B 120 -6.91 -16.02 5.59
N GLU B 121 -7.67 -16.56 4.64
CA GLU B 121 -7.55 -16.14 3.24
C GLU B 121 -7.83 -14.65 3.07
N ARG B 122 -8.92 -14.18 3.66
CA ARG B 122 -9.32 -12.79 3.53
C ARG B 122 -8.36 -11.85 4.26
N VAL B 123 -7.92 -12.24 5.45
CA VAL B 123 -6.99 -11.42 6.21
C VAL B 123 -5.64 -11.32 5.50
N GLU B 124 -5.14 -12.44 4.99
CA GLU B 124 -3.89 -12.43 4.23
C GLU B 124 -3.96 -11.47 3.04
N GLU B 125 -5.08 -11.51 2.31
CA GLU B 125 -5.28 -10.63 1.16
C GLU B 125 -5.24 -9.17 1.57
N LEU B 126 -5.89 -8.85 2.69
CA LEU B 126 -5.93 -7.49 3.19
C LEU B 126 -4.55 -7.01 3.64
N MET B 127 -3.80 -7.90 4.28
CA MET B 127 -2.49 -7.54 4.81
C MET B 127 -1.48 -7.35 3.69
N LYS B 128 -1.65 -8.10 2.60
CA LYS B 128 -0.73 -8.04 1.47
C LYS B 128 -1.07 -6.89 0.54
N GLN B 129 -2.34 -6.48 0.57
CA GLN B 129 -2.80 -5.33 -0.19
C GLN B 129 -2.14 -4.07 0.34
N SER B 130 -1.99 -4.00 1.66
CA SER B 130 -1.37 -2.85 2.31
C SER B 130 0.08 -3.16 2.67
N SER B 142 2.25 2.46 7.39
CA SER B 142 1.57 1.24 7.80
C SER B 142 0.05 1.45 7.93
N THR B 143 -0.71 0.46 7.45
CA THR B 143 -2.16 0.53 7.49
C THR B 143 -2.75 -0.60 8.34
N PRO B 144 -3.11 -0.29 9.59
CA PRO B 144 -3.62 -1.32 10.52
C PRO B 144 -4.96 -1.88 10.07
N LEU B 145 -5.21 -3.15 10.38
CA LEU B 145 -6.50 -3.75 10.15
C LEU B 145 -7.22 -3.80 11.49
N VAL B 146 -8.41 -3.21 11.56
CA VAL B 146 -9.22 -3.30 12.76
C VAL B 146 -10.32 -4.34 12.55
N ILE B 147 -10.29 -5.39 13.34
CA ILE B 147 -11.27 -6.47 13.21
C ILE B 147 -12.20 -6.50 14.41
N VAL B 148 -13.51 -6.53 14.14
CA VAL B 148 -14.48 -6.63 15.22
C VAL B 148 -15.25 -7.94 15.12
N GLY B 149 -15.18 -8.76 16.18
CA GLY B 149 -15.93 -10.00 16.26
C GLY B 149 -17.32 -9.77 16.83
N GLY B 150 -18.06 -10.84 17.08
CA GLY B 150 -17.58 -12.20 16.89
C GLY B 150 -16.86 -12.77 18.11
N ASP B 151 -17.06 -14.05 18.36
CA ASP B 151 -16.39 -14.71 19.48
C ASP B 151 -14.94 -14.96 19.12
N HIS B 152 -14.12 -15.26 20.12
CA HIS B 152 -12.67 -15.27 19.97
C HIS B 152 -12.11 -16.43 19.14
N SER B 153 -12.97 -17.38 18.76
CA SER B 153 -12.52 -18.50 17.91
C SER B 153 -12.00 -17.99 16.57
N MET B 154 -12.44 -16.80 16.18
CA MET B 154 -11.98 -16.17 14.94
C MET B 154 -10.46 -15.97 14.92
N ALA B 155 -9.85 -15.94 16.11
CA ALA B 155 -8.43 -15.61 16.23
C ALA B 155 -7.50 -16.60 15.54
N THR B 156 -7.90 -17.86 15.47
CA THR B 156 -7.07 -18.85 14.80
C THR B 156 -6.95 -18.45 13.34
N GLY B 157 -8.06 -17.99 12.77
CA GLY B 157 -8.10 -17.57 11.39
C GLY B 157 -7.38 -16.26 11.12
N THR B 158 -7.62 -15.26 11.97
CA THR B 158 -7.01 -13.95 11.74
C THR B 158 -5.50 -14.00 11.89
N ILE B 159 -5.01 -14.73 12.87
CA ILE B 159 -3.58 -14.83 13.10
C ILE B 159 -2.91 -15.65 11.99
N LEU B 160 -3.55 -16.73 11.58
CA LEU B 160 -3.05 -17.56 10.49
C LEU B 160 -2.86 -16.72 9.22
N GLY B 161 -3.91 -16.00 8.83
CA GLY B 161 -3.84 -15.13 7.66
C GLY B 161 -2.83 -14.02 7.82
N HIS B 162 -2.78 -13.45 9.02
CA HIS B 162 -1.86 -12.36 9.33
C HIS B 162 -0.41 -12.86 9.27
N ALA B 163 -0.16 -14.00 9.89
CA ALA B 163 1.18 -14.60 9.91
C ALA B 163 1.64 -15.02 8.51
N GLU B 164 0.67 -15.30 7.64
CA GLU B 164 1.00 -15.68 6.28
C GLU B 164 1.60 -14.49 5.55
N ALA B 165 1.12 -13.30 5.87
CA ALA B 165 1.65 -12.09 5.28
C ALA B 165 2.88 -11.59 6.05
N LYS B 166 2.84 -11.76 7.37
CA LYS B 166 3.93 -11.29 8.23
C LYS B 166 4.37 -12.37 9.21
N PRO B 167 5.24 -13.27 8.74
CA PRO B 167 5.67 -14.49 9.45
C PRO B 167 6.34 -14.25 10.80
N ASP B 168 6.96 -13.09 10.98
CA ASP B 168 7.67 -12.78 12.23
C ASP B 168 6.87 -11.94 13.23
N LEU B 169 5.56 -11.88 13.08
CA LEU B 169 4.73 -11.12 13.99
C LEU B 169 4.83 -11.62 15.45
N CYS B 170 4.39 -10.76 16.37
CA CYS B 170 4.19 -11.19 17.74
C CYS B 170 2.73 -10.99 18.09
N VAL B 171 2.27 -11.67 19.13
CA VAL B 171 0.87 -11.59 19.53
C VAL B 171 0.74 -11.06 20.95
N LEU B 172 -0.06 -10.01 21.11
CA LEU B 172 -0.42 -9.54 22.44
C LEU B 172 -1.86 -9.93 22.70
N TRP B 173 -2.05 -10.83 23.66
CA TRP B 173 -3.36 -11.41 23.93
C TRP B 173 -3.94 -10.81 25.21
N ILE B 174 -4.92 -9.93 25.07
CA ILE B 174 -5.52 -9.23 26.22
C ILE B 174 -6.84 -9.90 26.58
N ASP B 175 -6.88 -10.55 27.74
CA ASP B 175 -7.98 -11.48 27.99
C ASP B 175 -7.98 -11.88 29.45
N ALA B 176 -9.18 -12.15 29.98
CA ALA B 176 -9.32 -12.77 31.28
C ALA B 176 -8.91 -14.24 31.22
N HIS B 177 -8.96 -14.82 30.01
CA HIS B 177 -8.74 -16.26 29.82
C HIS B 177 -7.54 -16.56 28.91
N GLY B 178 -6.99 -17.76 29.04
CA GLY B 178 -5.84 -18.15 28.24
C GLY B 178 -6.19 -18.48 26.80
N ASP B 179 -7.42 -18.92 26.57
CA ASP B 179 -7.89 -19.33 25.23
C ASP B 179 -6.93 -20.31 24.53
N ILE B 180 -6.32 -21.17 25.33
CA ILE B 180 -5.25 -22.02 24.83
C ILE B 180 -5.46 -23.47 25.30
N ASN B 181 -6.69 -23.79 25.64
CA ASN B 181 -7.05 -25.18 25.94
C ASN B 181 -6.88 -26.06 24.71
N THR B 182 -6.25 -27.21 24.88
CA THR B 182 -6.20 -28.23 23.84
C THR B 182 -7.50 -29.06 23.92
N PRO B 183 -7.97 -29.59 22.78
CA PRO B 183 -9.31 -30.17 22.70
C PRO B 183 -9.64 -31.20 23.78
N LEU B 184 -8.68 -32.04 24.14
CA LEU B 184 -8.95 -33.08 25.12
C LEU B 184 -8.92 -32.56 26.56
N ASN B 185 -8.49 -31.32 26.74
CA ASN B 185 -8.47 -30.70 28.06
C ASN B 185 -9.69 -29.82 28.31
N SER B 186 -10.36 -29.40 27.24
CA SER B 186 -11.47 -28.47 27.36
C SER B 186 -12.70 -29.10 28.01
N ALA B 187 -13.16 -28.46 29.09
CA ALA B 187 -14.35 -28.93 29.78
C ALA B 187 -15.63 -28.58 29.01
N SER B 188 -15.58 -27.47 28.27
CA SER B 188 -16.76 -27.00 27.57
C SER B 188 -16.87 -27.53 26.14
N GLY B 189 -15.72 -27.71 25.48
CA GLY B 189 -15.71 -28.03 24.07
C GLY B 189 -16.02 -26.80 23.23
N ASN B 190 -16.00 -25.64 23.86
CA ASN B 190 -16.23 -24.38 23.16
C ASN B 190 -14.96 -23.91 22.45
N MET B 191 -15.04 -23.76 21.12
CA MET B 191 -13.87 -23.42 20.31
C MET B 191 -13.24 -22.06 20.67
N HIS B 192 -14.04 -21.13 21.19
CA HIS B 192 -13.48 -19.82 21.58
C HIS B 192 -12.51 -19.91 22.75
N GLY B 193 -12.49 -21.07 23.41
CA GLY B 193 -11.54 -21.35 24.47
C GLY B 193 -10.29 -22.07 24.00
N MET B 194 -10.22 -22.36 22.70
CA MET B 194 -9.07 -23.07 22.12
C MET B 194 -8.26 -22.36 21.00
N PRO B 195 -8.57 -21.10 20.64
CA PRO B 195 -7.97 -20.65 19.37
C PRO B 195 -6.43 -20.65 19.28
N LEU B 196 -5.76 -20.42 20.40
CA LEU B 196 -4.30 -20.38 20.41
C LEU B 196 -3.62 -21.75 20.29
N SER B 197 -4.28 -22.79 20.79
CA SER B 197 -3.65 -24.12 20.84
C SER B 197 -3.35 -24.69 19.44
N PHE B 198 -4.17 -24.35 18.45
CA PHE B 198 -3.95 -24.79 17.07
C PHE B 198 -2.83 -24.01 16.38
N LEU B 199 -2.44 -22.89 16.98
CA LEU B 199 -1.44 -22.01 16.37
C LEU B 199 -0.04 -22.20 16.95
N VAL B 200 0.03 -22.67 18.19
CA VAL B 200 1.30 -22.75 18.90
C VAL B 200 2.04 -24.04 18.58
N LYS B 201 3.20 -23.90 17.93
CA LYS B 201 4.00 -25.03 17.48
C LYS B 201 4.34 -26.01 18.61
N GLU B 202 4.69 -25.49 19.77
CA GLU B 202 5.12 -26.34 20.88
C GLU B 202 3.98 -27.21 21.45
N LEU B 203 2.76 -26.96 21.00
CA LEU B 203 1.59 -27.65 21.54
C LEU B 203 1.02 -28.73 20.62
N GLN B 204 1.66 -28.96 19.48
CA GLN B 204 1.07 -29.80 18.44
C GLN B 204 0.99 -31.30 18.77
N ASP B 205 1.74 -31.75 19.76
CA ASP B 205 1.58 -33.13 20.21
C ASP B 205 0.39 -33.29 21.15
N GLN B 206 -0.31 -32.18 21.39
CA GLN B 206 -1.47 -32.18 22.29
C GLN B 206 -2.78 -31.97 21.53
N ILE B 207 -2.67 -31.68 20.24
CA ILE B 207 -3.84 -31.52 19.40
C ILE B 207 -4.13 -32.81 18.61
N PRO B 208 -5.35 -33.37 18.77
CA PRO B 208 -5.74 -34.57 18.03
C PRO B 208 -5.77 -34.30 16.53
N TRP B 209 -5.22 -35.23 15.75
CA TRP B 209 -5.23 -35.07 14.30
C TRP B 209 -6.64 -35.19 13.71
N LEU B 210 -6.99 -34.23 12.87
CA LEU B 210 -8.25 -34.27 12.12
C LEU B 210 -7.97 -33.77 10.72
N ASP B 211 -8.44 -34.52 9.71
CA ASP B 211 -8.10 -34.23 8.31
C ASP B 211 -8.49 -32.82 7.87
N ASP B 212 -9.64 -32.34 8.34
CA ASP B 212 -10.09 -31.00 7.94
C ASP B 212 -9.25 -29.88 8.56
N PHE B 213 -8.39 -30.24 9.51
CA PHE B 213 -7.50 -29.29 10.19
C PHE B 213 -6.12 -29.18 9.54
N GLU B 214 -5.90 -29.89 8.43
CA GLU B 214 -4.56 -29.92 7.84
C GLU B 214 -4.09 -28.55 7.38
N GLY B 215 -5.00 -27.76 6.81
CA GLY B 215 -4.67 -26.43 6.31
C GLY B 215 -4.38 -25.42 7.40
N ILE B 216 -4.75 -25.74 8.62
CA ILE B 216 -4.49 -24.85 9.76
C ILE B 216 -3.11 -25.13 10.31
N LYS B 217 -2.11 -24.43 9.78
CA LYS B 217 -0.72 -24.69 10.13
C LYS B 217 -0.30 -23.81 11.30
N PRO B 218 0.26 -24.45 12.34
CA PRO B 218 0.80 -23.73 13.50
C PRO B 218 1.86 -22.73 13.05
N CYS B 219 1.65 -21.46 13.35
CA CYS B 219 2.48 -20.39 12.82
C CYS B 219 3.09 -19.54 13.92
N LEU B 220 2.85 -19.92 15.16
CA LEU B 220 3.37 -19.18 16.30
C LEU B 220 4.28 -20.02 17.17
N ASN B 221 5.42 -19.46 17.57
CA ASN B 221 6.21 -20.04 18.63
C ASN B 221 5.74 -19.46 19.95
N ALA B 222 5.84 -20.25 21.01
CA ALA B 222 5.43 -19.83 22.35
C ALA B 222 6.11 -18.53 22.77
N SER B 223 7.30 -18.29 22.24
CA SER B 223 8.08 -17.10 22.60
C SER B 223 7.58 -15.82 21.94
N ASN B 224 6.60 -15.93 21.05
CA ASN B 224 6.08 -14.77 20.33
C ASN B 224 4.75 -14.26 20.86
N ILE B 225 4.27 -14.84 21.96
CA ILE B 225 2.98 -14.47 22.57
C ILE B 225 3.17 -13.89 23.96
N ALA B 226 2.42 -12.84 24.29
CA ALA B 226 2.36 -12.36 25.66
C ALA B 226 0.92 -12.07 26.06
N TYR B 227 0.53 -12.51 27.25
CA TYR B 227 -0.81 -12.29 27.78
C TYR B 227 -0.83 -11.10 28.73
N ILE B 228 -1.90 -10.33 28.70
CA ILE B 228 -2.19 -9.39 29.78
C ILE B 228 -3.65 -9.50 30.22
N GLY B 229 -3.88 -9.60 31.52
CA GLY B 229 -5.22 -9.48 32.08
C GLY B 229 -5.80 -10.77 32.65
N LEU B 230 -5.02 -11.84 32.60
CA LEU B 230 -5.52 -13.16 32.98
C LEU B 230 -5.98 -13.23 34.43
N ARG B 231 -7.10 -13.92 34.65
CA ARG B 231 -7.62 -14.13 36.00
C ARG B 231 -8.53 -15.36 36.09
N ASP B 232 -8.66 -16.11 35.01
CA ASP B 232 -9.45 -17.34 35.05
C ASP B 232 -8.88 -18.43 34.14
N LEU B 233 -7.64 -18.82 34.41
CA LEU B 233 -6.98 -19.90 33.68
C LEU B 233 -7.41 -21.27 34.16
N ASP B 234 -7.65 -22.20 33.23
CA ASP B 234 -7.83 -23.60 33.60
CA ASP B 234 -7.83 -23.60 33.61
C ASP B 234 -6.46 -24.17 33.94
N ALA B 235 -6.42 -25.18 34.80
CA ALA B 235 -5.16 -25.75 35.27
C ALA B 235 -4.25 -26.26 34.14
N HIS B 236 -4.84 -26.84 33.11
CA HIS B 236 -4.06 -27.33 31.98
C HIS B 236 -3.48 -26.20 31.14
N GLU B 237 -4.16 -25.06 31.12
CA GLU B 237 -3.62 -23.87 30.47
C GLU B 237 -2.39 -23.38 31.21
N THR B 238 -2.51 -23.28 32.53
CA THR B 238 -1.40 -22.85 33.38
C THR B 238 -0.19 -23.74 33.15
N HIS B 239 -0.43 -25.05 33.09
CA HIS B 239 0.64 -26.01 32.85
C HIS B 239 1.35 -25.73 31.53
N ASP B 240 0.59 -25.64 30.45
CA ASP B 240 1.15 -25.37 29.13
C ASP B 240 1.82 -24.00 29.02
N ILE B 241 1.24 -22.98 29.64
CA ILE B 241 1.79 -21.64 29.60
C ILE B 241 3.15 -21.58 30.29
N ARG B 242 3.22 -22.19 31.48
CA ARG B 242 4.48 -22.22 32.22
C ARG B 242 5.52 -23.14 31.58
N LYS B 243 5.09 -24.33 31.16
CA LYS B 243 6.01 -25.31 30.57
C LYS B 243 6.77 -24.73 29.37
N HIS B 244 6.05 -24.04 28.49
CA HIS B 244 6.66 -23.53 27.27
C HIS B 244 7.10 -22.08 27.36
N GLY B 245 7.09 -21.51 28.56
CA GLY B 245 7.58 -20.17 28.79
C GLY B 245 6.85 -19.07 28.04
N ILE B 246 5.53 -19.22 27.88
CA ILE B 246 4.76 -18.14 27.30
C ILE B 246 4.71 -16.99 28.31
N ALA B 247 5.14 -15.81 27.89
CA ALA B 247 5.10 -14.64 28.76
C ALA B 247 3.66 -14.31 29.12
N TYR B 248 3.40 -14.08 30.40
CA TYR B 248 2.02 -13.85 30.83
C TYR B 248 1.94 -12.96 32.06
N PHE B 249 1.05 -11.98 32.01
CA PHE B 249 0.88 -11.04 33.10
C PHE B 249 -0.58 -11.02 33.54
N THR B 250 -0.83 -11.64 34.69
CA THR B 250 -2.18 -11.77 35.21
C THR B 250 -2.59 -10.49 35.93
N MET B 251 -3.83 -10.45 36.42
CA MET B 251 -4.29 -9.30 37.20
C MET B 251 -3.51 -9.18 38.50
N LEU B 252 -2.98 -10.29 38.98
CA LEU B 252 -2.06 -10.27 40.13
C LEU B 252 -0.86 -9.41 39.79
N ASP B 253 -0.25 -9.66 38.62
CA ASP B 253 0.91 -8.88 38.18
C ASP B 253 0.56 -7.41 37.95
N VAL B 254 -0.60 -7.16 37.35
CA VAL B 254 -1.07 -5.80 37.17
C VAL B 254 -1.20 -5.08 38.54
N ASP B 255 -1.76 -5.77 39.52
CA ASP B 255 -1.88 -5.20 40.87
C ASP B 255 -0.51 -4.91 41.48
N ARG B 256 0.40 -5.87 41.39
CA ARG B 256 1.72 -5.70 42.01
C ARG B 256 2.68 -4.79 41.23
N MET B 257 2.66 -4.89 39.91
CA MET B 257 3.60 -4.13 39.09
C MET B 257 3.05 -2.80 38.58
N GLY B 258 1.73 -2.72 38.46
CA GLY B 258 1.13 -1.58 37.80
C GLY B 258 1.10 -1.81 36.29
N ILE B 259 0.06 -1.30 35.63
CA ILE B 259 -0.13 -1.55 34.20
C ILE B 259 1.01 -0.99 33.34
N GLU B 260 1.62 0.11 33.77
CA GLU B 260 2.70 0.73 32.98
C GLU B 260 3.88 -0.25 32.83
N ALA B 261 4.25 -0.89 33.93
CA ALA B 261 5.36 -1.83 33.90
C ALA B 261 4.98 -3.14 33.22
N VAL B 262 3.72 -3.53 33.36
CA VAL B 262 3.22 -4.74 32.69
C VAL B 262 3.31 -4.60 31.16
N ILE B 263 2.86 -3.45 30.66
CA ILE B 263 2.92 -3.18 29.23
C ILE B 263 4.36 -3.20 28.74
N LYS B 264 5.25 -2.58 29.51
CA LYS B 264 6.65 -2.50 29.13
C LYS B 264 7.30 -3.89 29.08
N GLU B 265 7.04 -4.70 30.10
CA GLU B 265 7.62 -6.05 30.16
C GLU B 265 7.05 -6.97 29.08
N ALA B 266 5.76 -6.82 28.77
CA ALA B 266 5.15 -7.62 27.71
C ALA B 266 5.78 -7.32 26.36
N LEU B 267 5.94 -6.04 26.03
CA LEU B 267 6.55 -5.65 24.77
C LEU B 267 8.01 -6.07 24.72
N LEU B 268 8.69 -5.95 25.86
CA LEU B 268 10.07 -6.39 25.98
C LEU B 268 10.18 -7.90 25.73
N ALA B 269 9.22 -8.66 26.26
CA ALA B 269 9.25 -10.11 26.14
C ALA B 269 9.09 -10.63 24.70
N VAL B 270 8.22 -10.01 23.91
CA VAL B 270 7.93 -10.53 22.57
C VAL B 270 8.29 -9.58 21.42
N ASN B 271 8.59 -8.32 21.73
CA ASN B 271 8.98 -7.36 20.69
C ASN B 271 10.04 -6.37 21.19
N PRO B 272 11.20 -6.88 21.62
CA PRO B 272 12.19 -6.13 22.41
C PRO B 272 12.70 -4.83 21.75
N ARG B 273 12.79 -4.81 20.43
CA ARG B 273 13.35 -3.65 19.75
C ARG B 273 12.37 -3.10 18.71
N LEU B 274 11.08 -3.39 18.92
CA LEU B 274 10.01 -2.97 18.01
C LEU B 274 10.27 -3.40 16.57
N GLU B 275 10.91 -4.55 16.39
CA GLU B 275 11.22 -5.08 15.07
C GLU B 275 10.04 -5.81 14.45
N LYS B 276 9.13 -6.30 15.28
CA LYS B 276 8.05 -7.15 14.80
C LYS B 276 6.70 -6.45 14.67
N ALA B 277 5.92 -6.86 13.67
CA ALA B 277 4.52 -6.45 13.56
C ALA B 277 3.75 -7.00 14.75
N ILE B 278 2.71 -6.30 15.18
CA ILE B 278 1.96 -6.73 16.34
C ILE B 278 0.54 -7.09 15.96
N HIS B 279 0.13 -8.30 16.34
CA HIS B 279 -1.26 -8.70 16.32
C HIS B 279 -1.82 -8.49 17.74
N LEU B 280 -2.68 -7.49 17.90
CA LEU B 280 -3.29 -7.24 19.20
C LEU B 280 -4.65 -7.92 19.25
N SER B 281 -4.77 -8.98 20.03
CA SER B 281 -6.04 -9.70 20.18
C SER B 281 -6.68 -9.33 21.52
N PHE B 282 -7.72 -8.50 21.45
CA PHE B 282 -8.34 -7.93 22.65
C PHE B 282 -9.71 -8.55 22.90
N ASP B 283 -9.81 -9.36 23.95
CA ASP B 283 -11.10 -9.89 24.36
C ASP B 283 -11.72 -8.83 25.26
N ILE B 284 -12.93 -8.40 24.93
CA ILE B 284 -13.60 -7.36 25.71
C ILE B 284 -13.75 -7.77 27.18
N ASP B 285 -13.78 -9.09 27.45
CA ASP B 285 -13.92 -9.54 28.84
C ASP B 285 -12.66 -9.39 29.69
N ALA B 286 -11.57 -8.93 29.07
CA ALA B 286 -10.38 -8.54 29.82
C ALA B 286 -10.71 -7.37 30.74
N LEU B 287 -11.61 -6.50 30.28
CA LEU B 287 -12.06 -5.35 31.04
C LEU B 287 -13.02 -5.81 32.12
N ASP B 288 -13.07 -5.07 33.21
CA ASP B 288 -13.98 -5.38 34.30
C ASP B 288 -15.43 -5.39 33.81
N PRO B 289 -16.23 -6.33 34.30
CA PRO B 289 -17.67 -6.41 33.97
C PRO B 289 -18.43 -5.10 34.25
N LEU B 290 -17.95 -4.28 35.18
CA LEU B 290 -18.58 -2.99 35.48
C LEU B 290 -18.55 -2.06 34.28
N VAL B 291 -17.56 -2.28 33.43
CA VAL B 291 -17.29 -1.43 32.29
C VAL B 291 -17.68 -2.14 30.97
N ALA B 292 -17.59 -3.46 30.95
CA ALA B 292 -17.99 -4.22 29.78
C ALA B 292 -18.83 -5.44 30.16
N PRO B 293 -20.07 -5.21 30.61
CA PRO B 293 -20.94 -6.29 31.06
C PRO B 293 -21.50 -7.19 29.95
N SER B 294 -21.65 -6.68 28.73
CA SER B 294 -22.31 -7.47 27.68
C SER B 294 -21.34 -8.39 26.94
N THR B 295 -20.92 -9.44 27.63
CA THR B 295 -19.99 -10.41 27.08
C THR B 295 -20.30 -11.75 27.74
N GLY B 296 -19.96 -12.85 27.08
CA GLY B 296 -20.45 -14.16 27.50
C GLY B 296 -19.81 -14.81 28.71
N THR B 297 -18.53 -14.55 28.95
CA THR B 297 -17.84 -15.11 30.10
C THR B 297 -17.16 -14.00 30.91
N ALA B 298 -17.97 -13.24 31.64
CA ALA B 298 -17.49 -12.11 32.43
C ALA B 298 -16.79 -12.58 33.70
N VAL B 299 -15.69 -11.93 34.06
CA VAL B 299 -14.95 -12.30 35.28
C VAL B 299 -14.60 -11.04 36.06
N PRO B 300 -15.10 -10.95 37.31
CA PRO B 300 -14.86 -9.81 38.21
C PRO B 300 -13.37 -9.53 38.42
N GLY B 301 -13.05 -8.28 38.78
CA GLY B 301 -11.69 -7.89 39.05
C GLY B 301 -10.84 -7.73 37.81
N GLY B 302 -11.41 -7.15 36.77
CA GLY B 302 -10.70 -6.98 35.51
C GLY B 302 -9.92 -5.69 35.36
N LEU B 303 -9.46 -5.44 34.15
CA LEU B 303 -8.80 -4.17 33.82
C LEU B 303 -9.85 -3.06 33.89
N THR B 304 -9.45 -1.90 34.41
CA THR B 304 -10.28 -0.71 34.29
C THR B 304 -10.22 -0.29 32.83
N LEU B 305 -11.19 0.52 32.41
CA LEU B 305 -11.15 1.07 31.06
C LEU B 305 -9.82 1.79 30.82
N ARG B 306 -9.40 2.57 31.80
CA ARG B 306 -8.12 3.28 31.74
C ARG B 306 -6.91 2.37 31.53
N GLU B 307 -6.86 1.26 32.26
CA GLU B 307 -5.77 0.30 32.05
C GLU B 307 -5.84 -0.30 30.64
N GLY B 308 -7.05 -0.56 30.17
CA GLY B 308 -7.25 -1.03 28.82
C GLY B 308 -6.76 -0.04 27.79
N LEU B 309 -7.08 1.23 28.01
CA LEU B 309 -6.64 2.29 27.11
C LEU B 309 -5.13 2.41 27.08
N ARG B 310 -4.50 2.30 28.24
CA ARG B 310 -3.04 2.39 28.35
C ARG B 310 -2.36 1.32 27.51
N ILE B 311 -2.89 0.10 27.56
CA ILE B 311 -2.36 -0.98 26.75
C ILE B 311 -2.42 -0.62 25.27
N CYS B 312 -3.59 -0.16 24.83
CA CYS B 312 -3.81 0.14 23.43
C CYS B 312 -3.01 1.36 22.98
N GLU B 313 -2.95 2.38 23.83
CA GLU B 313 -2.17 3.58 23.54
C GLU B 313 -0.68 3.26 23.35
N GLU B 314 -0.14 2.40 24.21
CA GLU B 314 1.27 2.02 24.11
C GLU B 314 1.54 1.14 22.89
N VAL B 315 0.66 0.18 22.62
CA VAL B 315 0.79 -0.67 21.46
C VAL B 315 0.70 0.16 20.18
N SER B 316 -0.24 1.09 20.16
CA SER B 316 -0.41 1.99 19.02
C SER B 316 0.87 2.79 18.76
N ALA B 317 1.45 3.37 19.82
CA ALA B 317 2.61 4.26 19.70
C ALA B 317 3.92 3.57 19.30
N THR B 318 3.95 2.24 19.28
CA THR B 318 5.14 1.53 18.80
C THR B 318 5.28 1.75 17.29
N GLY B 319 4.17 2.06 16.64
CA GLY B 319 4.15 2.17 15.19
C GLY B 319 4.12 0.80 14.52
N LYS B 320 3.94 -0.25 15.32
CA LYS B 320 3.95 -1.62 14.80
C LYS B 320 2.61 -2.34 14.93
N LEU B 321 1.55 -1.61 15.25
CA LEU B 321 0.22 -2.21 15.30
C LEU B 321 -0.20 -2.59 13.88
N SER B 322 -0.29 -3.87 13.62
CA SER B 322 -0.59 -4.35 12.29
C SER B 322 -2.03 -4.85 12.22
N VAL B 323 -2.44 -5.62 13.21
CA VAL B 323 -3.82 -6.03 13.32
C VAL B 323 -4.28 -5.88 14.76
N VAL B 324 -5.43 -5.25 14.96
CA VAL B 324 -6.11 -5.35 16.25
C VAL B 324 -7.48 -5.98 16.03
N GLU B 325 -7.80 -6.99 16.84
CA GLU B 325 -9.13 -7.59 16.80
C GLU B 325 -9.78 -7.46 18.17
N LEU B 326 -11.07 -7.19 18.17
CA LEU B 326 -11.82 -7.04 19.40
C LEU B 326 -12.90 -8.11 19.45
N ALA B 327 -12.77 -9.03 20.39
CA ALA B 327 -13.65 -10.20 20.46
C ALA B 327 -14.68 -10.17 21.59
N GLU B 328 -15.75 -10.96 21.41
CA GLU B 328 -16.71 -11.32 22.46
C GLU B 328 -17.73 -10.24 22.87
N LEU B 329 -17.85 -9.19 22.06
CA LEU B 329 -18.99 -8.29 22.24
C LEU B 329 -20.27 -9.06 22.00
N ASN B 330 -21.19 -9.01 22.95
CA ASN B 330 -22.50 -9.62 22.75
C ASN B 330 -23.66 -8.72 23.18
N PRO B 331 -24.23 -7.98 22.22
CA PRO B 331 -25.32 -7.02 22.44
C PRO B 331 -26.63 -7.68 22.90
N LEU B 332 -26.70 -9.00 22.86
CA LEU B 332 -27.89 -9.69 23.33
C LEU B 332 -27.82 -10.04 24.81
N LEU B 333 -26.72 -9.68 25.47
CA LEU B 333 -26.56 -9.94 26.90
C LEU B 333 -26.65 -8.66 27.72
N GLY B 334 -27.37 -8.71 28.83
CA GLY B 334 -27.50 -7.56 29.70
C GLY B 334 -28.61 -6.60 29.31
N SER B 335 -28.78 -5.56 30.09
CA SER B 335 -29.78 -4.53 29.80
C SER B 335 -29.32 -3.64 28.66
N GLN B 336 -30.21 -2.76 28.22
CA GLN B 336 -29.89 -1.76 27.20
C GLN B 336 -28.71 -0.91 27.67
N GLU B 337 -28.72 -0.53 28.94
CA GLU B 337 -27.64 0.29 29.48
C GLU B 337 -26.33 -0.49 29.53
N ASP B 338 -26.42 -1.78 29.84
CA ASP B 338 -25.25 -2.66 29.79
C ASP B 338 -24.64 -2.66 28.39
N VAL B 339 -25.50 -2.78 27.38
CA VAL B 339 -25.03 -2.81 26.00
C VAL B 339 -24.35 -1.48 25.64
N LEU B 340 -24.97 -0.37 26.04
CA LEU B 340 -24.40 0.95 25.79
C LEU B 340 -23.03 1.15 26.46
N LYS B 341 -22.88 0.66 27.68
CA LYS B 341 -21.60 0.74 28.38
C LYS B 341 -20.53 -0.07 27.64
N THR B 342 -20.91 -1.29 27.23
CA THR B 342 -19.98 -2.19 26.56
C THR B 342 -19.55 -1.63 25.22
N GLN B 343 -20.51 -1.11 24.47
CA GLN B 343 -20.25 -0.45 23.19
C GLN B 343 -19.33 0.76 23.37
N SER B 344 -19.62 1.59 24.35
CA SER B 344 -18.81 2.77 24.62
C SER B 344 -17.36 2.38 24.97
N SER B 345 -17.20 1.37 25.81
CA SER B 345 -15.87 0.91 26.19
C SER B 345 -15.10 0.39 24.97
N ALA B 346 -15.80 -0.37 24.13
CA ALA B 346 -15.22 -0.90 22.91
C ALA B 346 -14.76 0.20 21.96
N VAL B 347 -15.55 1.26 21.84
CA VAL B 347 -15.24 2.36 20.94
C VAL B 347 -14.01 3.14 21.41
N HIS B 348 -13.94 3.44 22.70
CA HIS B 348 -12.77 4.11 23.25
C HIS B 348 -11.49 3.27 23.08
N ILE B 349 -11.62 1.96 23.28
CA ILE B 349 -10.50 1.03 23.12
C ILE B 349 -9.98 1.06 21.68
N LEU B 350 -10.87 0.90 20.71
CA LEU B 350 -10.48 0.87 19.32
C LEU B 350 -9.88 2.20 18.86
N ARG B 351 -10.44 3.30 19.34
CA ARG B 351 -9.89 4.62 19.02
C ARG B 351 -8.46 4.74 19.52
N ALA B 352 -8.21 4.26 20.73
CA ALA B 352 -6.86 4.26 21.29
C ALA B 352 -5.91 3.46 20.40
N CYS B 353 -6.39 2.33 19.89
CA CYS B 353 -5.54 1.49 19.03
C CYS B 353 -5.11 2.26 17.79
N LEU B 354 -6.01 3.08 17.26
CA LEU B 354 -5.72 3.81 16.02
C LEU B 354 -4.92 5.08 16.24
N GLY B 355 -4.70 5.46 17.49
CA GLY B 355 -3.83 6.58 17.81
C GLY B 355 -4.50 7.75 18.50
N HIS B 356 -5.76 7.60 18.92
CA HIS B 356 -6.42 8.69 19.63
C HIS B 356 -5.70 9.01 20.94
N CYS B 357 -5.48 10.29 21.18
CA CYS B 357 -4.72 10.74 22.34
C CYS B 357 -5.66 11.44 23.31
N ARG B 358 -5.72 10.93 24.53
CA ARG B 358 -6.58 11.52 25.55
C ARG B 358 -6.13 12.93 25.93
N SER B 359 -4.88 13.25 25.59
CA SER B 359 -4.33 14.58 25.88
C SER B 359 -4.62 15.58 24.76
N GLY B 360 -5.45 15.19 23.80
CA GLY B 360 -5.90 16.11 22.76
C GLY B 360 -5.16 16.00 21.43
N HIS B 361 -5.81 16.53 20.39
CA HIS B 361 -5.23 16.59 19.04
C HIS B 361 -5.22 18.03 18.56
N LEU B 362 -4.20 18.40 17.79
CA LEU B 362 -4.12 19.72 17.17
C LEU B 362 -5.06 19.84 15.97
N PRO B 363 -5.60 21.04 15.73
CA PRO B 363 -6.48 21.27 14.57
C PRO B 363 -5.68 21.22 13.28
N PHE B 364 -6.25 20.62 12.24
CA PHE B 364 -5.56 20.54 10.96
C PHE B 364 -5.51 21.93 10.33
N LYS B 365 -6.50 22.75 10.67
CA LYS B 365 -6.53 24.16 10.27
C LYS B 365 -6.93 25.03 11.45
N VAL B 366 -6.04 25.94 11.84
CA VAL B 366 -6.30 26.83 12.98
C VAL B 366 -7.12 28.05 12.58
N ARG B 367 -8.28 28.20 13.22
CA ARG B 367 -9.20 29.27 12.89
C ARG B 367 -8.71 30.63 13.42
N ASN B 368 -9.06 31.70 12.71
CA ASN B 368 -8.46 33.00 12.97
C ASN B 368 -9.45 34.16 12.78
N LEU B 369 -9.84 34.79 13.89
CA LEU B 369 -10.93 35.77 13.92
C LEU B 369 -10.82 36.89 12.88
N THR B 370 -9.62 37.44 12.74
CA THR B 370 -9.45 38.64 11.93
C THR B 370 -9.50 38.36 10.43
N ASP B 371 -9.19 37.12 10.03
CA ASP B 371 -9.31 36.73 8.64
C ASP B 371 -10.76 36.66 8.23
N GLN B 372 -11.61 36.24 9.16
CA GLN B 372 -13.05 36.18 8.93
C GLN B 372 -13.68 37.57 8.94
N GLY B 373 -12.86 38.59 9.14
CA GLY B 373 -13.33 39.96 9.17
C GLY B 373 -14.24 40.26 10.35
N ILE B 374 -13.96 39.61 11.48
CA ILE B 374 -14.79 39.79 12.66
C ILE B 374 -14.05 40.53 13.76
N MET B 375 -14.68 41.58 14.27
CA MET B 375 -14.13 42.39 15.35
C MET B 375 -13.97 41.57 16.64
N SER B 376 -12.72 41.44 17.09
CA SER B 376 -12.44 40.75 18.34
C SER B 376 -12.51 41.73 19.50
N ARG B 377 -12.64 41.21 20.73
CA ARG B 377 -12.66 42.08 21.90
C ARG B 377 -11.33 42.80 22.03
N ALA B 378 -10.24 42.08 21.79
CA ALA B 378 -8.91 42.67 21.83
C ALA B 378 -8.78 43.76 20.79
N ALA B 379 -9.32 43.51 19.59
CA ALA B 379 -9.30 44.50 18.52
C ALA B 379 -10.13 45.72 18.90
N HIS B 380 -11.31 45.49 19.46
CA HIS B 380 -12.22 46.56 19.84
C HIS B 380 -11.61 47.49 20.89
N MET B 381 -10.93 46.91 21.86
CA MET B 381 -10.40 47.67 22.98
C MET B 381 -9.18 48.50 22.58
N GLN B 382 -8.42 47.99 21.61
CA GLN B 382 -7.18 48.65 21.17
C GLN B 382 -7.47 50.04 20.60
N THR B 383 -8.67 50.23 20.07
CA THR B 383 -9.08 51.51 19.51
C THR B 383 -9.21 52.57 20.61
N PRO C 38 35.83 14.07 -13.69
CA PRO C 38 34.89 13.00 -13.37
C PRO C 38 33.44 13.47 -13.55
N LYS C 39 32.96 13.50 -14.78
CA LYS C 39 31.62 14.00 -15.06
C LYS C 39 30.79 13.00 -15.85
N LEU C 40 29.57 12.77 -15.41
CA LEU C 40 28.73 11.69 -15.95
C LEU C 40 27.67 12.21 -16.91
N LEU C 41 27.39 11.43 -17.95
CA LEU C 41 26.36 11.75 -18.92
C LEU C 41 24.98 11.67 -18.28
N TYR C 42 24.83 10.71 -17.37
CA TYR C 42 23.59 10.53 -16.63
C TYR C 42 23.91 10.52 -15.15
N THR C 43 23.35 11.47 -14.41
CA THR C 43 23.62 11.59 -12.98
C THR C 43 22.50 10.96 -12.16
N SER C 44 21.32 10.86 -12.78
CA SER C 44 20.20 10.16 -12.15
C SER C 44 19.57 9.17 -13.13
N ALA C 45 18.78 8.25 -12.59
CA ALA C 45 18.16 7.22 -13.42
C ALA C 45 16.94 6.63 -12.71
N ASN C 46 15.97 6.16 -13.49
CA ASN C 46 14.79 5.52 -12.94
C ASN C 46 14.82 4.01 -13.17
N PHE C 47 14.23 3.28 -12.23
CA PHE C 47 14.19 1.82 -12.30
C PHE C 47 12.75 1.34 -12.24
N LEU C 48 12.39 0.44 -13.14
CA LEU C 48 11.01 -0.02 -13.26
C LEU C 48 10.99 -1.52 -13.54
N GLY C 49 10.26 -2.26 -12.71
CA GLY C 49 10.07 -3.68 -12.95
C GLY C 49 8.78 -3.98 -13.66
N ILE C 50 8.82 -4.88 -14.65
CA ILE C 50 7.61 -5.31 -15.34
C ILE C 50 7.61 -6.83 -15.46
N PRO C 51 6.94 -7.51 -14.53
CA PRO C 51 7.01 -8.97 -14.42
C PRO C 51 6.08 -9.73 -15.37
N THR C 52 6.09 -9.37 -16.65
CA THR C 52 5.29 -10.07 -17.65
C THR C 52 5.69 -11.54 -17.76
N ASN C 53 4.70 -12.42 -17.75
CA ASN C 53 4.93 -13.86 -17.87
C ASN C 53 3.90 -14.50 -18.80
N ARG C 54 3.03 -13.68 -19.37
CA ARG C 54 1.95 -14.19 -20.22
C ARG C 54 2.27 -14.07 -21.71
N GLY C 55 3.51 -13.70 -22.02
CA GLY C 55 3.95 -13.62 -23.40
C GLY C 55 4.64 -14.90 -23.85
N GLN C 56 4.82 -15.82 -22.90
CA GLN C 56 5.51 -17.09 -23.16
C GLN C 56 5.16 -18.10 -22.05
N PRO C 57 5.22 -19.41 -22.36
CA PRO C 57 4.64 -20.43 -21.48
C PRO C 57 5.47 -20.81 -20.27
N LYS C 58 6.77 -20.49 -20.24
CA LYS C 58 7.62 -20.90 -19.13
C LYS C 58 7.47 -19.97 -17.92
N ILE C 59 7.02 -20.52 -16.80
CA ILE C 59 6.84 -19.75 -15.59
C ILE C 59 8.20 -19.30 -15.05
N GLY C 60 8.30 -18.03 -14.66
CA GLY C 60 9.53 -17.54 -14.05
C GLY C 60 10.03 -16.17 -14.45
N THR C 61 9.62 -15.68 -15.61
CA THR C 61 10.06 -14.36 -16.06
C THR C 61 9.47 -13.27 -15.17
N TYR C 62 8.44 -13.61 -14.40
CA TYR C 62 7.85 -12.66 -13.46
C TYR C 62 8.81 -12.36 -12.31
N GLN C 63 9.79 -13.24 -12.12
CA GLN C 63 10.78 -13.08 -11.06
C GLN C 63 12.00 -12.31 -11.53
N GLY C 64 12.00 -11.94 -12.80
CA GLY C 64 13.09 -11.17 -13.40
C GLY C 64 13.47 -9.90 -12.64
N PRO C 65 12.51 -9.01 -12.38
CA PRO C 65 12.80 -7.78 -11.63
C PRO C 65 13.44 -8.05 -10.27
N GLU C 66 12.92 -9.06 -9.56
CA GLU C 66 13.48 -9.40 -8.25
C GLU C 66 14.90 -9.98 -8.35
N LEU C 67 15.22 -10.59 -9.48
CA LEU C 67 16.55 -11.12 -9.70
C LEU C 67 17.58 -9.99 -9.67
N ILE C 68 17.17 -8.82 -10.15
CA ILE C 68 18.06 -7.67 -10.22
C ILE C 68 18.04 -6.85 -8.93
N ARG C 69 16.86 -6.74 -8.31
CA ARG C 69 16.76 -6.06 -7.01
C ARG C 69 17.56 -6.80 -5.95
N LYS C 70 17.58 -8.13 -6.04
CA LYS C 70 18.34 -8.98 -5.13
C LYS C 70 19.85 -8.89 -5.35
N SER C 71 20.26 -8.42 -6.53
CA SER C 71 21.68 -8.32 -6.84
C SER C 71 22.26 -7.06 -6.21
N ASN C 72 23.54 -6.80 -6.49
CA ASN C 72 24.19 -5.60 -5.98
C ASN C 72 24.21 -4.50 -7.02
N PHE C 73 23.26 -4.57 -7.95
CA PHE C 73 23.14 -3.58 -9.03
C PHE C 73 22.93 -2.15 -8.50
N PHE C 74 21.98 -1.98 -7.58
CA PHE C 74 21.70 -0.68 -7.00
C PHE C 74 22.92 -0.07 -6.33
N GLN C 75 23.60 -0.89 -5.53
CA GLN C 75 24.81 -0.44 -4.83
C GLN C 75 25.91 -0.05 -5.80
N LEU C 76 26.14 -0.89 -6.81
CA LEU C 76 27.18 -0.63 -7.80
C LEU C 76 26.92 0.64 -8.58
N VAL C 77 25.66 0.86 -8.97
CA VAL C 77 25.28 2.09 -9.68
C VAL C 77 25.51 3.31 -8.78
N ALA C 78 25.09 3.20 -7.53
CA ALA C 78 25.29 4.26 -6.55
C ALA C 78 26.77 4.62 -6.41
N GLU C 79 27.62 3.59 -6.44
CA GLU C 79 29.05 3.79 -6.27
C GLU C 79 29.72 4.45 -7.49
N ASP C 80 29.05 4.42 -8.63
CA ASP C 80 29.56 5.14 -9.80
C ASP C 80 29.05 6.57 -9.80
N GLY C 81 28.25 6.90 -8.78
CA GLY C 81 27.82 8.27 -8.55
C GLY C 81 26.51 8.63 -9.20
N ILE C 82 25.74 7.61 -9.58
CA ILE C 82 24.44 7.81 -10.18
C ILE C 82 23.35 7.63 -9.13
N GLN C 83 22.36 8.51 -9.13
CA GLN C 83 21.22 8.39 -8.22
C GLN C 83 20.09 7.60 -8.88
N LEU C 84 19.84 6.39 -8.37
CA LEU C 84 18.86 5.49 -8.98
C LEU C 84 17.58 5.41 -8.16
N THR C 85 16.47 5.82 -8.77
CA THR C 85 15.18 5.80 -8.09
C THR C 85 14.32 4.59 -8.47
N ASP C 86 14.04 3.74 -7.49
CA ASP C 86 13.20 2.57 -7.70
C ASP C 86 11.73 3.00 -7.81
N CYS C 87 11.19 2.95 -9.03
CA CYS C 87 9.82 3.37 -9.28
C CYS C 87 8.82 2.23 -9.16
N GLY C 88 9.24 1.14 -8.52
CA GLY C 88 8.35 0.01 -8.27
C GLY C 88 8.11 -0.87 -9.48
N ASP C 89 7.09 -1.73 -9.37
CA ASP C 89 6.72 -2.65 -10.43
C ASP C 89 5.36 -2.30 -11.03
N ILE C 90 5.22 -2.51 -12.34
CA ILE C 90 3.91 -2.48 -12.97
C ILE C 90 3.23 -3.82 -12.70
N ILE C 91 1.92 -3.80 -12.47
CA ILE C 91 1.16 -5.02 -12.27
C ILE C 91 0.49 -5.43 -13.59
N PRO C 92 0.98 -6.51 -14.21
CA PRO C 92 0.40 -6.95 -15.50
C PRO C 92 -1.03 -7.45 -15.32
N VAL C 93 -1.85 -7.31 -16.36
CA VAL C 93 -3.18 -7.88 -16.34
C VAL C 93 -3.09 -9.33 -16.80
N GLU C 94 -3.51 -10.25 -15.93
CA GLU C 94 -3.46 -11.66 -16.24
C GLU C 94 -4.84 -12.28 -16.07
N LEU C 95 -5.59 -12.36 -17.17
CA LEU C 95 -6.94 -12.92 -17.16
C LEU C 95 -6.90 -14.43 -17.05
N ASN C 96 -8.05 -15.05 -16.85
CA ASN C 96 -8.12 -16.50 -16.88
C ASN C 96 -8.48 -17.02 -18.27
N GLU C 97 -8.41 -18.34 -18.46
CA GLU C 97 -8.64 -18.95 -19.76
C GLU C 97 -9.98 -18.57 -20.38
N ALA C 98 -11.02 -18.58 -19.55
CA ALA C 98 -12.36 -18.25 -20.02
C ALA C 98 -12.46 -16.82 -20.55
N GLU C 99 -11.81 -15.89 -19.86
CA GLU C 99 -11.82 -14.48 -20.25
C GLU C 99 -10.91 -14.20 -21.43
N ASP C 100 -9.91 -15.06 -21.63
CA ASP C 100 -8.86 -14.77 -22.60
C ASP C 100 -8.51 -15.98 -23.45
N PRO C 101 -9.46 -16.42 -24.31
CA PRO C 101 -9.21 -17.58 -25.17
C PRO C 101 -8.36 -17.22 -26.37
N GLN C 102 -7.86 -18.22 -27.09
CA GLN C 102 -7.10 -18.01 -28.31
C GLN C 102 -7.88 -17.20 -29.32
N ARG C 103 -7.23 -16.19 -29.90
CA ARG C 103 -7.81 -15.42 -30.99
C ARG C 103 -6.73 -15.24 -32.04
N PHE C 104 -7.02 -15.63 -33.28
CA PHE C 104 -6.07 -15.59 -34.38
C PHE C 104 -4.75 -16.26 -34.01
N GLY C 105 -4.83 -17.34 -33.25
CA GLY C 105 -3.66 -18.12 -32.87
C GLY C 105 -2.98 -17.62 -31.61
N MET C 106 -3.23 -16.36 -31.26
CA MET C 106 -2.55 -15.74 -30.13
C MET C 106 -2.97 -16.29 -28.79
N LYS C 107 -1.99 -16.57 -27.93
CA LYS C 107 -2.26 -16.99 -26.56
C LYS C 107 -2.19 -15.77 -25.65
N TRP C 108 -3.24 -15.59 -24.85
CA TRP C 108 -3.33 -14.49 -23.89
C TRP C 108 -3.29 -13.10 -24.54
N SER C 109 -4.05 -12.91 -25.61
CA SER C 109 -4.00 -11.65 -26.35
C SER C 109 -4.72 -10.49 -25.67
N ARG C 110 -5.72 -10.81 -24.84
CA ARG C 110 -6.43 -9.75 -24.12
C ARG C 110 -5.66 -9.34 -22.87
N SER C 111 -5.00 -10.30 -22.23
CA SER C 111 -4.07 -9.98 -21.16
C SER C 111 -2.98 -9.07 -21.71
N PHE C 112 -2.55 -9.36 -22.94
CA PHE C 112 -1.55 -8.55 -23.63
C PHE C 112 -2.03 -7.13 -23.92
N SER C 113 -3.19 -6.99 -24.54
CA SER C 113 -3.69 -5.66 -24.91
C SER C 113 -3.89 -4.80 -23.66
N LEU C 114 -4.44 -5.38 -22.61
CA LEU C 114 -4.65 -4.66 -21.36
C LEU C 114 -3.33 -4.32 -20.65
N THR C 115 -2.41 -5.28 -20.62
CA THR C 115 -1.10 -5.05 -20.00
C THR C 115 -0.32 -3.98 -20.76
N THR C 116 -0.42 -4.01 -22.08
CA THR C 116 0.25 -3.04 -22.94
C THR C 116 -0.16 -1.60 -22.64
N LEU C 117 -1.48 -1.37 -22.56
CA LEU C 117 -2.00 -0.03 -22.30
C LEU C 117 -1.60 0.44 -20.92
N ARG C 118 -1.56 -0.49 -19.97
CA ARG C 118 -1.17 -0.19 -18.60
C ARG C 118 0.32 0.15 -18.50
N ILE C 119 1.15 -0.58 -19.24
CA ILE C 119 2.59 -0.30 -19.28
C ILE C 119 2.85 1.05 -19.93
N ALA C 120 2.22 1.27 -21.08
CA ALA C 120 2.41 2.50 -21.85
C ALA C 120 2.02 3.76 -21.06
N GLU C 121 0.98 3.66 -20.26
CA GLU C 121 0.55 4.79 -19.45
C GLU C 121 1.59 5.15 -18.41
N ARG C 122 2.08 4.14 -17.70
CA ARG C 122 3.08 4.34 -16.65
C ARG C 122 4.41 4.84 -17.23
N VAL C 123 4.78 4.30 -18.38
CA VAL C 123 6.05 4.66 -19.01
C VAL C 123 6.03 6.08 -19.54
N GLU C 124 4.92 6.46 -20.17
CA GLU C 124 4.75 7.83 -20.65
C GLU C 124 4.83 8.84 -19.50
N GLU C 125 4.19 8.51 -18.39
CA GLU C 125 4.22 9.34 -17.19
C GLU C 125 5.64 9.53 -16.67
N LEU C 126 6.37 8.42 -16.56
CA LEU C 126 7.74 8.47 -16.07
C LEU C 126 8.67 9.25 -16.99
N MET C 127 8.45 9.12 -18.29
CA MET C 127 9.31 9.78 -19.28
C MET C 127 8.99 11.27 -19.43
N LYS C 128 7.87 11.70 -18.84
CA LYS C 128 7.50 13.10 -18.89
C LYS C 128 7.83 13.81 -17.57
N GLN C 129 7.90 13.04 -16.49
CA GLN C 129 8.24 13.59 -15.19
C GLN C 129 9.74 13.42 -14.92
N SER C 142 19.54 14.45 -18.88
CA SER C 142 18.76 13.29 -19.32
C SER C 142 18.72 12.19 -18.26
N THR C 143 17.50 11.80 -17.88
CA THR C 143 17.29 10.77 -16.87
C THR C 143 16.79 9.49 -17.52
N PRO C 144 17.67 8.49 -17.71
CA PRO C 144 17.30 7.25 -18.40
C PRO C 144 16.38 6.39 -17.55
N LEU C 145 15.48 5.67 -18.21
CA LEU C 145 14.60 4.71 -17.54
C LEU C 145 15.15 3.31 -17.78
N VAL C 146 15.48 2.61 -16.70
CA VAL C 146 15.92 1.22 -16.77
C VAL C 146 14.75 0.30 -16.44
N ILE C 147 14.41 -0.58 -17.38
CA ILE C 147 13.28 -1.48 -17.22
C ILE C 147 13.72 -2.95 -17.18
N VAL C 148 13.26 -3.69 -16.18
CA VAL C 148 13.61 -5.10 -16.11
C VAL C 148 12.36 -5.97 -16.21
N GLY C 149 12.32 -6.82 -17.24
CA GLY C 149 11.24 -7.78 -17.40
C GLY C 149 11.49 -9.06 -16.63
N GLY C 150 10.60 -10.05 -16.78
CA GLY C 150 9.48 -9.95 -17.69
C GLY C 150 9.86 -10.44 -19.07
N ASP C 151 8.94 -11.16 -19.72
CA ASP C 151 9.20 -11.61 -21.09
C ASP C 151 9.06 -10.42 -22.02
N HIS C 152 9.56 -10.57 -23.25
CA HIS C 152 9.72 -9.44 -24.17
C HIS C 152 8.42 -8.85 -24.70
N SER C 153 7.29 -9.45 -24.38
CA SER C 153 6.00 -8.92 -24.83
C SER C 153 5.73 -7.53 -24.27
N MET C 154 6.42 -7.19 -23.19
CA MET C 154 6.28 -5.88 -22.54
C MET C 154 6.72 -4.73 -23.46
N ALA C 155 7.55 -5.03 -24.45
CA ALA C 155 8.11 -4.01 -25.32
C ALA C 155 7.06 -3.22 -26.10
N THR C 156 5.93 -3.84 -26.41
CA THR C 156 4.85 -3.13 -27.11
C THR C 156 4.35 -1.98 -26.24
N GLY C 157 4.23 -2.24 -24.94
CA GLY C 157 3.82 -1.22 -23.99
C GLY C 157 4.90 -0.19 -23.70
N THR C 158 6.11 -0.67 -23.44
CA THR C 158 7.20 0.24 -23.06
C THR C 158 7.54 1.20 -24.20
N ILE C 159 7.57 0.70 -25.42
CA ILE C 159 7.86 1.54 -26.57
C ILE C 159 6.69 2.49 -26.88
N LEU C 160 5.47 1.98 -26.75
CA LEU C 160 4.29 2.82 -26.95
C LEU C 160 4.32 4.00 -25.99
N GLY C 161 4.52 3.71 -24.71
CA GLY C 161 4.58 4.75 -23.71
C GLY C 161 5.73 5.70 -23.98
N HIS C 162 6.89 5.14 -24.26
CA HIS C 162 8.09 5.91 -24.55
C HIS C 162 7.86 6.85 -25.72
N ALA C 163 7.28 6.32 -26.80
CA ALA C 163 7.05 7.09 -28.01
C ALA C 163 6.03 8.21 -27.82
N GLU C 164 5.16 8.08 -26.84
CA GLU C 164 4.19 9.13 -26.57
C GLU C 164 4.91 10.34 -26.00
N ALA C 165 5.94 10.10 -25.20
CA ALA C 165 6.73 11.17 -24.62
C ALA C 165 7.85 11.65 -25.56
N LYS C 166 8.32 10.76 -26.43
CA LYS C 166 9.37 11.09 -27.39
C LYS C 166 9.10 10.44 -28.74
N PRO C 167 8.30 11.10 -29.59
CA PRO C 167 7.75 10.50 -30.81
C PRO C 167 8.81 10.18 -31.86
N ASP C 168 9.95 10.86 -31.79
CA ASP C 168 10.99 10.69 -32.80
C ASP C 168 12.07 9.68 -32.41
N LEU C 169 11.79 8.85 -31.41
CA LEU C 169 12.79 7.90 -30.92
C LEU C 169 13.25 6.89 -31.98
N CYS C 170 14.37 6.25 -31.72
CA CYS C 170 14.78 5.10 -32.52
C CYS C 170 14.88 3.90 -31.61
N VAL C 171 14.84 2.70 -32.19
CA VAL C 171 14.88 1.50 -31.40
C VAL C 171 16.08 0.63 -31.79
N LEU C 172 16.84 0.21 -30.79
CA LEU C 172 17.91 -0.76 -31.01
C LEU C 172 17.51 -2.06 -30.35
N TRP C 173 17.27 -3.07 -31.18
CA TRP C 173 16.73 -4.33 -30.72
C TRP C 173 17.84 -5.38 -30.66
N ILE C 174 18.26 -5.73 -29.45
CA ILE C 174 19.35 -6.69 -29.24
C ILE C 174 18.74 -8.03 -28.86
N ASP C 175 18.78 -8.98 -29.78
CA ASP C 175 18.02 -10.21 -29.61
C ASP C 175 18.53 -11.27 -30.57
N ALA C 176 18.40 -12.53 -30.19
CA ALA C 176 18.66 -13.64 -31.10
C ALA C 176 17.48 -13.78 -32.06
N HIS C 177 16.34 -13.22 -31.68
CA HIS C 177 15.09 -13.36 -32.42
C HIS C 177 14.56 -12.02 -32.92
N GLY C 178 13.78 -12.08 -33.99
CA GLY C 178 13.24 -10.87 -34.60
C GLY C 178 12.08 -10.27 -33.83
N ASP C 179 11.38 -11.11 -33.06
CA ASP C 179 10.23 -10.67 -32.26
C ASP C 179 9.24 -9.83 -33.05
N ILE C 180 9.08 -10.16 -34.33
CA ILE C 180 8.27 -9.34 -35.23
C ILE C 180 7.29 -10.22 -36.03
N ASN C 181 6.95 -11.38 -35.48
CA ASN C 181 5.93 -12.21 -36.09
C ASN C 181 4.59 -11.50 -36.07
N THR C 182 3.93 -11.46 -37.22
CA THR C 182 2.53 -11.04 -37.26
C THR C 182 1.69 -12.24 -36.83
N PRO C 183 0.56 -11.98 -36.13
CA PRO C 183 -0.25 -13.04 -35.48
C PRO C 183 -0.57 -14.25 -36.35
N LEU C 184 -0.94 -14.04 -37.60
CA LEU C 184 -1.33 -15.14 -38.47
C LEU C 184 -0.14 -15.99 -38.92
N ASN C 185 1.07 -15.48 -38.72
CA ASN C 185 2.28 -16.21 -39.09
C ASN C 185 2.98 -16.90 -37.93
N SER C 186 2.53 -16.62 -36.71
CA SER C 186 3.18 -17.18 -35.53
C SER C 186 2.86 -18.66 -35.36
N ALA C 187 3.90 -19.48 -35.38
CA ALA C 187 3.75 -20.91 -35.14
C ALA C 187 3.36 -21.18 -33.69
N SER C 188 3.83 -20.32 -32.79
CA SER C 188 3.65 -20.55 -31.35
C SER C 188 2.42 -19.86 -30.77
N GLY C 189 2.09 -18.68 -31.26
CA GLY C 189 1.04 -17.88 -30.65
C GLY C 189 1.50 -17.20 -29.36
N ASN C 190 2.81 -17.28 -29.11
CA ASN C 190 3.42 -16.62 -27.96
C ASN C 190 3.65 -15.14 -28.25
N MET C 191 3.01 -14.27 -27.47
CA MET C 191 3.07 -12.82 -27.71
C MET C 191 4.47 -12.23 -27.66
N HIS C 192 5.39 -12.87 -26.94
CA HIS C 192 6.74 -12.32 -26.82
C HIS C 192 7.52 -12.40 -28.13
N GLY C 193 6.93 -13.07 -29.12
CA GLY C 193 7.52 -13.18 -30.45
C GLY C 193 6.86 -12.26 -31.46
N MET C 194 5.92 -11.46 -30.98
CA MET C 194 5.21 -10.50 -31.84
C MET C 194 5.25 -9.01 -31.44
N PRO C 195 5.99 -8.63 -30.37
CA PRO C 195 5.69 -7.29 -29.85
C PRO C 195 5.97 -6.12 -30.81
N LEU C 196 6.90 -6.30 -31.74
CA LEU C 196 7.24 -5.26 -32.69
C LEU C 196 6.22 -5.14 -33.83
N SER C 197 5.53 -6.22 -34.14
CA SER C 197 4.60 -6.23 -35.25
C SER C 197 3.43 -5.25 -35.07
N PHE C 198 3.01 -5.06 -33.82
CA PHE C 198 1.90 -4.16 -33.52
C PHE C 198 2.34 -2.69 -33.56
N LEU C 199 3.64 -2.46 -33.57
CA LEU C 199 4.20 -1.11 -33.48
C LEU C 199 4.67 -0.54 -34.82
N VAL C 200 5.00 -1.43 -35.76
CA VAL C 200 5.55 -1.01 -37.05
C VAL C 200 4.45 -0.65 -38.05
N LYS C 201 4.46 0.61 -38.49
CA LYS C 201 3.42 1.17 -39.36
C LYS C 201 3.24 0.40 -40.66
N GLU C 202 4.36 0.03 -41.27
CA GLU C 202 4.36 -0.67 -42.56
C GLU C 202 3.73 -2.07 -42.49
N LEU C 203 3.48 -2.55 -41.27
CA LEU C 203 3.04 -3.92 -41.06
C LEU C 203 1.55 -4.04 -40.71
N GLN C 204 0.85 -2.91 -40.67
CA GLN C 204 -0.51 -2.89 -40.15
C GLN C 204 -1.58 -3.56 -41.01
N ASP C 205 -1.28 -3.80 -42.28
CA ASP C 205 -2.20 -4.57 -43.11
C ASP C 205 -2.02 -6.09 -42.89
N GLN C 206 -1.15 -6.44 -41.94
CA GLN C 206 -0.93 -7.83 -41.59
C GLN C 206 -1.32 -8.11 -40.15
N ILE C 207 -1.85 -7.10 -39.47
CA ILE C 207 -2.35 -7.26 -38.11
C ILE C 207 -3.86 -7.43 -38.12
N PRO C 208 -4.35 -8.59 -37.67
CA PRO C 208 -5.79 -8.83 -37.65
C PRO C 208 -6.47 -7.84 -36.71
N TRP C 209 -7.60 -7.27 -37.12
CA TRP C 209 -8.30 -6.32 -36.29
C TRP C 209 -8.95 -6.96 -35.06
N LEU C 210 -8.76 -6.32 -33.92
CA LEU C 210 -9.40 -6.72 -32.67
C LEU C 210 -9.65 -5.42 -31.89
N ASP C 211 -10.89 -5.22 -31.46
CA ASP C 211 -11.28 -3.93 -30.90
C ASP C 211 -10.49 -3.49 -29.66
N ASP C 212 -10.05 -4.44 -28.84
CA ASP C 212 -9.24 -4.10 -27.67
C ASP C 212 -7.80 -3.73 -28.03
N PHE C 213 -7.45 -3.88 -29.30
CA PHE C 213 -6.12 -3.48 -29.78
C PHE C 213 -6.15 -2.08 -30.38
N GLU C 214 -7.30 -1.42 -30.29
CA GLU C 214 -7.47 -0.10 -30.90
C GLU C 214 -6.52 0.95 -30.31
N GLY C 215 -6.38 0.94 -28.99
CA GLY C 215 -5.50 1.89 -28.31
C GLY C 215 -4.03 1.59 -28.48
N ILE C 216 -3.71 0.44 -29.08
CA ILE C 216 -2.32 0.11 -29.39
C ILE C 216 -2.00 0.65 -30.78
N LYS C 217 -1.59 1.91 -30.83
CA LYS C 217 -1.31 2.57 -32.09
C LYS C 217 0.14 2.36 -32.54
N PRO C 218 0.33 2.09 -33.83
CA PRO C 218 1.65 1.92 -34.45
C PRO C 218 2.41 3.23 -34.40
N CYS C 219 3.53 3.24 -33.70
CA CYS C 219 4.27 4.48 -33.47
C CYS C 219 5.69 4.42 -34.02
N LEU C 220 6.02 3.32 -34.70
CA LEU C 220 7.35 3.13 -35.27
C LEU C 220 7.29 3.00 -36.79
N ASN C 221 8.20 3.67 -37.48
CA ASN C 221 8.46 3.36 -38.87
C ASN C 221 9.56 2.31 -38.94
N ALA C 222 9.55 1.51 -39.99
CA ALA C 222 10.56 0.47 -40.18
C ALA C 222 11.97 1.07 -40.17
N SER C 223 12.09 2.29 -40.68
CA SER C 223 13.39 2.95 -40.80
C SER C 223 14.00 3.38 -39.48
N ASN C 224 13.26 3.21 -38.39
CA ASN C 224 13.74 3.63 -37.08
C ASN C 224 14.17 2.49 -36.16
N ILE C 225 14.14 1.27 -36.70
CA ILE C 225 14.57 0.09 -35.94
C ILE C 225 15.87 -0.47 -36.50
N ALA C 226 16.76 -0.90 -35.61
CA ALA C 226 17.95 -1.64 -36.00
C ALA C 226 18.13 -2.86 -35.08
N TYR C 227 18.35 -4.02 -35.68
CA TYR C 227 18.57 -5.25 -34.93
C TYR C 227 20.06 -5.53 -34.81
N ILE C 228 20.48 -6.06 -33.66
CA ILE C 228 21.80 -6.66 -33.53
C ILE C 228 21.73 -8.01 -32.82
N GLY C 229 22.34 -9.04 -33.41
CA GLY C 229 22.54 -10.29 -32.70
C GLY C 229 21.66 -11.44 -33.17
N LEU C 230 20.92 -11.21 -34.25
CA LEU C 230 19.98 -12.19 -34.80
C LEU C 230 20.63 -13.50 -35.23
N ARG C 231 19.99 -14.62 -34.91
CA ARG C 231 20.48 -15.93 -35.33
C ARG C 231 19.39 -17.00 -35.42
N ASP C 232 18.17 -16.63 -35.07
CA ASP C 232 17.06 -17.59 -35.17
C ASP C 232 15.78 -16.93 -35.70
N LEU C 233 15.85 -16.37 -36.91
CA LEU C 233 14.71 -15.71 -37.53
C LEU C 233 13.75 -16.72 -38.14
N ASP C 234 12.44 -16.47 -37.98
CA ASP C 234 11.43 -17.21 -38.71
C ASP C 234 11.40 -16.67 -40.14
N ALA C 235 11.01 -17.51 -41.09
CA ALA C 235 11.08 -17.17 -42.50
C ALA C 235 10.25 -15.94 -42.86
N HIS C 236 9.10 -15.78 -42.21
CA HIS C 236 8.22 -14.66 -42.53
C HIS C 236 8.70 -13.36 -41.90
N GLU C 237 9.40 -13.47 -40.79
CA GLU C 237 10.10 -12.33 -40.22
C GLU C 237 11.19 -11.84 -41.17
N THR C 238 11.95 -12.78 -41.72
CA THR C 238 12.99 -12.45 -42.69
C THR C 238 12.40 -11.72 -43.89
N HIS C 239 11.27 -12.21 -44.38
CA HIS C 239 10.57 -11.57 -45.49
C HIS C 239 10.18 -10.14 -45.15
N ASP C 240 9.55 -9.96 -43.99
CA ASP C 240 9.08 -8.63 -43.57
C ASP C 240 10.23 -7.66 -43.33
N ILE C 241 11.29 -8.14 -42.68
CA ILE C 241 12.44 -7.31 -42.39
C ILE C 241 13.10 -6.78 -43.67
N ARG C 242 13.30 -7.66 -44.65
CA ARG C 242 13.94 -7.27 -45.90
C ARG C 242 13.00 -6.45 -46.79
N LYS C 243 11.72 -6.78 -46.77
CA LYS C 243 10.74 -6.07 -47.59
C LYS C 243 10.64 -4.59 -47.19
N HIS C 244 10.60 -4.33 -45.89
CA HIS C 244 10.44 -2.96 -45.39
C HIS C 244 11.76 -2.30 -45.02
N GLY C 245 12.86 -2.95 -45.38
CA GLY C 245 14.19 -2.38 -45.18
C GLY C 245 14.54 -2.05 -43.75
N ILE C 246 14.11 -2.88 -42.81
CA ILE C 246 14.53 -2.73 -41.43
C ILE C 246 16.01 -3.09 -41.31
N ALA C 247 16.79 -2.19 -40.73
CA ALA C 247 18.23 -2.43 -40.55
C ALA C 247 18.45 -3.60 -39.60
N TYR C 248 19.27 -4.56 -40.03
CA TYR C 248 19.53 -5.71 -39.18
C TYR C 248 20.94 -6.26 -39.32
N PHE C 249 21.51 -6.65 -38.19
CA PHE C 249 22.86 -7.19 -38.14
C PHE C 249 22.84 -8.51 -37.36
N THR C 250 22.94 -9.60 -38.10
CA THR C 250 22.86 -10.95 -37.52
C THR C 250 24.22 -11.36 -36.96
N MET C 251 24.28 -12.52 -36.32
CA MET C 251 25.55 -13.03 -35.81
C MET C 251 26.53 -13.32 -36.95
N LEU C 252 26.00 -13.53 -38.15
CA LEU C 252 26.82 -13.68 -39.35
C LEU C 252 27.54 -12.35 -39.60
N ASP C 253 26.79 -11.26 -39.49
CA ASP C 253 27.35 -9.92 -39.66
C ASP C 253 28.35 -9.58 -38.56
N VAL C 254 28.03 -9.97 -37.33
CA VAL C 254 28.95 -9.77 -36.23
C VAL C 254 30.29 -10.49 -36.52
N ASP C 255 30.20 -11.74 -36.95
CA ASP C 255 31.39 -12.52 -37.28
C ASP C 255 32.22 -11.87 -38.39
N ARG C 256 31.55 -11.46 -39.46
CA ARG C 256 32.24 -10.91 -40.62
C ARG C 256 32.72 -9.47 -40.44
N MET C 257 31.91 -8.64 -39.79
CA MET C 257 32.23 -7.21 -39.67
C MET C 257 32.95 -6.86 -38.38
N GLY C 258 32.70 -7.65 -37.33
CA GLY C 258 33.18 -7.30 -36.00
C GLY C 258 32.13 -6.47 -35.29
N ILE C 259 32.01 -6.62 -33.98
CA ILE C 259 30.98 -5.90 -33.23
C ILE C 259 31.14 -4.38 -33.30
N GLU C 260 32.39 -3.90 -33.41
CA GLU C 260 32.64 -2.45 -33.46
C GLU C 260 31.96 -1.83 -34.68
N ALA C 261 32.15 -2.45 -35.85
CA ALA C 261 31.54 -1.93 -37.07
C ALA C 261 30.01 -2.08 -37.05
N VAL C 262 29.52 -3.20 -36.50
CA VAL C 262 28.09 -3.44 -36.40
C VAL C 262 27.40 -2.34 -35.60
N ILE C 263 27.97 -2.00 -34.45
CA ILE C 263 27.43 -0.95 -33.60
C ILE C 263 27.44 0.39 -34.32
N LYS C 264 28.52 0.67 -35.03
CA LYS C 264 28.63 1.91 -35.79
C LYS C 264 27.57 1.98 -36.89
N GLU C 265 27.35 0.87 -37.59
CA GLU C 265 26.41 0.83 -38.70
C GLU C 265 24.96 0.85 -38.22
N ALA C 266 24.72 0.32 -37.04
CA ALA C 266 23.37 0.29 -36.48
C ALA C 266 22.96 1.70 -36.08
N LEU C 267 23.88 2.43 -35.44
CA LEU C 267 23.63 3.79 -35.03
C LEU C 267 23.52 4.71 -36.24
N LEU C 268 24.27 4.40 -37.29
CA LEU C 268 24.25 5.21 -38.50
C LEU C 268 22.93 5.06 -39.25
N ALA C 269 22.38 3.85 -39.22
CA ALA C 269 21.13 3.57 -39.92
C ALA C 269 19.92 4.27 -39.29
N VAL C 270 19.83 4.25 -37.96
CA VAL C 270 18.64 4.77 -37.29
C VAL C 270 18.84 6.03 -36.44
N ASN C 271 20.09 6.48 -36.28
CA ASN C 271 20.36 7.68 -35.48
C ASN C 271 21.64 8.38 -35.93
N PRO C 272 21.69 8.80 -37.20
CA PRO C 272 22.93 9.22 -37.88
C PRO C 272 23.67 10.35 -37.16
N ARG C 273 22.93 11.26 -36.57
CA ARG C 273 23.51 12.45 -35.98
C ARG C 273 23.24 12.54 -34.49
N LEU C 274 22.84 11.41 -33.90
CA LEU C 274 22.51 11.33 -32.48
C LEU C 274 21.45 12.36 -32.10
N GLU C 275 20.54 12.62 -33.03
CA GLU C 275 19.45 13.55 -32.81
C GLU C 275 18.30 12.91 -32.04
N LYS C 276 18.13 11.60 -32.22
CA LYS C 276 16.96 10.91 -31.68
C LYS C 276 17.24 10.26 -30.33
N ALA C 277 16.23 10.25 -29.46
CA ALA C 277 16.30 9.49 -28.22
C ALA C 277 16.38 8.01 -28.57
N ILE C 278 17.00 7.21 -27.69
CA ILE C 278 17.20 5.80 -27.99
C ILE C 278 16.46 4.87 -27.04
N HIS C 279 15.66 3.98 -27.62
CA HIS C 279 15.04 2.89 -26.88
C HIS C 279 15.86 1.62 -27.11
N LEU C 280 16.60 1.20 -26.10
CA LEU C 280 17.42 0.00 -26.23
C LEU C 280 16.67 -1.18 -25.64
N SER C 281 16.22 -2.08 -26.50
CA SER C 281 15.51 -3.28 -26.05
C SER C 281 16.42 -4.48 -26.07
N PHE C 282 16.90 -4.88 -24.89
CA PHE C 282 17.89 -5.94 -24.78
C PHE C 282 17.27 -7.24 -24.30
N ASP C 283 17.21 -8.23 -25.17
CA ASP C 283 16.80 -9.57 -24.77
C ASP C 283 18.05 -10.28 -24.25
N ILE C 284 18.00 -10.76 -23.01
CA ILE C 284 19.14 -11.46 -22.44
C ILE C 284 19.59 -12.65 -23.31
N ASP C 285 18.67 -13.22 -24.10
CA ASP C 285 19.02 -14.36 -24.95
C ASP C 285 19.83 -13.97 -26.19
N ALA C 286 20.04 -12.67 -26.37
CA ALA C 286 20.97 -12.20 -27.39
C ALA C 286 22.37 -12.68 -27.03
N LEU C 287 22.63 -12.78 -25.73
CA LEU C 287 23.91 -13.28 -25.25
C LEU C 287 23.97 -14.79 -25.40
N ASP C 288 25.19 -15.32 -25.52
CA ASP C 288 25.40 -16.75 -25.62
C ASP C 288 24.92 -17.45 -24.34
N PRO C 289 24.27 -18.62 -24.49
CA PRO C 289 23.77 -19.43 -23.38
C PRO C 289 24.85 -19.80 -22.35
N LEU C 290 26.11 -19.82 -22.77
CA LEU C 290 27.22 -20.08 -21.84
C LEU C 290 27.31 -19.00 -20.77
N VAL C 291 26.75 -17.83 -21.07
CA VAL C 291 26.89 -16.66 -20.24
C VAL C 291 25.52 -16.22 -19.69
N ALA C 292 24.46 -16.58 -20.43
CA ALA C 292 23.10 -16.29 -19.99
C ALA C 292 22.20 -17.52 -20.18
N PRO C 293 22.44 -18.58 -19.39
CA PRO C 293 21.70 -19.84 -19.55
C PRO C 293 20.23 -19.73 -19.16
N SER C 294 19.95 -18.94 -18.13
CA SER C 294 18.62 -18.93 -17.53
C SER C 294 17.65 -18.03 -18.28
N THR C 295 17.25 -18.49 -19.46
CA THR C 295 16.32 -17.77 -20.31
C THR C 295 15.54 -18.80 -21.12
N GLY C 296 14.33 -18.44 -21.52
CA GLY C 296 13.38 -19.40 -22.08
C GLY C 296 13.64 -19.93 -23.46
N THR C 297 14.21 -19.11 -24.34
CA THR C 297 14.50 -19.54 -25.71
C THR C 297 15.96 -19.29 -26.06
N ALA C 298 16.84 -20.08 -25.44
CA ALA C 298 18.27 -19.95 -25.62
C ALA C 298 18.69 -20.45 -27.00
N VAL C 299 19.64 -19.76 -27.62
CA VAL C 299 20.14 -20.13 -28.93
C VAL C 299 21.65 -20.06 -28.95
N PRO C 300 22.31 -21.20 -29.22
CA PRO C 300 23.77 -21.27 -29.27
C PRO C 300 24.39 -20.26 -30.23
N GLY C 301 25.65 -19.92 -30.01
CA GLY C 301 26.37 -19.04 -30.91
C GLY C 301 26.03 -17.57 -30.75
N GLY C 302 25.84 -17.14 -29.51
CA GLY C 302 25.42 -15.77 -29.26
C GLY C 302 26.53 -14.74 -29.11
N LEU C 303 26.13 -13.54 -28.72
CA LEU C 303 27.09 -12.48 -28.38
C LEU C 303 27.84 -12.87 -27.12
N THR C 304 29.14 -12.59 -27.10
CA THR C 304 29.89 -12.75 -25.86
C THR C 304 29.43 -11.64 -24.93
N LEU C 305 29.68 -11.79 -23.63
CA LEU C 305 29.37 -10.73 -22.68
C LEU C 305 30.07 -9.44 -23.12
N ARG C 306 31.31 -9.58 -23.57
CA ARG C 306 32.10 -8.44 -24.04
C ARG C 306 31.46 -7.71 -25.20
N GLU C 307 30.97 -8.45 -26.20
CA GLU C 307 30.27 -7.83 -27.32
C GLU C 307 28.99 -7.12 -26.86
N GLY C 308 28.25 -7.76 -25.96
CA GLY C 308 27.07 -7.15 -25.40
C GLY C 308 27.42 -5.89 -24.63
N LEU C 309 28.55 -5.93 -23.93
CA LEU C 309 29.04 -4.78 -23.18
C LEU C 309 29.37 -3.61 -24.11
N ARG C 310 30.01 -3.92 -25.24
CA ARG C 310 30.37 -2.89 -26.21
C ARG C 310 29.16 -2.16 -26.78
N ILE C 311 28.11 -2.92 -27.08
CA ILE C 311 26.85 -2.35 -27.56
C ILE C 311 26.33 -1.33 -26.55
N CYS C 312 26.26 -1.75 -25.29
CA CYS C 312 25.72 -0.91 -24.23
C CYS C 312 26.62 0.28 -23.90
N GLU C 313 27.93 0.09 -24.00
CA GLU C 313 28.87 1.17 -23.73
C GLU C 313 28.74 2.26 -24.78
N GLU C 314 28.61 1.85 -26.04
CA GLU C 314 28.51 2.81 -27.13
C GLU C 314 27.16 3.51 -27.17
N VAL C 315 26.10 2.78 -26.83
CA VAL C 315 24.76 3.36 -26.76
C VAL C 315 24.72 4.40 -25.64
N SER C 316 25.24 4.02 -24.48
CA SER C 316 25.31 4.90 -23.33
C SER C 316 26.07 6.20 -23.65
N ALA C 317 27.19 6.05 -24.35
CA ALA C 317 28.10 7.18 -24.61
C ALA C 317 27.54 8.17 -25.63
N THR C 318 26.47 7.81 -26.33
CA THR C 318 25.84 8.75 -27.24
C THR C 318 25.21 9.90 -26.45
N GLY C 319 24.89 9.63 -25.19
CA GLY C 319 24.17 10.59 -24.37
C GLY C 319 22.67 10.59 -24.65
N LYS C 320 22.23 9.66 -25.50
CA LYS C 320 20.83 9.63 -25.92
C LYS C 320 20.08 8.41 -25.38
N LEU C 321 20.71 7.64 -24.50
CA LEU C 321 20.00 6.51 -23.89
C LEU C 321 18.80 7.01 -23.09
N SER C 322 17.62 6.76 -23.62
CA SER C 322 16.39 7.25 -23.03
C SER C 322 15.72 6.15 -22.20
N VAL C 323 15.57 4.97 -22.82
CA VAL C 323 15.09 3.79 -22.12
C VAL C 323 15.96 2.58 -22.46
N VAL C 324 16.35 1.82 -21.45
CA VAL C 324 16.88 0.48 -21.69
C VAL C 324 15.98 -0.52 -20.97
N GLU C 325 15.56 -1.55 -21.70
CA GLU C 325 14.80 -2.63 -21.09
C GLU C 325 15.54 -3.95 -21.27
N LEU C 326 15.54 -4.77 -20.21
CA LEU C 326 16.19 -6.06 -20.26
C LEU C 326 15.16 -7.17 -20.12
N ALA C 327 14.99 -7.95 -21.18
CA ALA C 327 13.90 -8.92 -21.25
C ALA C 327 14.37 -10.37 -21.10
N GLU C 328 13.45 -11.20 -20.63
CA GLU C 328 13.57 -12.67 -20.68
C GLU C 328 14.47 -13.35 -19.64
N LEU C 329 14.82 -12.64 -18.56
CA LEU C 329 15.45 -13.30 -17.42
C LEU C 329 14.45 -14.29 -16.85
N ASN C 330 14.91 -15.51 -16.59
CA ASN C 330 14.06 -16.50 -15.93
C ASN C 330 14.84 -17.30 -14.90
N PRO C 331 14.79 -16.86 -13.63
CA PRO C 331 15.50 -17.49 -12.51
C PRO C 331 14.99 -18.89 -12.16
N LEU C 332 13.90 -19.32 -12.81
CA LEU C 332 13.38 -20.65 -12.55
C LEU C 332 13.90 -21.65 -13.59
N LEU C 333 14.78 -21.19 -14.46
CA LEU C 333 15.40 -22.07 -15.45
C LEU C 333 16.86 -22.31 -15.13
N GLY C 334 17.28 -23.56 -15.24
CA GLY C 334 18.67 -23.92 -15.03
C GLY C 334 19.04 -24.12 -13.57
N SER C 335 20.31 -24.43 -13.32
CA SER C 335 20.80 -24.63 -11.95
C SER C 335 20.98 -23.30 -11.23
N GLN C 336 21.27 -23.37 -9.94
CA GLN C 336 21.56 -22.17 -9.14
C GLN C 336 22.72 -21.41 -9.76
N GLU C 337 23.75 -22.13 -10.19
CA GLU C 337 24.90 -21.48 -10.80
C GLU C 337 24.51 -20.85 -12.14
N ASP C 338 23.60 -21.50 -12.88
CA ASP C 338 23.07 -20.94 -14.12
C ASP C 338 22.42 -19.59 -13.85
N VAL C 339 21.57 -19.54 -12.82
CA VAL C 339 20.89 -18.31 -12.45
C VAL C 339 21.89 -17.23 -12.05
N LEU C 340 22.91 -17.61 -11.29
CA LEU C 340 23.95 -16.66 -10.88
C LEU C 340 24.69 -16.05 -12.07
N LYS C 341 25.05 -16.88 -13.03
CA LYS C 341 25.73 -16.40 -14.24
C LYS C 341 24.87 -15.44 -15.04
N THR C 342 23.57 -15.74 -15.09
CA THR C 342 22.62 -14.92 -15.83
C THR C 342 22.38 -13.60 -15.11
N GLN C 343 22.24 -13.68 -13.78
CA GLN C 343 22.09 -12.48 -12.95
C GLN C 343 23.30 -11.57 -13.12
N SER C 344 24.48 -12.18 -13.05
CA SER C 344 25.73 -11.46 -13.19
C SER C 344 25.84 -10.74 -14.54
N SER C 345 25.55 -11.46 -15.62
CA SER C 345 25.63 -10.88 -16.96
C SER C 345 24.67 -9.71 -17.12
N ALA C 346 23.48 -9.85 -16.57
CA ALA C 346 22.46 -8.80 -16.62
C ALA C 346 22.94 -7.54 -15.92
N VAL C 347 23.52 -7.70 -14.73
CA VAL C 347 24.03 -6.58 -13.94
C VAL C 347 25.15 -5.83 -14.65
N HIS C 348 26.12 -6.57 -15.20
CA HIS C 348 27.19 -5.96 -16.00
C HIS C 348 26.64 -5.20 -17.20
N ILE C 349 25.68 -5.81 -17.89
CA ILE C 349 25.01 -5.16 -19.02
C ILE C 349 24.32 -3.85 -18.62
N LEU C 350 23.51 -3.92 -17.56
CA LEU C 350 22.75 -2.76 -17.12
C LEU C 350 23.66 -1.64 -16.62
N ARG C 351 24.75 -2.02 -15.95
CA ARG C 351 25.74 -1.06 -15.49
C ARG C 351 26.37 -0.30 -16.64
N ALA C 352 26.74 -1.04 -17.68
CA ALA C 352 27.34 -0.44 -18.87
C ALA C 352 26.37 0.53 -19.55
N CYS C 353 25.08 0.20 -19.52
CA CYS C 353 24.07 1.07 -20.10
C CYS C 353 24.05 2.41 -19.37
N LEU C 354 24.22 2.38 -18.05
CA LEU C 354 24.16 3.59 -17.25
C LEU C 354 25.47 4.38 -17.26
N GLY C 355 26.50 3.84 -17.91
CA GLY C 355 27.74 4.57 -18.13
C GLY C 355 28.98 4.04 -17.44
N HIS C 356 28.86 2.88 -16.79
CA HIS C 356 30.04 2.25 -16.19
C HIS C 356 31.10 1.93 -17.24
N CYS C 357 32.34 2.30 -16.95
CA CYS C 357 33.46 2.13 -17.88
CA CYS C 357 33.42 2.08 -17.90
C CYS C 357 34.43 1.07 -17.36
N ARG C 358 34.79 0.13 -18.21
CA ARG C 358 35.71 -0.94 -17.84
C ARG C 358 37.15 -0.44 -17.74
N SER C 359 37.42 0.70 -18.36
CA SER C 359 38.75 1.31 -18.27
C SER C 359 38.93 2.13 -16.99
N GLY C 360 37.94 2.07 -16.11
CA GLY C 360 38.02 2.70 -14.80
C GLY C 360 37.40 4.08 -14.68
N HIS C 361 37.06 4.47 -13.46
CA HIS C 361 36.53 5.80 -13.18
C HIS C 361 37.44 6.54 -12.22
N LEU C 362 37.53 7.86 -12.40
CA LEU C 362 38.25 8.73 -11.48
C LEU C 362 37.44 8.91 -10.20
N PRO C 363 38.10 9.15 -9.07
CA PRO C 363 37.35 9.34 -7.82
C PRO C 363 36.62 10.67 -7.83
N PHE C 364 35.51 10.77 -7.11
CA PHE C 364 34.80 12.04 -6.97
C PHE C 364 35.60 12.98 -6.10
N LYS C 365 36.33 12.41 -5.13
CA LYS C 365 37.24 13.19 -4.31
C LYS C 365 38.56 12.44 -4.21
N VAL C 366 39.60 13.02 -4.79
CA VAL C 366 40.92 12.42 -4.74
C VAL C 366 41.41 12.35 -3.30
N ARG C 367 41.87 11.17 -2.89
CA ARG C 367 42.40 10.99 -1.55
C ARG C 367 43.91 11.15 -1.57
N ASN C 368 44.45 11.66 -0.47
CA ASN C 368 45.88 11.78 -0.32
C ASN C 368 46.29 11.51 1.12
N LEU C 369 47.35 10.74 1.29
CA LEU C 369 47.88 10.39 2.61
C LEU C 369 48.09 11.61 3.51
N THR C 370 48.46 12.74 2.91
CA THR C 370 48.70 13.96 3.69
C THR C 370 47.42 14.51 4.32
N ASP C 371 46.27 14.14 3.76
CA ASP C 371 44.99 14.59 4.32
C ASP C 371 44.76 14.00 5.71
N GLN C 372 45.44 12.90 6.01
CA GLN C 372 45.31 12.26 7.31
C GLN C 372 46.47 12.61 8.23
N GLY C 373 47.42 13.40 7.71
CA GLY C 373 48.58 13.82 8.50
C GLY C 373 49.56 12.69 8.81
N ILE C 374 49.41 11.57 8.11
CA ILE C 374 50.23 10.39 8.33
C ILE C 374 51.63 10.55 7.73
N MET C 375 52.63 9.93 8.36
CA MET C 375 54.00 9.95 7.87
C MET C 375 54.22 8.91 6.77
N SER C 376 54.55 9.37 5.56
CA SER C 376 54.77 8.46 4.45
C SER C 376 56.19 7.91 4.44
N ARG C 377 56.42 6.86 3.65
CA ARG C 377 57.77 6.33 3.48
C ARG C 377 58.68 7.39 2.90
N ALA C 378 58.19 8.12 1.90
CA ALA C 378 58.95 9.18 1.26
C ALA C 378 59.38 10.25 2.26
N ALA C 379 58.43 10.71 3.07
CA ALA C 379 58.71 11.74 4.07
C ALA C 379 59.66 11.24 5.15
N HIS C 380 59.45 10.01 5.61
CA HIS C 380 60.32 9.44 6.62
C HIS C 380 61.74 9.27 6.10
N MET C 381 61.87 8.94 4.82
CA MET C 381 63.19 8.70 4.22
C MET C 381 63.95 10.00 3.96
N GLN C 382 63.22 11.09 3.74
CA GLN C 382 63.84 12.38 3.49
C GLN C 382 64.21 13.10 4.80
N THR C 383 64.39 12.33 5.86
CA THR C 383 64.91 12.85 7.12
C THR C 383 65.99 11.91 7.66
N LEU D 40 -36.41 17.17 -39.21
CA LEU D 40 -36.41 16.16 -38.16
C LEU D 40 -36.30 16.80 -36.78
N LEU D 41 -37.13 16.34 -35.86
CA LEU D 41 -37.07 16.80 -34.47
C LEU D 41 -35.77 16.33 -33.81
N TYR D 42 -35.39 15.09 -34.09
CA TYR D 42 -34.17 14.51 -33.54
C TYR D 42 -33.32 14.00 -34.69
N THR D 43 -32.13 14.55 -34.84
CA THR D 43 -31.26 14.18 -35.96
C THR D 43 -30.28 13.07 -35.60
N SER D 44 -30.02 12.91 -34.31
CA SER D 44 -29.21 11.80 -33.83
C SER D 44 -29.75 11.29 -32.50
N ALA D 45 -29.31 10.09 -32.10
CA ALA D 45 -29.77 9.51 -30.84
C ALA D 45 -28.75 8.56 -30.24
N ASN D 46 -28.93 8.26 -28.95
CA ASN D 46 -28.06 7.32 -28.24
C ASN D 46 -28.77 6.04 -27.86
N PHE D 47 -28.04 4.93 -27.89
CA PHE D 47 -28.62 3.62 -27.59
C PHE D 47 -27.82 2.93 -26.49
N LEU D 48 -28.51 2.52 -25.43
CA LEU D 48 -27.87 1.87 -24.30
C LEU D 48 -28.66 0.65 -23.84
N GLY D 49 -27.98 -0.49 -23.73
CA GLY D 49 -28.59 -1.70 -23.21
C GLY D 49 -28.40 -1.85 -21.72
N ILE D 50 -29.42 -2.36 -21.04
CA ILE D 50 -29.32 -2.65 -19.61
C ILE D 50 -29.95 -4.00 -19.31
N PRO D 51 -29.14 -5.07 -19.29
CA PRO D 51 -29.59 -6.45 -19.15
C PRO D 51 -30.04 -6.84 -17.74
N THR D 52 -30.78 -5.97 -17.07
CA THR D 52 -31.28 -6.28 -15.72
C THR D 52 -32.11 -7.56 -15.70
N ASN D 53 -31.79 -8.45 -14.77
CA ASN D 53 -32.52 -9.72 -14.65
C ASN D 53 -32.79 -10.08 -13.19
N ARG D 54 -32.26 -9.29 -12.27
CA ARG D 54 -32.42 -9.55 -10.84
C ARG D 54 -33.59 -8.80 -10.23
N GLY D 55 -34.46 -8.27 -11.09
CA GLY D 55 -35.65 -7.59 -10.62
C GLY D 55 -36.84 -8.53 -10.56
N GLN D 56 -36.75 -9.63 -11.31
CA GLN D 56 -37.82 -10.61 -11.40
C GLN D 56 -37.25 -12.01 -11.59
N PRO D 57 -37.99 -13.05 -11.16
CA PRO D 57 -37.47 -14.43 -11.11
C PRO D 57 -37.17 -15.08 -12.47
N LYS D 58 -37.89 -14.71 -13.52
CA LYS D 58 -37.76 -15.40 -14.80
C LYS D 58 -36.50 -15.01 -15.58
N ILE D 59 -35.72 -16.00 -15.96
CA ILE D 59 -34.48 -15.79 -16.72
C ILE D 59 -34.78 -15.35 -18.15
N GLY D 60 -34.02 -14.39 -18.65
CA GLY D 60 -34.15 -14.00 -20.05
C GLY D 60 -34.22 -12.52 -20.37
N THR D 61 -34.55 -11.68 -19.39
CA THR D 61 -34.65 -10.25 -19.64
C THR D 61 -33.30 -9.62 -20.00
N TYR D 62 -32.21 -10.30 -19.65
CA TYR D 62 -30.88 -9.83 -20.00
C TYR D 62 -30.63 -9.93 -21.51
N GLN D 63 -31.43 -10.74 -22.19
CA GLN D 63 -31.33 -10.88 -23.64
C GLN D 63 -32.16 -9.84 -24.39
N GLY D 64 -32.85 -8.99 -23.63
CA GLY D 64 -33.61 -7.88 -24.19
C GLY D 64 -32.83 -6.98 -25.12
N PRO D 65 -31.70 -6.41 -24.65
CA PRO D 65 -30.87 -5.54 -25.50
C PRO D 65 -30.45 -6.23 -26.79
N GLU D 66 -30.06 -7.50 -26.68
CA GLU D 66 -29.63 -8.27 -27.85
C GLU D 66 -30.77 -8.51 -28.83
N LEU D 67 -31.97 -8.70 -28.31
CA LEU D 67 -33.15 -8.90 -29.16
C LEU D 67 -33.38 -7.72 -30.09
N ILE D 68 -33.07 -6.52 -29.62
CA ILE D 68 -33.23 -5.31 -30.42
C ILE D 68 -32.04 -5.11 -31.36
N ARG D 69 -30.84 -5.33 -30.86
CA ARG D 69 -29.63 -5.21 -31.68
C ARG D 69 -29.64 -6.20 -32.85
N LYS D 70 -30.21 -7.37 -32.62
CA LYS D 70 -30.34 -8.38 -33.67
C LYS D 70 -31.33 -7.96 -34.76
N SER D 71 -32.35 -7.20 -34.36
CA SER D 71 -33.37 -6.75 -35.30
C SER D 71 -32.79 -5.72 -36.28
N ASN D 72 -33.62 -5.24 -37.19
CA ASN D 72 -33.19 -4.22 -38.14
C ASN D 72 -33.50 -2.80 -37.66
N PHE D 73 -33.65 -2.65 -36.34
CA PHE D 73 -33.95 -1.36 -35.73
C PHE D 73 -32.95 -0.29 -36.10
N PHE D 74 -31.67 -0.58 -35.94
CA PHE D 74 -30.60 0.36 -36.29
C PHE D 74 -30.67 0.77 -37.76
N GLN D 75 -30.97 -0.19 -38.63
CA GLN D 75 -31.03 0.05 -40.06
C GLN D 75 -32.21 0.95 -40.44
N LEU D 76 -33.36 0.70 -39.84
CA LEU D 76 -34.56 1.49 -40.12
C LEU D 76 -34.40 2.92 -39.62
N VAL D 77 -33.72 3.08 -38.50
CA VAL D 77 -33.50 4.39 -37.91
C VAL D 77 -32.57 5.24 -38.78
N ALA D 78 -31.52 4.61 -39.30
CA ALA D 78 -30.59 5.28 -40.20
C ALA D 78 -31.29 5.70 -41.49
N GLU D 79 -32.22 4.88 -41.96
CA GLU D 79 -32.97 5.16 -43.18
C GLU D 79 -34.02 6.24 -42.98
N ASP D 80 -34.26 6.62 -41.72
CA ASP D 80 -35.09 7.76 -41.41
C ASP D 80 -34.24 9.03 -41.37
N GLY D 81 -32.94 8.84 -41.49
CA GLY D 81 -31.99 9.95 -41.49
C GLY D 81 -31.48 10.28 -40.10
N ILE D 82 -31.48 9.29 -39.21
CA ILE D 82 -31.07 9.50 -37.84
C ILE D 82 -29.74 8.81 -37.55
N GLN D 83 -28.82 9.52 -36.90
CA GLN D 83 -27.55 8.94 -36.50
C GLN D 83 -27.69 8.25 -35.15
N LEU D 84 -27.77 6.92 -35.17
CA LEU D 84 -27.98 6.14 -33.95
C LEU D 84 -26.66 5.60 -33.41
N THR D 85 -26.17 6.20 -32.34
CA THR D 85 -24.87 5.81 -31.77
C THR D 85 -25.01 4.80 -30.64
N ASP D 86 -24.48 3.59 -30.86
CA ASP D 86 -24.51 2.53 -29.86
C ASP D 86 -23.51 2.85 -28.75
N CYS D 87 -24.03 3.01 -27.53
CA CYS D 87 -23.20 3.34 -26.38
C CYS D 87 -22.86 2.11 -25.54
N GLY D 88 -23.21 0.94 -26.05
CA GLY D 88 -22.91 -0.31 -25.38
C GLY D 88 -23.92 -0.72 -24.32
N ASP D 89 -23.52 -1.63 -23.44
CA ASP D 89 -24.38 -2.13 -22.38
C ASP D 89 -23.85 -1.74 -21.00
N ILE D 90 -24.77 -1.51 -20.07
CA ILE D 90 -24.40 -1.37 -18.66
C ILE D 90 -24.32 -2.75 -18.04
N ILE D 91 -23.26 -3.00 -17.28
CA ILE D 91 -23.09 -4.30 -16.63
C ILE D 91 -23.69 -4.30 -15.23
N PRO D 92 -24.80 -5.03 -15.05
CA PRO D 92 -25.51 -5.08 -13.77
C PRO D 92 -24.70 -5.78 -12.69
N VAL D 93 -24.82 -5.33 -11.45
CA VAL D 93 -24.22 -6.03 -10.33
C VAL D 93 -25.12 -7.20 -9.94
N GLU D 94 -24.60 -8.41 -10.08
CA GLU D 94 -25.35 -9.61 -9.72
C GLU D 94 -24.65 -10.39 -8.62
N LEU D 95 -24.88 -9.97 -7.38
CA LEU D 95 -24.30 -10.64 -6.21
C LEU D 95 -24.85 -12.06 -6.06
N ASN D 96 -24.19 -12.87 -5.23
CA ASN D 96 -24.70 -14.20 -4.94
C ASN D 96 -25.62 -14.20 -3.73
N GLU D 97 -26.26 -15.33 -3.48
CA GLU D 97 -27.25 -15.46 -2.41
C GLU D 97 -26.71 -15.04 -1.04
N ALA D 98 -25.54 -15.56 -0.69
CA ALA D 98 -24.94 -15.28 0.61
C ALA D 98 -24.58 -13.80 0.77
N GLU D 99 -24.11 -13.19 -0.31
CA GLU D 99 -23.81 -11.76 -0.31
C GLU D 99 -25.07 -10.92 -0.20
N ASP D 100 -26.20 -11.48 -0.64
CA ASP D 100 -27.42 -10.69 -0.82
C ASP D 100 -28.69 -11.41 -0.38
N PRO D 101 -28.86 -11.60 0.94
CA PRO D 101 -30.05 -12.27 1.44
C PRO D 101 -31.27 -11.34 1.43
N GLN D 102 -32.46 -11.90 1.63
CA GLN D 102 -33.68 -11.11 1.66
C GLN D 102 -33.68 -10.11 2.81
N ARG D 103 -34.05 -8.87 2.50
CA ARG D 103 -34.23 -7.84 3.52
C ARG D 103 -35.59 -7.18 3.32
N PHE D 104 -36.41 -7.22 4.35
CA PHE D 104 -37.78 -6.71 4.29
C PHE D 104 -38.58 -7.35 3.16
N GLY D 105 -38.20 -8.58 2.81
CA GLY D 105 -38.86 -9.33 1.75
C GLY D 105 -38.24 -9.12 0.38
N MET D 106 -37.38 -8.10 0.27
CA MET D 106 -36.81 -7.74 -1.02
C MET D 106 -35.77 -8.73 -1.52
N LYS D 107 -35.99 -9.24 -2.72
CA LYS D 107 -35.08 -10.18 -3.35
C LYS D 107 -34.03 -9.44 -4.19
N TRP D 108 -32.77 -9.77 -3.98
CA TRP D 108 -31.64 -9.15 -4.67
C TRP D 108 -31.57 -7.64 -4.43
N SER D 109 -31.89 -7.23 -3.22
CA SER D 109 -31.96 -5.81 -2.87
C SER D 109 -30.61 -5.10 -2.90
N ARG D 110 -29.54 -5.79 -2.52
CA ARG D 110 -28.22 -5.16 -2.56
C ARG D 110 -27.68 -5.13 -3.99
N SER D 111 -28.03 -6.15 -4.77
CA SER D 111 -27.70 -6.17 -6.19
C SER D 111 -28.44 -5.02 -6.86
N PHE D 112 -29.66 -4.78 -6.42
CA PHE D 112 -30.48 -3.68 -6.92
C PHE D 112 -29.81 -2.34 -6.64
N SER D 113 -29.54 -2.07 -5.37
CA SER D 113 -28.98 -0.80 -4.93
C SER D 113 -27.63 -0.49 -5.60
N LEU D 114 -26.80 -1.52 -5.76
CA LEU D 114 -25.52 -1.34 -6.43
C LEU D 114 -25.71 -1.11 -7.94
N THR D 115 -26.68 -1.83 -8.53
CA THR D 115 -26.96 -1.69 -9.96
C THR D 115 -27.61 -0.33 -10.25
N THR D 116 -28.52 0.09 -9.39
CA THR D 116 -29.19 1.38 -9.52
C THR D 116 -28.18 2.53 -9.62
N LEU D 117 -27.19 2.52 -8.73
CA LEU D 117 -26.15 3.54 -8.73
C LEU D 117 -25.28 3.50 -9.98
N ARG D 118 -24.89 2.29 -10.39
CA ARG D 118 -24.09 2.14 -11.60
C ARG D 118 -24.88 2.60 -12.83
N ILE D 119 -26.18 2.32 -12.85
CA ILE D 119 -27.04 2.76 -13.93
C ILE D 119 -27.12 4.28 -14.00
N ALA D 120 -27.42 4.89 -12.86
CA ALA D 120 -27.61 6.35 -12.78
C ALA D 120 -26.38 7.13 -13.21
N GLU D 121 -25.21 6.67 -12.80
CA GLU D 121 -23.96 7.35 -13.11
C GLU D 121 -23.73 7.39 -14.62
N ARG D 122 -23.96 6.25 -15.27
CA ARG D 122 -23.75 6.13 -16.71
C ARG D 122 -24.75 6.97 -17.52
N VAL D 123 -26.02 6.96 -17.11
CA VAL D 123 -27.04 7.74 -17.79
C VAL D 123 -26.78 9.24 -17.67
N GLU D 124 -26.48 9.68 -16.45
CA GLU D 124 -26.16 11.07 -16.16
C GLU D 124 -25.03 11.58 -17.05
N GLU D 125 -24.03 10.73 -17.26
CA GLU D 125 -22.91 11.07 -18.13
C GLU D 125 -23.37 11.29 -19.56
N LEU D 126 -24.16 10.35 -20.07
CA LEU D 126 -24.66 10.41 -21.43
C LEU D 126 -25.64 11.57 -21.65
N MET D 127 -26.36 11.93 -20.59
CA MET D 127 -27.32 13.02 -20.67
C MET D 127 -26.63 14.39 -20.60
N LYS D 128 -25.50 14.43 -19.91
CA LYS D 128 -24.74 15.67 -19.78
C LYS D 128 -23.90 15.95 -21.02
N GLN D 129 -23.50 14.89 -21.72
CA GLN D 129 -22.69 15.04 -22.93
C GLN D 129 -23.56 15.32 -24.15
N SER D 142 -32.06 18.28 -29.78
CA SER D 142 -31.69 17.46 -28.63
C SER D 142 -31.42 16.02 -29.05
N THR D 143 -30.76 15.27 -28.18
CA THR D 143 -30.41 13.88 -28.47
C THR D 143 -31.07 12.93 -27.49
N PRO D 144 -32.11 12.22 -27.93
CA PRO D 144 -32.82 11.26 -27.08
C PRO D 144 -31.91 10.08 -26.72
N LEU D 145 -32.07 9.56 -25.50
CA LEU D 145 -31.37 8.35 -25.08
C LEU D 145 -32.35 7.18 -25.14
N VAL D 146 -32.05 6.20 -25.99
CA VAL D 146 -32.90 5.03 -26.13
C VAL D 146 -32.34 3.84 -25.36
N ILE D 147 -33.08 3.42 -24.32
CA ILE D 147 -32.63 2.35 -23.45
C ILE D 147 -33.48 1.09 -23.60
N VAL D 148 -32.81 -0.05 -23.75
CA VAL D 148 -33.49 -1.34 -23.83
C VAL D 148 -33.12 -2.24 -22.65
N GLY D 149 -34.11 -2.61 -21.84
CA GLY D 149 -33.91 -3.57 -20.77
C GLY D 149 -34.00 -4.99 -21.30
N GLY D 150 -33.97 -5.98 -20.41
CA GLY D 150 -33.85 -5.75 -18.97
C GLY D 150 -35.19 -5.55 -18.29
N ASP D 151 -35.34 -6.10 -17.08
CA ASP D 151 -36.58 -5.91 -16.35
C ASP D 151 -36.69 -4.47 -15.82
N HIS D 152 -37.90 -4.07 -15.43
CA HIS D 152 -38.22 -2.68 -15.13
C HIS D 152 -37.52 -2.09 -13.91
N SER D 153 -36.85 -2.93 -13.11
CA SER D 153 -36.16 -2.45 -11.91
C SER D 153 -35.03 -1.48 -12.26
N MET D 154 -34.62 -1.50 -13.54
CA MET D 154 -33.61 -0.57 -14.03
C MET D 154 -34.08 0.87 -13.98
N ALA D 155 -35.41 1.06 -13.93
CA ALA D 155 -36.01 2.39 -14.02
C ALA D 155 -35.58 3.32 -12.87
N THR D 156 -35.39 2.75 -11.68
CA THR D 156 -34.94 3.51 -10.52
C THR D 156 -33.63 4.20 -10.85
N GLY D 157 -32.74 3.47 -11.50
CA GLY D 157 -31.43 3.99 -11.85
C GLY D 157 -31.44 4.95 -13.01
N THR D 158 -32.19 4.62 -14.05
CA THR D 158 -32.22 5.46 -15.25
C THR D 158 -32.84 6.83 -14.98
N ILE D 159 -33.94 6.84 -14.23
CA ILE D 159 -34.59 8.09 -13.87
C ILE D 159 -33.71 8.92 -12.94
N LEU D 160 -33.10 8.25 -11.97
CA LEU D 160 -32.21 8.89 -11.01
C LEU D 160 -31.07 9.64 -11.71
N GLY D 161 -30.42 8.97 -12.66
CA GLY D 161 -29.35 9.59 -13.42
C GLY D 161 -29.87 10.65 -14.37
N HIS D 162 -31.03 10.38 -14.98
CA HIS D 162 -31.67 11.33 -15.88
C HIS D 162 -31.98 12.63 -15.15
N ALA D 163 -32.56 12.50 -13.96
CA ALA D 163 -32.93 13.65 -13.15
C ALA D 163 -31.71 14.46 -12.67
N GLU D 164 -30.55 13.80 -12.61
CA GLU D 164 -29.33 14.51 -12.23
C GLU D 164 -28.93 15.51 -13.31
N ALA D 165 -29.23 15.16 -14.56
CA ALA D 165 -28.94 16.04 -15.68
C ALA D 165 -30.11 16.97 -15.98
N LYS D 166 -31.33 16.53 -15.67
CA LYS D 166 -32.53 17.31 -15.92
C LYS D 166 -33.51 17.16 -14.76
N PRO D 167 -33.31 17.92 -13.68
CA PRO D 167 -34.10 17.79 -12.45
C PRO D 167 -35.61 18.04 -12.62
N ASP D 168 -35.99 18.85 -13.58
CA ASP D 168 -37.40 19.21 -13.75
C ASP D 168 -38.15 18.34 -14.76
N LEU D 169 -37.63 17.15 -15.03
CA LEU D 169 -38.24 16.25 -16.00
C LEU D 169 -39.61 15.74 -15.52
N CYS D 170 -40.37 15.17 -16.45
CA CYS D 170 -41.61 14.49 -16.10
C CYS D 170 -41.51 13.04 -16.54
N VAL D 171 -42.31 12.18 -15.93
CA VAL D 171 -42.29 10.76 -16.24
C VAL D 171 -43.62 10.28 -16.77
N LEU D 172 -43.59 9.70 -17.97
CA LEU D 172 -44.75 8.99 -18.50
C LEU D 172 -44.50 7.50 -18.41
N TRP D 173 -45.31 6.84 -17.58
CA TRP D 173 -45.10 5.43 -17.28
C TRP D 173 -46.15 4.57 -17.98
N ILE D 174 -45.76 3.97 -19.10
CA ILE D 174 -46.68 3.15 -19.88
C ILE D 174 -46.55 1.70 -19.43
N ASP D 175 -47.60 1.18 -18.81
CA ASP D 175 -47.48 -0.10 -18.13
C ASP D 175 -48.83 -0.71 -17.78
N ALA D 176 -48.87 -2.04 -17.70
CA ALA D 176 -50.03 -2.74 -17.16
C ALA D 176 -50.03 -2.64 -15.64
N HIS D 177 -48.85 -2.40 -15.07
CA HIS D 177 -48.69 -2.37 -13.61
C HIS D 177 -48.18 -1.02 -13.12
N GLY D 178 -48.38 -0.75 -11.84
CA GLY D 178 -47.98 0.51 -11.25
C GLY D 178 -46.51 0.58 -10.88
N ASP D 179 -45.90 -0.59 -10.66
CA ASP D 179 -44.48 -0.68 -10.30
C ASP D 179 -44.10 0.27 -9.17
N ILE D 180 -45.01 0.45 -8.22
CA ILE D 180 -44.82 1.46 -7.18
C ILE D 180 -45.05 0.84 -5.79
N ASN D 181 -44.99 -0.49 -5.74
CA ASN D 181 -45.06 -1.20 -4.48
C ASN D 181 -43.97 -0.75 -3.52
N THR D 182 -44.34 -0.56 -2.26
CA THR D 182 -43.35 -0.34 -1.22
C THR D 182 -42.87 -1.70 -0.74
N PRO D 183 -41.60 -1.79 -0.30
CA PRO D 183 -40.99 -3.07 0.09
C PRO D 183 -41.85 -3.94 1.00
N LEU D 184 -42.49 -3.33 2.00
CA LEU D 184 -43.28 -4.09 2.96
C LEU D 184 -44.68 -4.44 2.45
N ASN D 185 -45.11 -3.78 1.38
CA ASN D 185 -46.42 -4.06 0.78
C ASN D 185 -46.34 -5.06 -0.37
N SER D 186 -45.12 -5.38 -0.79
CA SER D 186 -44.91 -6.28 -1.91
C SER D 186 -45.17 -7.74 -1.52
N ALA D 187 -45.97 -8.43 -2.33
CA ALA D 187 -46.29 -9.82 -2.07
C ALA D 187 -45.31 -10.75 -2.79
N SER D 188 -44.42 -10.16 -3.58
CA SER D 188 -43.49 -10.94 -4.38
C SER D 188 -42.04 -10.69 -3.98
N GLY D 189 -41.76 -9.50 -3.46
CA GLY D 189 -40.41 -9.12 -3.13
C GLY D 189 -39.56 -8.89 -4.37
N ASN D 190 -40.22 -8.88 -5.53
CA ASN D 190 -39.53 -8.63 -6.79
C ASN D 190 -39.32 -7.13 -7.00
N MET D 191 -38.08 -6.74 -7.23
CA MET D 191 -37.72 -5.33 -7.30
C MET D 191 -38.33 -4.61 -8.52
N HIS D 192 -38.55 -5.35 -9.61
CA HIS D 192 -39.09 -4.75 -10.84
C HIS D 192 -40.50 -4.20 -10.64
N GLY D 193 -41.14 -4.59 -9.54
CA GLY D 193 -42.46 -4.09 -9.18
C GLY D 193 -42.39 -2.99 -8.14
N MET D 194 -41.17 -2.52 -7.84
CA MET D 194 -40.97 -1.43 -6.89
C MET D 194 -40.21 -0.18 -7.36
N PRO D 195 -39.85 -0.05 -8.66
CA PRO D 195 -38.84 0.97 -8.97
C PRO D 195 -39.24 2.42 -8.68
N LEU D 196 -40.53 2.74 -8.77
CA LEU D 196 -40.98 4.11 -8.55
C LEU D 196 -41.06 4.49 -7.07
N SER D 197 -41.28 3.51 -6.21
CA SER D 197 -41.46 3.76 -4.78
C SER D 197 -40.22 4.41 -4.14
N PHE D 198 -39.04 4.09 -4.69
CA PHE D 198 -37.79 4.66 -4.18
C PHE D 198 -37.51 6.04 -4.77
N LEU D 199 -38.32 6.46 -5.74
CA LEU D 199 -38.10 7.75 -6.41
C LEU D 199 -39.04 8.83 -5.93
N VAL D 200 -40.24 8.43 -5.49
CA VAL D 200 -41.29 9.38 -5.17
C VAL D 200 -41.16 9.94 -3.75
N LYS D 201 -40.88 11.25 -3.68
CA LYS D 201 -40.67 11.97 -2.42
C LYS D 201 -41.77 11.72 -1.39
N GLU D 202 -43.02 11.70 -1.86
CA GLU D 202 -44.16 11.54 -0.97
C GLU D 202 -44.28 10.15 -0.35
N LEU D 203 -43.53 9.20 -0.89
CA LEU D 203 -43.63 7.80 -0.47
C LEU D 203 -42.53 7.37 0.51
N GLN D 204 -41.72 8.33 0.95
CA GLN D 204 -40.49 8.00 1.68
C GLN D 204 -40.65 7.58 3.14
N ASP D 205 -41.85 7.76 3.70
CA ASP D 205 -42.11 7.30 5.07
C ASP D 205 -42.50 5.84 5.03
N GLN D 206 -42.59 5.30 3.82
CA GLN D 206 -43.07 3.94 3.60
C GLN D 206 -41.95 3.05 3.07
N ILE D 207 -40.75 3.63 2.95
CA ILE D 207 -39.58 2.88 2.50
C ILE D 207 -38.66 2.57 3.67
N PRO D 208 -38.48 1.28 3.98
CA PRO D 208 -37.58 0.87 5.06
C PRO D 208 -36.14 1.30 4.79
N TRP D 209 -35.52 1.94 5.76
CA TRP D 209 -34.17 2.47 5.59
C TRP D 209 -33.13 1.36 5.48
N LEU D 210 -32.18 1.54 4.57
CA LEU D 210 -31.10 0.57 4.38
C LEU D 210 -29.77 1.26 4.05
N ASP D 211 -28.69 0.68 4.54
CA ASP D 211 -27.37 1.31 4.47
C ASP D 211 -26.74 1.34 3.07
N ASP D 212 -27.40 0.75 2.09
CA ASP D 212 -26.91 0.80 0.71
C ASP D 212 -27.90 1.56 -0.17
N PHE D 213 -28.92 2.15 0.46
CA PHE D 213 -29.98 2.83 -0.27
C PHE D 213 -29.94 4.36 -0.12
N GLU D 214 -28.85 4.88 0.44
CA GLU D 214 -28.67 6.32 0.61
C GLU D 214 -28.55 7.01 -0.72
N GLY D 215 -27.59 6.52 -1.51
CA GLY D 215 -27.26 7.10 -2.80
C GLY D 215 -28.47 7.22 -3.71
N ILE D 216 -29.46 6.37 -3.48
CA ILE D 216 -30.71 6.44 -4.22
C ILE D 216 -31.57 7.56 -3.66
N LYS D 217 -31.33 8.77 -4.13
CA LYS D 217 -32.03 9.96 -3.67
C LYS D 217 -33.33 10.16 -4.44
N PRO D 218 -34.46 10.19 -3.73
CA PRO D 218 -35.78 10.42 -4.34
C PRO D 218 -35.80 11.75 -5.10
N CYS D 219 -36.04 11.67 -6.41
CA CYS D 219 -35.90 12.83 -7.27
C CYS D 219 -37.19 13.17 -8.02
N LEU D 220 -38.30 12.55 -7.63
CA LEU D 220 -39.57 12.79 -8.29
C LEU D 220 -40.66 13.23 -7.33
N ASN D 221 -41.50 14.15 -7.80
CA ASN D 221 -42.75 14.45 -7.11
C ASN D 221 -43.87 13.68 -7.77
N ALA D 222 -44.86 13.28 -6.99
CA ALA D 222 -46.01 12.52 -7.50
C ALA D 222 -46.73 13.27 -8.61
N SER D 223 -46.59 14.59 -8.61
CA SER D 223 -47.24 15.44 -9.60
C SER D 223 -46.49 15.45 -10.94
N ASN D 224 -45.34 14.79 -10.99
CA ASN D 224 -44.55 14.75 -12.23
C ASN D 224 -44.63 13.41 -12.96
N ILE D 225 -45.47 12.51 -12.46
CA ILE D 225 -45.64 11.18 -13.06
C ILE D 225 -47.05 11.00 -13.59
N ALA D 226 -47.17 10.35 -14.75
CA ALA D 226 -48.47 9.95 -15.27
C ALA D 226 -48.45 8.53 -15.84
N TYR D 227 -49.42 7.72 -15.42
CA TYR D 227 -49.55 6.34 -15.89
C TYR D 227 -50.50 6.22 -17.08
N ILE D 228 -50.16 5.34 -18.02
CA ILE D 228 -51.07 4.94 -19.09
C ILE D 228 -51.03 3.44 -19.31
N GLY D 229 -52.18 2.78 -19.28
CA GLY D 229 -52.28 1.37 -19.63
C GLY D 229 -52.57 0.41 -18.49
N LEU D 230 -52.73 0.94 -17.29
CA LEU D 230 -52.91 0.12 -16.08
C LEU D 230 -54.12 -0.82 -16.16
N ARG D 231 -53.96 -2.02 -15.62
CA ARG D 231 -55.05 -2.99 -15.56
C ARG D 231 -54.83 -4.09 -14.52
N ASP D 232 -53.71 -4.01 -13.80
CA ASP D 232 -53.37 -5.02 -12.78
C ASP D 232 -52.71 -4.40 -11.55
N LEU D 233 -53.34 -3.39 -10.97
CA LEU D 233 -52.80 -2.70 -9.80
C LEU D 233 -52.97 -3.52 -8.52
N ASP D 234 -51.98 -3.42 -7.64
CA ASP D 234 -52.13 -3.95 -6.28
C ASP D 234 -52.96 -2.95 -5.50
N ALA D 235 -53.71 -3.44 -4.52
CA ALA D 235 -54.60 -2.58 -3.73
C ALA D 235 -53.84 -1.44 -3.04
N HIS D 236 -52.63 -1.71 -2.58
CA HIS D 236 -51.84 -0.70 -1.89
C HIS D 236 -51.27 0.34 -2.83
N GLU D 237 -50.99 -0.06 -4.07
CA GLU D 237 -50.55 0.89 -5.09
C GLU D 237 -51.67 1.87 -5.40
N THR D 238 -52.88 1.34 -5.57
CA THR D 238 -54.07 2.14 -5.80
C THR D 238 -54.23 3.19 -4.71
N HIS D 239 -54.03 2.76 -3.46
CA HIS D 239 -54.08 3.66 -2.32
C HIS D 239 -53.08 4.81 -2.48
N ASP D 240 -51.80 4.47 -2.62
CA ASP D 240 -50.73 5.45 -2.74
C ASP D 240 -50.91 6.37 -3.95
N ILE D 241 -51.25 5.78 -5.09
CA ILE D 241 -51.47 6.54 -6.32
C ILE D 241 -52.58 7.58 -6.13
N ARG D 242 -53.72 7.13 -5.62
CA ARG D 242 -54.85 8.03 -5.38
C ARG D 242 -54.55 9.05 -4.28
N LYS D 243 -53.99 8.57 -3.16
CA LYS D 243 -53.74 9.42 -2.00
C LYS D 243 -52.82 10.60 -2.34
N HIS D 244 -51.85 10.36 -3.21
CA HIS D 244 -50.85 11.38 -3.52
C HIS D 244 -51.10 12.09 -4.86
N GLY D 245 -52.28 11.88 -5.43
CA GLY D 245 -52.69 12.58 -6.63
C GLY D 245 -51.87 12.32 -7.88
N ILE D 246 -51.31 11.12 -7.98
CA ILE D 246 -50.58 10.73 -9.19
C ILE D 246 -51.57 10.55 -10.33
N ALA D 247 -51.35 11.27 -11.44
CA ALA D 247 -52.19 11.13 -12.61
C ALA D 247 -52.07 9.73 -13.20
N TYR D 248 -53.20 9.08 -13.47
CA TYR D 248 -53.15 7.73 -14.03
C TYR D 248 -54.36 7.43 -14.92
N PHE D 249 -54.08 6.79 -16.05
CA PHE D 249 -55.13 6.43 -17.00
C PHE D 249 -55.07 4.93 -17.28
N THR D 250 -56.06 4.22 -16.77
CA THR D 250 -56.11 2.77 -16.89
C THR D 250 -56.70 2.37 -18.24
N MET D 251 -56.76 1.07 -18.50
CA MET D 251 -57.39 0.58 -19.72
C MET D 251 -58.88 0.89 -19.73
N LEU D 252 -59.47 1.00 -18.55
CA LEU D 252 -60.84 1.46 -18.41
C LEU D 252 -60.97 2.89 -18.93
N ASP D 253 -60.00 3.72 -18.57
CA ASP D 253 -59.95 5.10 -19.04
C ASP D 253 -59.75 5.13 -20.56
N VAL D 254 -58.87 4.27 -21.05
CA VAL D 254 -58.61 4.19 -22.49
C VAL D 254 -59.87 3.75 -23.24
N ASP D 255 -60.65 2.87 -22.63
CA ASP D 255 -61.90 2.40 -23.23
C ASP D 255 -62.93 3.52 -23.34
N ARG D 256 -63.13 4.24 -22.24
CA ARG D 256 -64.16 5.28 -22.19
C ARG D 256 -63.74 6.59 -22.87
N MET D 257 -62.46 6.94 -22.75
CA MET D 257 -61.97 8.22 -23.27
C MET D 257 -61.37 8.13 -24.67
N GLY D 258 -60.84 6.96 -25.03
CA GLY D 258 -60.07 6.82 -26.25
C GLY D 258 -58.63 7.25 -25.99
N ILE D 259 -57.68 6.64 -26.70
CA ILE D 259 -56.26 6.89 -26.42
C ILE D 259 -55.83 8.32 -26.74
N GLU D 260 -56.49 8.94 -27.72
CA GLU D 260 -56.14 10.31 -28.11
C GLU D 260 -56.36 11.28 -26.95
N ALA D 261 -57.52 11.18 -26.31
CA ALA D 261 -57.83 12.02 -25.16
C ALA D 261 -56.95 11.67 -23.96
N VAL D 262 -56.61 10.39 -23.83
CA VAL D 262 -55.78 9.93 -22.73
C VAL D 262 -54.35 10.50 -22.81
N ILE D 263 -53.75 10.43 -23.99
CA ILE D 263 -52.42 10.96 -24.21
C ILE D 263 -52.41 12.46 -23.92
N LYS D 264 -53.43 13.15 -24.43
CA LYS D 264 -53.56 14.58 -24.23
C LYS D 264 -53.69 14.94 -22.75
N GLU D 265 -54.52 14.22 -22.02
CA GLU D 265 -54.74 14.50 -20.61
C GLU D 265 -53.52 14.15 -19.76
N ALA D 266 -52.77 13.14 -20.20
CA ALA D 266 -51.57 12.72 -19.48
C ALA D 266 -50.48 13.78 -19.62
N LEU D 267 -50.25 14.23 -20.85
CA LEU D 267 -49.29 15.30 -21.12
C LEU D 267 -49.69 16.58 -20.41
N LEU D 268 -50.98 16.90 -20.47
CA LEU D 268 -51.52 18.08 -19.81
C LEU D 268 -51.22 18.04 -18.30
N ALA D 269 -51.36 16.86 -17.71
CA ALA D 269 -51.22 16.70 -16.27
C ALA D 269 -49.77 16.89 -15.75
N VAL D 270 -48.79 16.40 -16.50
CA VAL D 270 -47.41 16.44 -16.03
C VAL D 270 -46.47 17.29 -16.89
N ASN D 271 -46.94 17.73 -18.05
CA ASN D 271 -46.12 18.57 -18.94
C ASN D 271 -46.98 19.58 -19.73
N PRO D 272 -47.68 20.47 -19.01
CA PRO D 272 -48.74 21.33 -19.54
C PRO D 272 -48.37 22.16 -20.77
N ARG D 273 -47.16 22.73 -20.76
CA ARG D 273 -46.76 23.63 -21.84
C ARG D 273 -45.50 23.14 -22.54
N LEU D 274 -45.26 21.84 -22.46
CA LEU D 274 -44.10 21.21 -23.10
C LEU D 274 -42.78 21.86 -22.64
N GLU D 275 -42.74 22.25 -21.37
CA GLU D 275 -41.56 22.90 -20.80
C GLU D 275 -40.54 21.89 -20.29
N LYS D 276 -41.04 20.71 -19.91
CA LYS D 276 -40.20 19.72 -19.23
C LYS D 276 -39.66 18.64 -20.16
N ALA D 277 -38.44 18.20 -19.89
CA ALA D 277 -37.89 17.02 -20.54
C ALA D 277 -38.76 15.81 -20.18
N ILE D 278 -38.90 14.89 -21.11
CA ILE D 278 -39.77 13.74 -20.89
C ILE D 278 -38.99 12.44 -20.76
N HIS D 279 -39.27 11.70 -19.68
CA HIS D 279 -38.76 10.34 -19.51
C HIS D 279 -39.90 9.36 -19.79
N LEU D 280 -39.86 8.74 -20.97
CA LEU D 280 -40.89 7.78 -21.36
C LEU D 280 -40.47 6.36 -20.97
N SER D 281 -41.14 5.80 -19.96
CA SER D 281 -40.82 4.46 -19.48
C SER D 281 -41.84 3.45 -19.98
N PHE D 282 -41.48 2.71 -21.02
CA PHE D 282 -42.41 1.82 -21.70
C PHE D 282 -42.16 0.35 -21.35
N ASP D 283 -43.00 -0.20 -20.48
CA ASP D 283 -42.99 -1.63 -20.23
C ASP D 283 -43.72 -2.30 -21.39
N ILE D 284 -43.04 -3.24 -22.04
CA ILE D 284 -43.63 -3.92 -23.19
C ILE D 284 -44.94 -4.63 -22.84
N ASP D 285 -45.13 -4.97 -21.57
CA ASP D 285 -46.36 -5.67 -21.17
C ASP D 285 -47.57 -4.74 -21.07
N ALA D 286 -47.36 -3.46 -21.35
CA ALA D 286 -48.49 -2.53 -21.48
C ALA D 286 -49.28 -2.92 -22.71
N LEU D 287 -48.58 -3.34 -23.74
CA LEU D 287 -49.21 -3.83 -24.96
C LEU D 287 -49.96 -5.12 -24.66
N ASP D 288 -50.96 -5.44 -25.48
CA ASP D 288 -51.72 -6.66 -25.31
C ASP D 288 -50.86 -7.90 -25.64
N PRO D 289 -51.00 -8.97 -24.83
CA PRO D 289 -50.26 -10.21 -25.00
C PRO D 289 -50.30 -10.79 -26.42
N LEU D 290 -51.38 -10.54 -27.15
CA LEU D 290 -51.50 -10.99 -28.54
C LEU D 290 -50.47 -10.31 -29.43
N VAL D 291 -49.95 -9.18 -28.96
CA VAL D 291 -49.01 -8.37 -29.72
C VAL D 291 -47.60 -8.41 -29.11
N ALA D 292 -47.53 -8.59 -27.79
CA ALA D 292 -46.24 -8.68 -27.10
C ALA D 292 -46.22 -9.84 -26.11
N PRO D 293 -46.26 -11.09 -26.63
CA PRO D 293 -46.39 -12.28 -25.79
C PRO D 293 -45.16 -12.57 -24.90
N SER D 294 -43.97 -12.29 -25.41
CA SER D 294 -42.74 -12.68 -24.72
C SER D 294 -42.37 -11.71 -23.58
N THR D 295 -43.06 -11.84 -22.46
CA THR D 295 -42.81 -10.98 -21.30
C THR D 295 -43.29 -11.65 -20.02
N GLY D 296 -42.64 -11.32 -18.92
CA GLY D 296 -42.83 -12.02 -17.65
C GLY D 296 -44.22 -11.96 -17.04
N THR D 297 -44.80 -10.77 -16.99
CA THR D 297 -46.11 -10.59 -16.39
C THR D 297 -47.13 -10.06 -17.39
N ALA D 298 -47.56 -10.93 -18.30
CA ALA D 298 -48.52 -10.57 -19.34
C ALA D 298 -49.94 -10.52 -18.78
N VAL D 299 -50.68 -9.49 -19.18
CA VAL D 299 -52.05 -9.29 -18.71
C VAL D 299 -52.98 -8.98 -19.89
N PRO D 300 -54.00 -9.81 -20.08
CA PRO D 300 -54.95 -9.66 -21.20
C PRO D 300 -55.63 -8.29 -21.21
N GLY D 301 -56.06 -7.86 -22.39
CA GLY D 301 -56.79 -6.61 -22.54
C GLY D 301 -55.92 -5.38 -22.45
N GLY D 302 -54.76 -5.42 -23.12
CA GLY D 302 -53.85 -4.30 -23.12
C GLY D 302 -54.00 -3.37 -24.31
N LEU D 303 -53.07 -2.43 -24.44
CA LEU D 303 -53.06 -1.51 -25.56
C LEU D 303 -52.83 -2.28 -26.86
N THR D 304 -53.50 -1.84 -27.92
CA THR D 304 -53.18 -2.35 -29.25
C THR D 304 -51.84 -1.73 -29.62
N LEU D 305 -51.17 -2.31 -30.62
CA LEU D 305 -49.91 -1.77 -31.08
C LEU D 305 -50.11 -0.33 -31.53
N ARG D 306 -51.22 -0.10 -32.22
CA ARG D 306 -51.56 1.23 -32.72
C ARG D 306 -51.70 2.25 -31.59
N GLU D 307 -52.37 1.85 -30.52
CA GLU D 307 -52.49 2.72 -29.34
C GLU D 307 -51.13 3.01 -28.74
N GLY D 308 -50.29 1.98 -28.67
CA GLY D 308 -48.93 2.13 -28.19
C GLY D 308 -48.13 3.06 -29.08
N LEU D 309 -48.35 2.94 -30.38
CA LEU D 309 -47.69 3.81 -31.35
C LEU D 309 -48.10 5.27 -31.18
N ARG D 310 -49.40 5.50 -31.01
CA ARG D 310 -49.94 6.85 -30.83
C ARG D 310 -49.31 7.56 -29.64
N ILE D 311 -49.13 6.81 -28.55
CA ILE D 311 -48.48 7.34 -27.37
C ILE D 311 -47.07 7.82 -27.70
N CYS D 312 -46.32 6.98 -28.38
CA CYS D 312 -44.93 7.28 -28.74
C CYS D 312 -44.83 8.39 -29.79
N GLU D 313 -45.76 8.39 -30.75
CA GLU D 313 -45.77 9.40 -31.79
C GLU D 313 -46.03 10.79 -31.20
N GLU D 314 -47.02 10.87 -30.32
CA GLU D 314 -47.36 12.13 -29.67
C GLU D 314 -46.23 12.62 -28.77
N VAL D 315 -45.71 11.74 -27.92
CA VAL D 315 -44.60 12.08 -27.04
C VAL D 315 -43.39 12.56 -27.84
N SER D 316 -43.08 11.86 -28.92
CA SER D 316 -41.99 12.26 -29.81
C SER D 316 -42.22 13.65 -30.37
N ALA D 317 -43.40 13.85 -30.95
CA ALA D 317 -43.74 15.09 -31.63
C ALA D 317 -43.69 16.34 -30.75
N THR D 318 -43.70 16.15 -29.42
CA THR D 318 -43.58 17.29 -28.50
C THR D 318 -42.20 17.93 -28.60
N GLY D 319 -41.22 17.15 -29.05
CA GLY D 319 -39.85 17.62 -29.15
C GLY D 319 -39.08 17.51 -27.84
N LYS D 320 -39.77 17.04 -26.80
CA LYS D 320 -39.16 16.94 -25.47
C LYS D 320 -38.82 15.50 -25.05
N LEU D 321 -38.79 14.57 -26.00
CA LEU D 321 -38.40 13.21 -25.66
C LEU D 321 -36.91 13.18 -25.30
N SER D 322 -36.64 13.10 -24.00
CA SER D 322 -35.27 13.13 -23.51
C SER D 322 -34.71 11.72 -23.37
N VAL D 323 -35.49 10.83 -22.75
CA VAL D 323 -35.11 9.44 -22.59
C VAL D 323 -36.32 8.54 -22.79
N VAL D 324 -36.16 7.49 -23.59
CA VAL D 324 -37.15 6.43 -23.66
C VAL D 324 -36.53 5.08 -23.32
N GLU D 325 -37.13 4.39 -22.35
CA GLU D 325 -36.66 3.06 -21.99
C GLU D 325 -37.73 2.01 -22.25
N LEU D 326 -37.32 0.88 -22.83
CA LEU D 326 -38.23 -0.22 -23.11
C LEU D 326 -37.88 -1.41 -22.24
N ALA D 327 -38.79 -1.76 -21.34
CA ALA D 327 -38.50 -2.76 -20.31
C ALA D 327 -39.29 -4.06 -20.49
N GLU D 328 -38.77 -5.11 -19.87
CA GLU D 328 -39.45 -6.40 -19.73
C GLU D 328 -39.55 -7.27 -20.99
N LEU D 329 -38.70 -7.01 -21.97
CA LEU D 329 -38.55 -7.95 -23.08
C LEU D 329 -37.92 -9.23 -22.53
N ASN D 330 -38.54 -10.37 -22.82
CA ASN D 330 -37.95 -11.65 -22.46
C ASN D 330 -38.02 -12.66 -23.59
N PRO D 331 -36.96 -12.73 -24.41
CA PRO D 331 -36.82 -13.63 -25.56
C PRO D 331 -36.87 -15.12 -25.18
N LEU D 332 -36.68 -15.44 -23.90
CA LEU D 332 -36.73 -16.83 -23.46
C LEU D 332 -38.13 -17.26 -23.01
N LEU D 333 -39.14 -16.51 -23.45
CA LEU D 333 -40.53 -16.84 -23.13
C LEU D 333 -41.35 -17.00 -24.40
N GLY D 334 -42.28 -17.96 -24.37
CA GLY D 334 -43.14 -18.21 -25.51
C GLY D 334 -42.41 -18.84 -26.69
N SER D 335 -43.13 -19.04 -27.79
CA SER D 335 -42.57 -19.67 -28.97
C SER D 335 -41.65 -18.73 -29.74
N GLN D 336 -41.01 -19.26 -30.79
CA GLN D 336 -40.19 -18.46 -31.67
C GLN D 336 -41.02 -17.34 -32.31
N GLU D 337 -42.24 -17.67 -32.70
CA GLU D 337 -43.13 -16.67 -33.30
C GLU D 337 -43.54 -15.60 -32.31
N ASP D 338 -43.79 -16.01 -31.06
CA ASP D 338 -44.08 -15.08 -29.98
C ASP D 338 -42.96 -14.06 -29.85
N VAL D 339 -41.72 -14.55 -29.91
CA VAL D 339 -40.55 -13.71 -29.80
C VAL D 339 -40.43 -12.76 -30.99
N LEU D 340 -40.66 -13.27 -32.19
CA LEU D 340 -40.66 -12.44 -33.39
C LEU D 340 -41.69 -11.32 -33.28
N LYS D 341 -42.88 -11.65 -32.84
CA LYS D 341 -43.94 -10.66 -32.62
C LYS D 341 -43.52 -9.61 -31.60
N THR D 342 -42.99 -10.06 -30.45
CA THR D 342 -42.57 -9.16 -29.39
C THR D 342 -41.44 -8.26 -29.87
N GLN D 343 -40.53 -8.82 -30.65
CA GLN D 343 -39.43 -8.06 -31.23
C GLN D 343 -39.96 -7.03 -32.23
N SER D 344 -40.88 -7.47 -33.10
CA SER D 344 -41.48 -6.59 -34.09
C SER D 344 -42.21 -5.41 -33.45
N SER D 345 -43.04 -5.71 -32.46
CA SER D 345 -43.78 -4.67 -31.74
C SER D 345 -42.85 -3.67 -31.06
N ALA D 346 -41.78 -4.19 -30.46
CA ALA D 346 -40.80 -3.35 -29.78
C ALA D 346 -40.09 -2.41 -30.75
N VAL D 347 -39.81 -2.91 -31.94
CA VAL D 347 -39.09 -2.12 -32.96
C VAL D 347 -39.94 -0.97 -33.50
N HIS D 348 -41.21 -1.24 -33.79
CA HIS D 348 -42.11 -0.18 -34.27
C HIS D 348 -42.32 0.86 -33.18
N ILE D 349 -42.42 0.42 -31.93
CA ILE D 349 -42.58 1.32 -30.79
C ILE D 349 -41.39 2.28 -30.66
N LEU D 350 -40.19 1.74 -30.73
CA LEU D 350 -38.97 2.55 -30.59
C LEU D 350 -38.74 3.47 -31.79
N ARG D 351 -39.07 2.98 -32.99
CA ARG D 351 -38.99 3.81 -34.19
C ARG D 351 -39.89 5.03 -34.04
N ALA D 352 -41.11 4.79 -33.58
CA ALA D 352 -42.08 5.86 -33.38
C ALA D 352 -41.57 6.91 -32.39
N CYS D 353 -40.83 6.46 -31.38
CA CYS D 353 -40.26 7.37 -30.39
C CYS D 353 -39.22 8.29 -30.99
N LEU D 354 -38.41 7.74 -31.90
CA LEU D 354 -37.38 8.53 -32.56
C LEU D 354 -37.98 9.45 -33.62
N GLY D 355 -39.24 9.21 -33.98
CA GLY D 355 -39.97 10.12 -34.84
C GLY D 355 -40.42 9.56 -36.17
N HIS D 356 -40.46 8.23 -36.29
CA HIS D 356 -40.93 7.64 -37.54
C HIS D 356 -42.42 7.97 -37.75
N CYS D 357 -42.75 8.31 -38.99
CA CYS D 357 -44.11 8.70 -39.35
C CYS D 357 -44.77 7.60 -40.17
N ARG D 358 -45.91 7.12 -39.69
CA ARG D 358 -46.65 6.09 -40.41
C ARG D 358 -47.26 6.64 -41.70
N SER D 359 -47.34 7.97 -41.79
CA SER D 359 -47.87 8.63 -42.97
C SER D 359 -46.79 8.94 -44.00
N GLY D 360 -45.58 8.44 -43.76
CA GLY D 360 -44.50 8.56 -44.72
C GLY D 360 -43.56 9.72 -44.50
N HIS D 361 -42.33 9.57 -44.98
CA HIS D 361 -41.31 10.63 -44.94
C HIS D 361 -40.95 11.07 -46.35
N LEU D 362 -40.47 12.31 -46.48
CA LEU D 362 -39.99 12.82 -47.75
C LEU D 362 -38.58 12.31 -48.06
N PRO D 363 -38.26 12.15 -49.36
CA PRO D 363 -36.89 11.76 -49.74
C PRO D 363 -35.91 12.89 -49.48
N PHE D 364 -34.68 12.57 -49.10
CA PHE D 364 -33.64 13.57 -48.97
C PHE D 364 -33.17 13.98 -50.35
N LYS D 365 -33.20 13.02 -51.27
CA LYS D 365 -32.77 13.25 -52.64
C LYS D 365 -33.94 12.95 -53.58
N VAL D 366 -34.52 14.00 -54.16
CA VAL D 366 -35.65 13.83 -55.05
C VAL D 366 -35.15 13.33 -56.40
N ARG D 367 -35.41 12.06 -56.70
CA ARG D 367 -34.79 11.40 -57.83
C ARG D 367 -35.67 11.33 -59.08
N ASN D 368 -35.41 12.25 -60.01
CA ASN D 368 -36.13 12.31 -61.27
C ASN D 368 -35.53 11.40 -62.32
N LEU D 369 -36.38 10.90 -63.21
CA LEU D 369 -35.96 10.00 -64.26
C LEU D 369 -35.00 10.69 -65.24
N THR D 370 -35.18 11.99 -65.42
CA THR D 370 -34.40 12.74 -66.41
C THR D 370 -32.96 12.97 -65.96
N ASP D 371 -32.74 12.87 -64.64
CA ASP D 371 -31.41 13.01 -64.04
C ASP D 371 -30.40 12.10 -64.73
N GLN D 372 -30.78 10.84 -64.90
CA GLN D 372 -29.91 9.82 -65.46
C GLN D 372 -29.94 9.79 -66.98
N GLY D 373 -30.62 10.77 -67.58
CA GLY D 373 -30.70 10.87 -69.02
C GLY D 373 -31.39 9.68 -69.66
N ILE D 374 -32.52 9.28 -69.07
CA ILE D 374 -33.31 8.17 -69.60
C ILE D 374 -34.56 8.70 -70.26
N MET D 375 -35.00 8.04 -71.33
CA MET D 375 -36.19 8.47 -72.05
C MET D 375 -37.46 7.97 -71.38
N SER D 376 -38.26 8.89 -70.85
CA SER D 376 -39.52 8.52 -70.23
C SER D 376 -40.57 8.23 -71.28
N ARG D 377 -41.73 7.77 -70.85
CA ARG D 377 -42.85 7.53 -71.75
C ARG D 377 -43.48 8.86 -72.17
N ALA D 378 -43.59 9.78 -71.21
CA ALA D 378 -44.15 11.11 -71.47
C ALA D 378 -43.33 11.84 -72.53
N ALA D 379 -42.01 11.70 -72.44
CA ALA D 379 -41.10 12.27 -73.43
C ALA D 379 -41.34 11.62 -74.79
N HIS D 380 -41.52 10.31 -74.78
CA HIS D 380 -41.79 9.56 -76.01
C HIS D 380 -43.17 9.93 -76.56
MN MN E . 31.75 17.51 27.34
MN MN F . 31.71 17.91 30.63
C1 GOL G . 44.60 30.80 20.29
O1 GOL G . 44.17 30.46 18.99
C2 GOL G . 46.03 30.31 20.50
O2 GOL G . 46.89 31.01 19.62
C3 GOL G . 46.43 30.64 21.93
O3 GOL G . 45.42 30.17 22.80
C1 GOL H . 51.12 16.17 22.83
O1 GOL H . 52.32 16.74 23.32
C2 GOL H . 50.28 17.27 22.22
O2 GOL H . 50.36 17.16 20.81
C3 GOL H . 48.82 17.14 22.67
O3 GOL H . 48.09 18.29 22.29
N HAR I . 30.80 26.13 29.71
N HAR I . 30.76 25.89 29.61
CA HAR I . 32.20 25.79 29.97
CA HAR I . 32.15 25.65 29.96
C HAR I . 33.09 26.21 28.80
C HAR I . 33.11 26.18 28.87
O HAR I . 32.40 26.91 27.85
O HAR I . 32.52 26.41 27.67
CB HAR I . 32.49 24.31 30.29
CB HAR I . 32.56 24.19 30.25
CG HAR I . 32.78 23.46 29.07
CG HAR I . 32.92 23.45 28.98
CD HAR I . 33.32 22.12 29.60
CD HAR I . 32.50 21.98 29.13
NE HAR I . 33.97 21.30 28.60
NE HAR I . 33.47 21.14 29.78
CZ HAR I . 33.49 19.98 28.26
CZ HAR I . 33.90 19.90 29.21
NH1 HAR I . 32.26 19.63 29.02
NH1 HAR I . 33.23 19.62 27.91
NH2 HAR I . 34.10 19.24 27.37
NH2 HAR I . 34.79 19.13 29.78
OH1 HAR I . 31.64 18.46 28.87
OH1 HAR I . 33.47 18.52 27.19
OXT HAR I . 34.31 26.04 28.60
OXT HAR I . 34.33 26.41 28.97
MN MN J . -10.99 -14.74 24.62
MN MN K . -12.08 -14.07 27.68
C1 GOL L . -21.68 -30.40 17.88
O1 GOL L . -20.57 -29.86 17.18
C2 GOL L . -22.94 -29.61 17.54
O2 GOL L . -23.79 -30.39 16.72
C3 GOL L . -23.66 -29.26 18.83
O3 GOL L . -22.83 -28.49 19.65
C1 GOL M . -27.56 -15.90 13.43
O1 GOL M . -27.36 -15.32 12.15
C2 GOL M . -26.62 -17.09 13.57
O2 GOL M . -26.15 -17.46 12.30
C3 GOL M . -25.45 -16.74 14.48
O3 GOL M . -24.57 -17.84 14.56
N HAR N . -11.36 -21.57 29.50
N HAR N . -11.35 -22.01 29.60
CA HAR N . -12.77 -21.57 29.14
CA HAR N . -12.77 -21.73 29.34
C HAR N . -13.03 -22.46 27.92
C HAR N . -13.29 -22.62 28.21
O HAR N . -13.93 -22.40 27.06
O HAR N . -14.47 -22.90 27.94
CB HAR N . -13.38 -20.21 28.81
CB HAR N . -13.14 -20.27 29.00
CG HAR N . -12.79 -19.68 27.51
CG HAR N . -13.02 -19.95 27.52
CD HAR N . -13.36 -18.27 27.36
CD HAR N . -12.56 -18.50 27.35
NE HAR N . -13.62 -17.87 26.00
NE HAR N . -13.64 -17.52 27.35
CZ HAR N . -13.00 -16.68 25.49
CZ HAR N . -13.75 -16.53 26.32
NH1 HAR N . -12.12 -16.07 26.54
NH1 HAR N . -12.67 -16.64 25.29
NH2 HAR N . -13.21 -16.24 24.27
NH2 HAR N . -14.71 -15.65 26.30
OH1 HAR N . -11.43 -14.96 26.32
OH1 HAR N . -12.59 -15.83 24.23
OXT HAR N . -12.11 -23.47 27.80
OXT HAR N . -12.31 -23.15 27.42
MN MN O . 13.02 -11.07 -27.50
MN MN P . 15.07 -13.62 -27.95
C1 GOL Q . -4.96 -18.99 -24.94
O1 GOL Q . -5.33 -17.67 -24.63
C2 GOL Q . -5.02 -19.87 -23.70
O2 GOL Q . -5.76 -19.24 -22.69
C3 GOL Q . -3.61 -20.17 -23.20
O3 GOL Q . -2.94 -20.98 -24.14
C1 GOL R . 2.98 -16.23 -11.34
O1 GOL R . 2.54 -15.82 -10.07
C2 GOL R . 2.11 -15.57 -12.41
O2 GOL R . 1.46 -14.44 -11.85
C3 GOL R . 3.00 -15.12 -13.55
O3 GOL R . 2.21 -14.83 -14.68
N HAR S . 9.75 -16.59 -33.42
N HAR S . 9.70 -16.68 -33.47
CA HAR S . 9.59 -17.39 -32.22
CA HAR S . 9.53 -17.44 -32.24
C HAR S . 8.16 -17.27 -31.70
C HAR S . 8.12 -17.22 -31.69
O HAR S . 7.58 -17.97 -30.86
O HAR S . 7.58 -17.71 -30.69
CB HAR S . 10.52 -17.06 -31.05
CB HAR S . 10.52 -17.13 -31.11
CG HAR S . 9.99 -15.91 -30.21
CG HAR S . 10.16 -15.88 -30.32
CD HAR S . 11.16 -15.07 -29.71
CD HAR S . 11.15 -15.78 -29.17
NE HAR S . 11.68 -15.53 -28.45
NE HAR S . 10.70 -14.91 -28.10
CZ HAR S . 11.87 -14.65 -27.34
CZ HAR S . 11.46 -13.76 -27.69
NH1 HAR S . 11.46 -13.26 -27.68
NH1 HAR S . 12.68 -13.63 -28.51
NH2 HAR S . 12.34 -15.05 -26.20
NH2 HAR S . 11.08 -12.96 -26.74
OH1 HAR S . 11.55 -12.27 -26.79
OH1 HAR S . 13.56 -12.65 -28.34
OXT HAR S . 7.46 -16.25 -32.26
OXT HAR S . 7.40 -16.36 -32.45
N HAR T . -46.88 -5.05 -8.88
CA HAR T . -46.88 -6.48 -8.74
C HAR T . -45.60 -6.97 -8.05
O HAR T . -45.14 -8.11 -7.96
CB HAR T . -47.11 -7.31 -10.03
CG HAR T . -45.86 -7.45 -10.88
CD HAR T . -45.49 -6.14 -11.59
NE HAR T . -44.17 -6.20 -12.19
CZ HAR T . -43.76 -5.41 -13.32
NH1 HAR T . -44.84 -4.52 -13.82
NH2 HAR T . -42.58 -5.48 -13.84
OH1 HAR T . -44.64 -3.72 -14.86
OXT HAR T . -44.92 -5.97 -7.43
MN MN U . -43.13 -2.57 -15.36
MN MN V . -45.67 -4.39 -16.29
#